data_5G09
#
_entry.id   5G09
#
_cell.length_a   119.317
_cell.length_b   124.593
_cell.length_c   126.972
_cell.angle_alpha   90.00
_cell.angle_beta   90.00
_cell.angle_gamma   90.00
#
_symmetry.space_group_name_H-M   'P 21 21 21'
#
loop_
_entity.id
_entity.type
_entity.pdbx_description
1 polymer TRANSAMINASE
2 non-polymer '[6-methyl-5-oxidanyl-4-[(~{E})-[(1~{R})-1-phenylethyl]iminomethyl]pyridin-3-yl]methyl dihydrogen phosphate'
3 non-polymer 'TRIETHYLENE GLYCOL'
4 non-polymer 'PENTAETHYLENE GLYCOL'
5 non-polymer 'TETRAETHYLENE GLYCOL'
6 non-polymer DI(HYDROXYETHYL)ETHER
7 water water
#
_entity_poly.entity_id   1
_entity_poly.type   'polypeptide(L)'
_entity_poly.pdbx_seq_one_letter_code
;MSLTVQKINWEQVKEWDRKYLMRTFSTQNEYQPVPIESTEGDYLIMPDGTRLLDFFNQLYCVNLGQKNQKVNAAIKEALD
RYGFVWDTYATDYKAKAAKIIIEDILGDEDWPGKVRFVSTGSEAVETALNIARLYTNRPLVVTREHDYHGWTGGAATVTR
LRSYRSGLVGENSESFSAQIPGSSYNSAVLMAPSPNMFQDSDGNLLKDENGELLSVKYTRRMIENYGPEQVAAVITEVSQ
GAGSAMPPYEYIPQIRKMTKELGVLWINDEVLTGFGRTGKWFGYQHYGVQPDIITMGKGLSSSSLPAGAVLVSKEIAAFM
DKHRWESVSTYAGHPVAMAAVCANLEVMMEENFVEQAKDSGEYIRSKLELLQEKHKSIGNFDGYGLLWIVDIVNAKTKTP
YVKLDRNFTHGMNPNQIPTQIIMKKALEKGVLIGGVMPNTMRIGASLNVSRGDIDKAMDALDYALDYLESGEWQALEHHH
HHH
;
_entity_poly.pdbx_strand_id   A,B,C,D
#
loop_
_chem_comp.id
_chem_comp.type
_chem_comp.name
_chem_comp.formula
1PE non-polymer 'PENTAETHYLENE GLYCOL' 'C10 H22 O6'
6DF non-polymer '[6-methyl-5-oxidanyl-4-[(~{E})-[(1~{R})-1-phenylethyl]iminomethyl]pyridin-3-yl]methyl dihydrogen phosphate' 'C16 H19 N2 O5 P'
PEG non-polymer DI(HYDROXYETHYL)ETHER 'C4 H10 O3'
PG4 non-polymer 'TETRAETHYLENE GLYCOL' 'C8 H18 O5'
PGE non-polymer 'TRIETHYLENE GLYCOL' 'C6 H14 O4'
#
# COMPACT_ATOMS: atom_id res chain seq x y z
N LYS A 7 0.09 48.13 -23.18
CA LYS A 7 1.56 47.91 -23.03
C LYS A 7 1.88 47.29 -21.67
N ILE A 8 2.79 46.32 -21.67
CA ILE A 8 3.08 45.53 -20.49
C ILE A 8 4.31 46.05 -19.75
N ASN A 9 4.19 46.09 -18.42
CA ASN A 9 5.32 46.42 -17.58
C ASN A 9 6.07 45.13 -17.15
N TRP A 10 7.00 44.68 -18.01
CA TRP A 10 7.73 43.44 -17.79
C TRP A 10 8.61 43.43 -16.52
N GLU A 11 9.07 44.58 -16.05
CA GLU A 11 9.83 44.62 -14.80
C GLU A 11 8.92 44.23 -13.65
N GLN A 12 7.69 44.72 -13.67
CA GLN A 12 6.73 44.35 -12.68
C GLN A 12 6.28 42.87 -12.81
N VAL A 13 6.09 42.40 -14.05
CA VAL A 13 5.79 40.98 -14.30
C VAL A 13 6.85 40.12 -13.63
N LYS A 14 8.12 40.48 -13.83
CA LYS A 14 9.21 39.72 -13.24
C LYS A 14 9.17 39.72 -11.71
N GLU A 15 8.75 40.84 -11.12
CA GLU A 15 8.61 40.96 -9.66
C GLU A 15 7.46 40.07 -9.15
N TRP A 16 6.34 40.05 -9.86
CA TRP A 16 5.19 39.22 -9.46
C TRP A 16 5.49 37.72 -9.59
N ASP A 17 6.25 37.38 -10.64
CA ASP A 17 6.61 36.01 -10.93
C ASP A 17 7.52 35.45 -9.82
N ARG A 18 8.52 36.24 -9.42
CA ARG A 18 9.43 35.91 -8.31
C ARG A 18 8.68 35.75 -6.98
N LYS A 19 7.78 36.69 -6.71
CA LYS A 19 7.12 36.76 -5.40
C LYS A 19 5.97 35.76 -5.18
N TYR A 20 5.16 35.54 -6.21
CA TYR A 20 3.84 34.94 -6.02
C TYR A 20 3.68 33.56 -6.66
N LEU A 21 4.69 33.11 -7.42
CA LEU A 21 4.59 31.80 -8.07
C LEU A 21 5.55 30.82 -7.45
N MET A 22 5.08 29.58 -7.24
CA MET A 22 5.92 28.50 -6.77
C MET A 22 7.00 28.13 -7.77
N ARG A 23 8.21 27.94 -7.25
CA ARG A 23 9.35 27.54 -8.07
C ARG A 23 9.32 26.05 -8.37
N THR A 24 9.79 25.68 -9.55
CA THR A 24 10.11 24.30 -9.85
C THR A 24 11.51 24.23 -10.43
N PHE A 25 12.25 23.18 -10.06
CA PHE A 25 13.63 22.92 -10.57
C PHE A 25 14.68 23.92 -10.09
N SER A 26 14.28 25.14 -9.72
CA SER A 26 15.21 26.15 -9.18
C SER A 26 14.82 26.53 -7.77
N THR A 27 15.81 26.79 -6.90
CA THR A 27 15.50 27.48 -5.64
C THR A 27 15.12 28.92 -5.90
N GLN A 28 14.38 29.52 -4.96
CA GLN A 28 14.08 30.95 -5.06
C GLN A 28 15.40 31.74 -5.13
N ASN A 29 16.38 31.33 -4.33
CA ASN A 29 17.69 31.97 -4.27
C ASN A 29 18.37 32.10 -5.66
N GLU A 30 18.37 31.04 -6.46
CA GLU A 30 19.13 31.01 -7.70
C GLU A 30 18.28 31.38 -8.93
N TYR A 31 16.98 31.52 -8.69
CA TYR A 31 15.99 31.70 -9.76
C TYR A 31 16.18 33.00 -10.58
N GLN A 32 16.13 32.88 -11.91
CA GLN A 32 16.09 34.06 -12.78
C GLN A 32 14.92 33.87 -13.72
N PRO A 33 13.91 34.74 -13.62
CA PRO A 33 12.75 34.61 -14.53
C PRO A 33 13.16 34.80 -16.00
N VAL A 34 12.56 34.06 -16.92
CA VAL A 34 12.84 34.19 -18.36
C VAL A 34 11.53 34.56 -19.04
N PRO A 35 11.30 35.88 -19.22
CA PRO A 35 10.03 36.25 -19.81
C PRO A 35 9.96 36.03 -21.33
N ILE A 36 8.84 35.49 -21.78
CA ILE A 36 8.56 35.28 -23.19
C ILE A 36 7.28 36.05 -23.51
N GLU A 37 7.40 37.06 -24.37
CA GLU A 37 6.29 37.96 -24.67
C GLU A 37 5.33 37.36 -25.71
N SER A 38 5.89 36.65 -26.69
CA SER A 38 5.11 36.00 -27.74
C SER A 38 5.92 34.90 -28.39
N THR A 39 5.27 34.07 -29.23
CA THR A 39 5.93 32.99 -29.94
C THR A 39 5.45 32.94 -31.40
N GLU A 40 6.23 32.28 -32.27
CA GLU A 40 5.78 31.99 -33.63
C GLU A 40 6.68 31.00 -34.35
N GLY A 41 6.04 29.99 -34.95
CA GLY A 41 6.78 28.95 -35.64
C GLY A 41 7.68 28.24 -34.65
N ASP A 42 8.99 28.32 -34.88
CA ASP A 42 9.94 27.73 -33.93
C ASP A 42 10.65 28.70 -33.00
N TYR A 43 10.14 29.92 -32.87
CA TYR A 43 10.77 30.98 -32.11
C TYR A 43 9.96 31.42 -30.93
N LEU A 44 10.68 31.78 -29.87
CA LEU A 44 10.11 32.46 -28.73
C LEU A 44 10.69 33.88 -28.75
N ILE A 45 9.87 34.86 -28.41
CA ILE A 45 10.26 36.26 -28.55
C ILE A 45 10.23 36.91 -27.17
N MET A 46 11.37 37.38 -26.70
CA MET A 46 11.43 38.01 -25.39
C MET A 46 10.88 39.43 -25.47
N PRO A 47 10.58 40.04 -24.30
CA PRO A 47 10.02 41.38 -24.33
C PRO A 47 10.88 42.39 -25.09
N ASP A 48 12.19 42.23 -25.05
CA ASP A 48 13.07 43.15 -25.78
C ASP A 48 13.26 42.84 -27.26
N GLY A 49 12.56 41.81 -27.77
CA GLY A 49 12.66 41.46 -29.17
C GLY A 49 13.61 40.33 -29.49
N THR A 50 14.49 39.97 -28.55
CA THR A 50 15.34 38.78 -28.72
C THR A 50 14.54 37.57 -29.20
N ARG A 51 14.99 36.97 -30.29
CA ARG A 51 14.35 35.75 -30.80
C ARG A 51 15.19 34.53 -30.46
N LEU A 52 14.54 33.50 -29.94
CA LEU A 52 15.22 32.27 -29.55
C LEU A 52 14.69 31.10 -30.37
N LEU A 53 15.56 30.41 -31.10
CA LEU A 53 15.15 29.22 -31.85
C LEU A 53 15.06 28.04 -30.87
N ASP A 54 13.88 27.43 -30.79
CA ASP A 54 13.56 26.51 -29.67
C ASP A 54 13.63 25.06 -30.10
N PHE A 55 14.82 24.45 -29.93
CA PHE A 55 14.97 23.06 -30.30
C PHE A 55 14.74 22.09 -29.14
N PHE A 56 13.88 22.54 -28.20
CA PHE A 56 13.15 21.64 -27.29
C PHE A 56 11.66 21.56 -27.71
N ASN A 57 11.21 22.49 -28.57
CA ASN A 57 9.78 22.59 -28.91
C ASN A 57 8.96 22.59 -27.62
N GLN A 58 9.44 23.40 -26.66
CA GLN A 58 8.93 23.53 -25.31
C GLN A 58 9.17 22.22 -24.56
N LEU A 59 8.21 21.31 -24.66
CA LEU A 59 8.33 19.98 -24.07
C LEU A 59 7.97 18.94 -25.12
N TYR A 60 8.53 19.14 -26.33
CA TYR A 60 8.34 18.20 -27.44
C TYR A 60 6.86 18.14 -27.74
N CYS A 61 6.21 19.30 -27.69
CA CYS A 61 4.75 19.31 -27.63
C CYS A 61 4.04 20.38 -28.48
N VAL A 62 4.78 21.15 -29.29
CA VAL A 62 4.14 22.20 -30.10
C VAL A 62 4.32 21.74 -31.55
N ASN A 63 3.79 20.55 -31.84
CA ASN A 63 4.03 19.83 -33.09
C ASN A 63 3.74 20.66 -34.35
N LEU A 64 2.60 21.34 -34.35
CA LEU A 64 2.19 22.14 -35.51
C LEU A 64 3.01 23.42 -35.73
N GLY A 65 3.83 23.79 -34.74
CA GLY A 65 4.47 25.09 -34.77
C GLY A 65 3.79 26.04 -33.80
N GLN A 66 4.51 27.07 -33.35
CA GLN A 66 3.93 27.98 -32.35
C GLN A 66 2.89 28.88 -33.01
N LYS A 67 1.73 29.04 -32.37
CA LYS A 67 0.74 30.06 -32.77
C LYS A 67 0.35 29.93 -34.23
N ASN A 68 -0.06 28.72 -34.58
CA ASN A 68 -0.58 28.48 -35.90
C ASN A 68 -1.85 29.31 -36.09
N GLN A 69 -1.91 30.06 -37.19
CA GLN A 69 -3.04 30.99 -37.43
C GLN A 69 -4.36 30.32 -37.72
N LYS A 70 -4.31 29.15 -38.36
CA LYS A 70 -5.53 28.42 -38.66
C LYS A 70 -6.12 27.80 -37.39
N VAL A 71 -5.25 27.27 -36.52
CA VAL A 71 -5.70 26.82 -35.21
C VAL A 71 -6.28 27.97 -34.36
N ASN A 72 -5.55 29.06 -34.25
CA ASN A 72 -6.03 30.20 -33.50
C ASN A 72 -7.35 30.75 -34.02
N ALA A 73 -7.54 30.77 -35.33
CA ALA A 73 -8.81 31.18 -35.95
C ALA A 73 -9.97 30.26 -35.60
N ALA A 74 -9.70 28.96 -35.61
CA ALA A 74 -10.67 27.98 -35.18
C ALA A 74 -11.07 28.14 -33.69
N ILE A 75 -10.11 28.45 -32.82
CA ILE A 75 -10.41 28.74 -31.39
C ILE A 75 -11.30 29.97 -31.27
N LYS A 76 -10.95 31.05 -31.96
CA LYS A 76 -11.82 32.24 -31.99
C LYS A 76 -13.26 31.92 -32.48
N GLU A 77 -13.40 31.07 -33.49
CA GLU A 77 -14.73 30.70 -33.93
C GLU A 77 -15.49 29.95 -32.88
N ALA A 78 -14.80 29.03 -32.18
CA ALA A 78 -15.43 28.28 -31.10
C ALA A 78 -15.94 29.22 -30.02
N LEU A 79 -15.17 30.27 -29.76
CA LEU A 79 -15.49 31.26 -28.74
C LEU A 79 -16.67 32.16 -29.10
N ASP A 80 -17.13 32.06 -30.35
CA ASP A 80 -18.37 32.74 -30.74
C ASP A 80 -19.57 31.88 -30.36
N ARG A 81 -19.34 30.64 -29.95
CA ARG A 81 -20.43 29.72 -29.63
C ARG A 81 -20.38 29.33 -28.15
N TYR A 82 -19.17 29.18 -27.61
CA TYR A 82 -19.03 28.63 -26.26
C TYR A 82 -18.18 29.57 -25.44
N GLY A 83 -18.29 29.55 -24.11
CA GLY A 83 -19.17 28.67 -23.38
C GLY A 83 -18.44 27.47 -22.81
N PHE A 84 -19.19 26.68 -22.06
CA PHE A 84 -18.69 25.41 -21.52
C PHE A 84 -19.86 24.45 -21.30
N VAL A 85 -19.66 23.19 -21.71
CA VAL A 85 -20.54 22.07 -21.33
C VAL A 85 -19.63 20.90 -20.95
N TRP A 86 -20.07 20.12 -19.97
CA TRP A 86 -19.29 18.94 -19.54
C TRP A 86 -19.63 17.71 -20.38
N ASP A 87 -18.97 16.60 -20.07
CA ASP A 87 -18.92 15.41 -20.94
C ASP A 87 -20.27 14.72 -21.16
N THR A 88 -21.21 14.99 -20.28
CA THR A 88 -22.57 14.49 -20.43
C THR A 88 -23.32 15.08 -21.64
N TYR A 89 -22.90 16.24 -22.13
CA TYR A 89 -23.51 16.90 -23.29
C TYR A 89 -22.64 16.69 -24.54
N ALA A 90 -23.28 16.55 -25.70
CA ALA A 90 -22.55 16.30 -26.94
C ALA A 90 -22.28 17.60 -27.72
N THR A 91 -21.12 17.68 -28.37
CA THR A 91 -20.83 18.83 -29.23
C THR A 91 -20.24 18.31 -30.52
N ASP A 92 -20.29 19.14 -31.55
CA ASP A 92 -19.69 18.79 -32.81
C ASP A 92 -18.16 18.68 -32.69
N TYR A 93 -17.52 19.62 -31.98
CA TYR A 93 -16.05 19.58 -31.83
C TYR A 93 -15.55 18.29 -31.15
N LYS A 94 -16.21 17.88 -30.09
CA LYS A 94 -15.77 16.71 -29.35
C LYS A 94 -15.97 15.45 -30.19
N ALA A 95 -17.15 15.31 -30.80
CA ALA A 95 -17.45 14.16 -31.65
C ALA A 95 -16.52 14.04 -32.87
N LYS A 96 -16.28 15.18 -33.51
CA LYS A 96 -15.40 15.23 -34.68
C LYS A 96 -13.95 14.92 -34.32
N ALA A 97 -13.47 15.42 -33.17
CA ALA A 97 -12.10 15.09 -32.75
C ALA A 97 -11.95 13.57 -32.65
N ALA A 98 -12.92 12.93 -32.01
CA ALA A 98 -12.87 11.48 -31.88
C ALA A 98 -12.91 10.76 -33.24
N LYS A 99 -13.82 11.16 -34.11
CA LYS A 99 -13.91 10.60 -35.48
C LYS A 99 -12.61 10.83 -36.29
N ILE A 100 -11.98 12.01 -36.13
CA ILE A 100 -10.70 12.30 -36.83
C ILE A 100 -9.63 11.26 -36.44
N ILE A 101 -9.51 11.00 -35.15
CA ILE A 101 -8.52 10.05 -34.66
C ILE A 101 -8.81 8.64 -35.18
N ILE A 102 -10.05 8.19 -35.02
CA ILE A 102 -10.37 6.79 -35.28
C ILE A 102 -10.58 6.47 -36.79
N GLU A 103 -11.33 7.33 -37.49
CA GLU A 103 -11.63 7.08 -38.93
C GLU A 103 -10.56 7.64 -39.83
N ASP A 104 -10.06 8.83 -39.55
CA ASP A 104 -9.19 9.47 -40.50
C ASP A 104 -7.71 9.10 -40.25
N ILE A 105 -7.19 9.36 -39.07
CA ILE A 105 -5.77 9.05 -38.83
C ILE A 105 -5.57 7.53 -38.77
N LEU A 106 -6.46 6.84 -38.07
CA LEU A 106 -6.29 5.40 -37.83
C LEU A 106 -7.24 4.51 -38.65
N GLY A 107 -7.76 5.05 -39.74
CA GLY A 107 -8.76 4.35 -40.58
C GLY A 107 -8.22 3.04 -41.19
N ASP A 108 -6.92 2.95 -41.35
CA ASP A 108 -6.31 1.71 -41.87
C ASP A 108 -6.14 0.62 -40.80
N GLU A 109 -6.49 0.89 -39.53
CA GLU A 109 -6.24 -0.10 -38.46
C GLU A 109 -7.55 -0.53 -37.83
N ASP A 110 -7.56 -1.76 -37.36
CA ASP A 110 -8.72 -2.44 -36.87
C ASP A 110 -8.89 -2.33 -35.34
N TRP A 111 -7.82 -2.05 -34.61
CA TRP A 111 -7.91 -2.10 -33.14
C TRP A 111 -8.74 -0.94 -32.48
N PRO A 112 -8.71 0.29 -33.05
CA PRO A 112 -9.35 1.40 -32.32
C PRO A 112 -10.84 1.26 -32.06
N GLY A 113 -11.24 1.46 -30.81
CA GLY A 113 -12.64 1.47 -30.42
C GLY A 113 -13.23 2.83 -30.10
N LYS A 114 -12.86 3.39 -28.94
CA LYS A 114 -13.45 4.62 -28.43
C LYS A 114 -12.42 5.49 -27.72
N VAL A 115 -12.67 6.81 -27.74
CA VAL A 115 -11.84 7.83 -27.08
C VAL A 115 -12.56 8.39 -25.86
N ARG A 116 -11.80 8.68 -24.79
CA ARG A 116 -12.24 9.62 -23.75
C ARG A 116 -11.25 10.79 -23.73
N PHE A 117 -11.76 12.01 -23.89
CA PHE A 117 -10.93 13.21 -23.78
C PHE A 117 -10.82 13.71 -22.33
N VAL A 118 -9.62 14.14 -21.93
CA VAL A 118 -9.36 14.79 -20.63
C VAL A 118 -8.51 16.03 -20.91
N SER A 119 -7.88 16.63 -19.89
CA SER A 119 -7.21 17.88 -20.14
C SER A 119 -5.70 17.81 -20.28
N THR A 120 -5.10 16.71 -19.83
CA THR A 120 -3.65 16.62 -19.74
C THR A 120 -3.16 15.22 -20.02
N GLY A 121 -1.87 15.09 -20.26
CA GLY A 121 -1.29 13.76 -20.52
C GLY A 121 -1.35 12.87 -19.28
N SER A 122 -1.07 13.45 -18.10
CA SER A 122 -1.14 12.68 -16.83
C SER A 122 -2.57 12.17 -16.61
N GLU A 123 -3.56 13.03 -16.87
CA GLU A 123 -4.98 12.59 -16.78
C GLU A 123 -5.26 11.46 -17.77
N ALA A 124 -4.66 11.53 -18.95
CA ALA A 124 -4.85 10.47 -19.93
C ALA A 124 -4.29 9.16 -19.41
N VAL A 125 -3.09 9.22 -18.84
CA VAL A 125 -2.47 8.02 -18.26
C VAL A 125 -3.30 7.48 -17.07
N GLU A 126 -3.78 8.37 -16.20
CA GLU A 126 -4.65 7.96 -15.09
C GLU A 126 -5.86 7.18 -15.60
N THR A 127 -6.54 7.74 -16.61
CA THR A 127 -7.70 7.09 -17.24
C THR A 127 -7.36 5.70 -17.80
N ALA A 128 -6.25 5.59 -18.53
CA ALA A 128 -5.86 4.32 -19.11
C ALA A 128 -5.59 3.27 -18.02
N LEU A 129 -4.88 3.68 -16.95
CA LEU A 129 -4.61 2.78 -15.83
C LEU A 129 -5.91 2.25 -15.24
N ASN A 130 -6.88 3.14 -15.01
CA ASN A 130 -8.18 2.75 -14.45
C ASN A 130 -8.90 1.79 -15.38
N ILE A 131 -8.89 2.10 -16.68
CA ILE A 131 -9.62 1.25 -17.65
C ILE A 131 -8.96 -0.14 -17.77
N ALA A 132 -7.62 -0.18 -17.87
CA ALA A 132 -6.92 -1.46 -18.00
C ALA A 132 -7.26 -2.37 -16.81
N ARG A 133 -7.25 -1.79 -15.62
CA ARG A 133 -7.51 -2.52 -14.36
C ARG A 133 -8.97 -2.98 -14.22
N LEU A 134 -9.91 -2.10 -14.54
CA LEU A 134 -11.32 -2.46 -14.59
C LEU A 134 -11.64 -3.56 -15.66
N TYR A 135 -11.00 -3.47 -16.84
CA TYR A 135 -11.32 -4.37 -17.94
C TYR A 135 -10.84 -5.79 -17.57
N THR A 136 -9.60 -5.89 -17.08
CA THR A 136 -9.01 -7.17 -16.71
C THR A 136 -9.45 -7.61 -15.28
N ASN A 137 -9.98 -6.69 -14.48
CA ASN A 137 -10.22 -6.93 -13.05
C ASN A 137 -8.93 -7.37 -12.30
N ARG A 138 -7.80 -6.72 -12.61
CA ARG A 138 -6.51 -7.10 -12.03
C ARG A 138 -5.81 -5.85 -11.55
N PRO A 139 -4.98 -5.98 -10.49
CA PRO A 139 -4.36 -4.75 -9.93
C PRO A 139 -3.00 -4.29 -10.50
N LEU A 140 -2.11 -5.20 -10.88
CA LEU A 140 -0.73 -4.78 -11.15
C LEU A 140 -0.54 -4.27 -12.56
N VAL A 141 0.32 -3.26 -12.68
CA VAL A 141 0.75 -2.72 -13.96
C VAL A 141 2.30 -2.72 -13.96
N VAL A 142 2.87 -3.28 -15.01
CA VAL A 142 4.33 -3.30 -15.19
C VAL A 142 4.77 -2.08 -15.98
N THR A 143 5.70 -1.29 -15.42
CA THR A 143 6.34 -0.19 -16.11
C THR A 143 7.84 -0.54 -16.33
N ARG A 144 8.64 0.40 -16.83
CA ARG A 144 10.10 0.18 -16.97
C ARG A 144 10.92 1.28 -16.27
N GLU A 145 12.10 0.88 -15.83
CA GLU A 145 13.11 1.81 -15.35
C GLU A 145 13.28 2.96 -16.36
N HIS A 146 13.26 4.20 -15.86
CA HIS A 146 13.43 5.44 -16.62
C HIS A 146 12.19 5.95 -17.37
N ASP A 147 11.09 5.20 -17.34
CA ASP A 147 9.84 5.64 -17.95
C ASP A 147 9.32 6.88 -17.25
N TYR A 148 8.71 7.77 -18.05
CA TYR A 148 7.98 8.94 -17.54
C TYR A 148 6.55 8.87 -18.09
N HIS A 149 5.56 8.77 -17.21
CA HIS A 149 4.18 8.74 -17.66
C HIS A 149 3.29 9.83 -17.01
N GLY A 150 3.90 10.84 -16.39
CA GLY A 150 3.14 11.92 -15.76
C GLY A 150 3.44 12.05 -14.27
N TRP A 151 2.74 12.97 -13.61
CA TRP A 151 3.14 13.43 -12.28
C TRP A 151 2.05 13.25 -11.25
N THR A 152 0.80 13.16 -11.68
CA THR A 152 -0.31 12.98 -10.73
C THR A 152 -0.20 11.59 -10.05
N GLY A 153 -0.93 11.40 -8.95
CA GLY A 153 -0.80 10.21 -8.09
C GLY A 153 -0.73 8.85 -8.77
N GLY A 154 -1.70 8.49 -9.62
CA GLY A 154 -1.64 7.22 -10.31
C GLY A 154 -0.58 7.16 -11.40
N ALA A 155 -0.55 8.19 -12.26
CA ALA A 155 0.45 8.30 -13.31
C ALA A 155 1.89 8.26 -12.77
N ALA A 156 2.14 8.91 -11.63
CA ALA A 156 3.48 8.86 -11.00
C ALA A 156 3.92 7.45 -10.57
N THR A 157 2.95 6.60 -10.19
CA THR A 157 3.36 5.26 -9.75
C THR A 157 4.09 4.52 -10.90
N VAL A 158 3.75 4.80 -12.16
CA VAL A 158 4.42 4.11 -13.28
C VAL A 158 5.57 4.97 -13.85
N THR A 159 5.82 6.12 -13.24
CA THR A 159 6.99 6.94 -13.61
C THR A 159 8.16 6.49 -12.74
N ARG A 160 9.18 5.92 -13.39
CA ARG A 160 10.37 5.47 -12.67
C ARG A 160 11.58 6.26 -13.20
N LEU A 161 11.39 7.57 -13.30
CA LEU A 161 12.47 8.48 -13.65
C LEU A 161 12.75 9.27 -12.38
N ARG A 162 13.87 8.96 -11.74
CA ARG A 162 14.17 9.45 -10.39
C ARG A 162 14.10 10.94 -10.25
N SER A 163 14.64 11.67 -11.23
CA SER A 163 14.73 13.10 -11.14
C SER A 163 13.43 13.85 -11.45
N TYR A 164 12.34 13.12 -11.68
CA TYR A 164 11.07 13.73 -12.09
C TYR A 164 9.84 13.22 -11.33
N ARG A 165 10.03 12.93 -10.06
CA ARG A 165 8.95 12.35 -9.28
C ARG A 165 8.38 13.33 -8.23
N SER A 166 8.52 14.64 -8.51
CA SER A 166 7.90 15.71 -7.68
C SER A 166 8.43 15.82 -6.26
N GLY A 167 9.62 15.27 -6.05
CA GLY A 167 10.27 15.39 -4.75
C GLY A 167 11.16 16.61 -4.66
N LEU A 168 11.83 16.76 -3.51
CA LEU A 168 12.73 17.90 -3.31
C LEU A 168 14.18 17.47 -3.35
N VAL A 169 15.00 18.28 -4.00
CA VAL A 169 16.43 18.12 -3.90
C VAL A 169 17.12 19.47 -3.51
N GLY A 170 18.40 19.38 -3.14
CA GLY A 170 19.15 20.56 -2.68
C GLY A 170 19.74 21.43 -3.77
N GLU A 171 20.24 22.59 -3.37
CA GLU A 171 20.91 23.52 -4.30
C GLU A 171 22.40 23.16 -4.40
N ASN A 172 22.76 22.46 -5.47
CA ASN A 172 24.15 22.05 -5.73
C ASN A 172 24.71 21.18 -4.66
N SER A 173 23.87 20.29 -4.16
CA SER A 173 24.21 19.53 -2.97
C SER A 173 23.42 18.25 -2.86
N GLU A 174 23.91 17.38 -1.97
CA GLU A 174 23.29 16.09 -1.63
C GLU A 174 22.73 16.08 -0.21
N SER A 175 23.10 17.09 0.58
CA SER A 175 22.72 17.18 2.02
C SER A 175 21.22 17.33 2.31
N PHE A 176 20.45 17.83 1.34
CA PHE A 176 19.00 17.69 1.41
C PHE A 176 18.51 16.81 0.28
N SER A 177 17.35 16.18 0.50
CA SER A 177 16.68 15.32 -0.45
C SER A 177 15.44 14.73 0.22
N ALA A 178 14.30 14.78 -0.45
CA ALA A 178 13.08 14.27 0.17
C ALA A 178 12.12 13.80 -0.90
N GLN A 179 11.66 12.56 -0.77
CA GLN A 179 10.60 12.07 -1.65
C GLN A 179 9.28 12.35 -0.98
N ILE A 180 8.18 12.35 -1.73
CA ILE A 180 6.86 12.62 -1.12
C ILE A 180 6.45 11.45 -0.20
N PRO A 181 6.33 11.71 1.13
CA PRO A 181 6.00 10.64 2.08
C PRO A 181 4.66 10.05 1.73
N GLY A 182 4.56 8.73 1.78
CA GLY A 182 3.31 8.07 1.42
C GLY A 182 3.12 7.87 -0.08
N SER A 183 3.98 8.46 -0.91
CA SER A 183 3.93 8.36 -2.38
C SER A 183 5.32 8.28 -3.02
N SER A 184 6.21 7.40 -2.53
CA SER A 184 7.61 7.28 -3.04
C SER A 184 7.92 5.93 -3.66
N TYR A 185 6.94 5.02 -3.53
CA TYR A 185 7.04 3.68 -4.09
C TYR A 185 5.57 3.27 -4.11
N ASN A 186 5.22 2.33 -4.97
CA ASN A 186 3.88 1.73 -5.00
C ASN A 186 3.92 0.24 -5.32
N SER A 187 3.25 -0.51 -4.44
CA SER A 187 3.16 -1.96 -4.56
C SER A 187 2.24 -2.42 -5.71
N ALA A 188 1.41 -1.53 -6.27
CA ALA A 188 0.57 -1.92 -7.46
C ALA A 188 1.26 -1.79 -8.80
N VAL A 189 2.55 -1.45 -8.77
CA VAL A 189 3.37 -1.33 -9.97
C VAL A 189 4.61 -2.19 -9.78
N LEU A 190 5.13 -2.75 -10.87
CA LEU A 190 6.36 -3.49 -10.83
C LEU A 190 7.22 -2.78 -11.86
N MET A 191 8.46 -2.46 -11.52
CA MET A 191 9.39 -1.85 -12.44
C MET A 191 10.20 -2.95 -13.13
N ALA A 192 9.98 -3.11 -14.44
CA ALA A 192 10.78 -4.02 -15.24
C ALA A 192 12.02 -3.27 -15.77
N PRO A 193 13.03 -4.01 -16.25
CA PRO A 193 14.27 -3.32 -16.64
C PRO A 193 14.09 -2.47 -17.90
N SER A 194 14.96 -1.50 -18.08
CA SER A 194 14.91 -0.73 -19.32
C SER A 194 15.27 -1.61 -20.52
N PRO A 195 14.71 -1.31 -21.70
CA PRO A 195 14.95 -2.12 -22.89
C PRO A 195 16.44 -2.33 -23.21
N ASN A 196 17.31 -1.40 -22.80
CA ASN A 196 18.72 -1.64 -23.09
C ASN A 196 19.47 -2.31 -21.93
N MET A 197 18.68 -3.03 -21.13
CA MET A 197 19.05 -3.70 -19.86
C MET A 197 20.54 -3.96 -19.79
N PHE A 198 20.98 -5.06 -20.41
CA PHE A 198 22.39 -5.33 -20.57
C PHE A 198 22.65 -5.86 -21.98
N GLN A 199 23.82 -5.49 -22.46
CA GLN A 199 24.39 -6.03 -23.67
C GLN A 199 25.66 -6.71 -23.17
N ASP A 200 26.45 -7.27 -24.09
CA ASP A 200 27.79 -7.75 -23.73
C ASP A 200 28.82 -6.65 -24.01
N SER A 201 30.10 -6.89 -23.67
CA SER A 201 31.11 -5.83 -23.80
C SER A 201 31.16 -5.26 -25.20
N ASP A 202 30.83 -6.08 -26.20
CA ASP A 202 30.83 -5.64 -27.59
C ASP A 202 29.55 -4.90 -28.02
N GLY A 203 28.56 -4.85 -27.12
CA GLY A 203 27.27 -4.24 -27.44
C GLY A 203 26.30 -5.15 -28.18
N ASN A 204 26.54 -6.45 -28.17
CA ASN A 204 25.58 -7.41 -28.71
C ASN A 204 24.38 -7.54 -27.78
N LEU A 205 23.20 -7.72 -28.36
CA LEU A 205 22.00 -7.92 -27.59
C LEU A 205 21.96 -9.35 -27.07
N LEU A 206 21.49 -9.54 -25.84
CA LEU A 206 21.44 -10.89 -25.28
C LEU A 206 20.05 -11.48 -25.56
N LYS A 207 20.01 -12.52 -26.39
CA LYS A 207 18.77 -13.23 -26.73
C LYS A 207 18.87 -14.65 -26.19
N ASP A 208 17.77 -15.20 -25.69
CA ASP A 208 17.77 -16.58 -25.28
C ASP A 208 17.58 -17.52 -26.49
N GLU A 209 17.37 -18.81 -26.19
CA GLU A 209 17.25 -19.85 -27.23
C GLU A 209 15.98 -19.71 -28.04
N ASN A 210 15.00 -18.99 -27.50
CA ASN A 210 13.79 -18.64 -28.24
C ASN A 210 13.89 -17.32 -28.98
N GLY A 211 15.08 -16.68 -28.93
CA GLY A 211 15.31 -15.35 -29.56
C GLY A 211 14.71 -14.13 -28.83
N GLU A 212 14.37 -14.30 -27.55
CA GLU A 212 13.74 -13.24 -26.81
C GLU A 212 14.81 -12.43 -26.10
N LEU A 213 14.77 -11.11 -26.29
CA LEU A 213 15.72 -10.20 -25.65
C LEU A 213 15.64 -10.38 -24.14
N LEU A 214 16.77 -10.26 -23.48
CA LEU A 214 16.85 -10.42 -22.03
C LEU A 214 15.88 -9.49 -21.27
N SER A 215 15.72 -8.26 -21.73
CA SER A 215 14.80 -7.31 -21.06
C SER A 215 13.36 -7.84 -21.09
N VAL A 216 12.95 -8.34 -22.26
CA VAL A 216 11.63 -8.93 -22.44
C VAL A 216 11.45 -10.23 -21.65
N LYS A 217 12.45 -11.10 -21.72
CA LYS A 217 12.40 -12.35 -20.96
C LYS A 217 12.30 -12.11 -19.45
N TYR A 218 13.07 -11.14 -18.96
CA TYR A 218 13.00 -10.77 -17.56
C TYR A 218 11.62 -10.19 -17.14
N THR A 219 11.07 -9.35 -18.02
CA THR A 219 9.75 -8.79 -17.84
C THR A 219 8.74 -9.94 -17.77
N ARG A 220 8.82 -10.86 -18.74
CA ARG A 220 8.02 -12.09 -18.71
C ARG A 220 8.11 -12.82 -17.35
N ARG A 221 9.33 -13.03 -16.84
CA ARG A 221 9.51 -13.75 -15.57
C ARG A 221 8.89 -13.05 -14.37
N MET A 222 8.92 -11.72 -14.39
CA MET A 222 8.30 -10.94 -13.34
C MET A 222 6.81 -11.18 -13.34
N ILE A 223 6.20 -11.12 -14.54
CA ILE A 223 4.78 -11.39 -14.66
C ILE A 223 4.41 -12.82 -14.18
N GLU A 224 5.23 -13.81 -14.56
CA GLU A 224 4.99 -15.20 -14.10
C GLU A 224 5.07 -15.26 -12.61
N ASN A 225 6.09 -14.59 -12.05
CA ASN A 225 6.33 -14.64 -10.61
C ASN A 225 5.17 -14.07 -9.79
N TYR A 226 4.68 -12.91 -10.22
CA TYR A 226 3.59 -12.26 -9.51
C TYR A 226 2.24 -12.88 -9.87
N GLY A 227 2.22 -13.70 -10.93
CA GLY A 227 0.98 -14.31 -11.40
C GLY A 227 0.37 -13.49 -12.53
N PRO A 228 0.35 -14.01 -13.77
CA PRO A 228 -0.28 -13.34 -14.92
C PRO A 228 -1.75 -12.97 -14.64
N GLU A 229 -2.42 -13.79 -13.83
CA GLU A 229 -3.78 -13.52 -13.41
C GLU A 229 -3.94 -12.23 -12.55
N GLN A 230 -2.83 -11.63 -12.08
CA GLN A 230 -2.83 -10.42 -11.24
C GLN A 230 -2.36 -9.19 -12.01
N VAL A 231 -1.86 -9.41 -13.22
CA VAL A 231 -1.23 -8.33 -13.99
C VAL A 231 -2.17 -7.82 -15.09
N ALA A 232 -2.58 -6.56 -14.95
CA ALA A 232 -3.50 -5.92 -15.91
C ALA A 232 -2.83 -5.53 -17.22
N ALA A 233 -1.62 -4.99 -17.14
CA ALA A 233 -1.01 -4.33 -18.31
C ALA A 233 0.45 -4.18 -18.14
N VAL A 234 1.13 -4.08 -19.28
CA VAL A 234 2.45 -3.49 -19.38
C VAL A 234 2.27 -2.09 -20.03
N ILE A 235 2.88 -1.07 -19.43
CA ILE A 235 2.86 0.27 -20.02
C ILE A 235 4.23 0.63 -20.54
N THR A 236 4.29 1.15 -21.78
CA THR A 236 5.58 1.52 -22.40
C THR A 236 5.57 2.94 -22.99
N GLU A 237 6.78 3.42 -23.36
CA GLU A 237 7.01 4.51 -24.33
C GLU A 237 7.87 3.83 -25.42
N VAL A 238 7.56 3.99 -26.72
CA VAL A 238 8.39 3.30 -27.75
C VAL A 238 9.77 3.89 -27.78
N SER A 239 9.85 5.17 -27.46
CA SER A 239 11.11 5.84 -27.19
C SER A 239 10.84 6.57 -25.89
N GLN A 240 11.64 6.26 -24.85
CA GLN A 240 11.53 7.01 -23.60
C GLN A 240 11.81 8.48 -23.85
N GLY A 241 10.84 9.33 -23.48
CA GLY A 241 10.88 10.75 -23.83
C GLY A 241 11.80 11.49 -22.86
N ALA A 242 11.30 11.77 -21.65
CA ALA A 242 12.14 12.40 -20.62
C ALA A 242 13.34 11.52 -20.34
N GLY A 243 13.13 10.22 -20.23
CA GLY A 243 14.24 9.26 -19.92
C GLY A 243 15.26 9.15 -21.05
N SER A 244 14.90 9.67 -22.22
CA SER A 244 15.90 9.88 -23.27
C SER A 244 16.58 8.61 -23.79
N ALA A 245 15.81 7.65 -24.30
CA ALA A 245 16.40 6.38 -24.77
C ALA A 245 15.62 5.77 -25.93
N MET A 246 16.32 5.07 -26.81
CA MET A 246 15.68 4.36 -27.93
C MET A 246 15.93 2.88 -27.67
N PRO A 247 14.90 2.03 -27.80
CA PRO A 247 15.09 0.61 -27.54
C PRO A 247 15.59 -0.12 -28.78
N PRO A 248 16.10 -1.34 -28.60
CA PRO A 248 16.38 -2.18 -29.79
C PRO A 248 15.09 -2.34 -30.60
N TYR A 249 15.22 -2.38 -31.93
CA TYR A 249 14.05 -2.47 -32.79
C TYR A 249 13.08 -3.55 -32.34
N GLU A 250 13.61 -4.71 -31.96
CA GLU A 250 12.75 -5.86 -31.70
C GLU A 250 12.07 -5.83 -30.33
N TYR A 251 12.42 -4.87 -29.48
CA TYR A 251 11.85 -4.83 -28.13
C TYR A 251 10.32 -4.71 -28.15
N ILE A 252 9.81 -3.69 -28.83
CA ILE A 252 8.37 -3.46 -28.89
C ILE A 252 7.57 -4.60 -29.52
N PRO A 253 7.99 -5.13 -30.72
CA PRO A 253 7.27 -6.30 -31.22
C PRO A 253 7.23 -7.42 -30.19
N GLN A 254 8.36 -7.65 -29.48
CA GLN A 254 8.43 -8.78 -28.55
C GLN A 254 7.59 -8.52 -27.30
N ILE A 255 7.43 -7.25 -26.92
CA ILE A 255 6.50 -6.90 -25.83
C ILE A 255 5.04 -7.17 -26.25
N ARG A 256 4.68 -6.76 -27.47
CA ARG A 256 3.33 -7.08 -27.98
C ARG A 256 3.02 -8.59 -27.95
N LYS A 257 4.02 -9.38 -28.35
CA LYS A 257 3.86 -10.84 -28.47
C LYS A 257 3.74 -11.47 -27.06
N MET A 258 4.61 -11.03 -26.16
CA MET A 258 4.65 -11.57 -24.80
C MET A 258 3.38 -11.24 -24.02
N THR A 259 2.90 -10.01 -24.16
CA THR A 259 1.68 -9.64 -23.48
C THR A 259 0.52 -10.45 -24.02
N LYS A 260 0.41 -10.61 -25.35
CA LYS A 260 -0.65 -11.49 -25.93
C LYS A 260 -0.55 -12.91 -25.38
N GLU A 261 0.65 -13.48 -25.38
CA GLU A 261 0.80 -14.85 -24.83
C GLU A 261 0.35 -14.96 -23.39
N LEU A 262 0.68 -13.95 -22.56
CA LEU A 262 0.34 -14.02 -21.12
C LEU A 262 -1.06 -13.53 -20.78
N GLY A 263 -1.81 -13.02 -21.77
CA GLY A 263 -3.17 -12.55 -21.52
C GLY A 263 -3.18 -11.22 -20.81
N VAL A 264 -2.20 -10.37 -21.13
CA VAL A 264 -1.94 -9.09 -20.38
C VAL A 264 -2.16 -7.96 -21.37
N LEU A 265 -2.77 -6.84 -20.97
CA LEU A 265 -2.88 -5.70 -21.90
C LEU A 265 -1.54 -5.01 -22.15
N TRP A 266 -1.41 -4.39 -23.34
CA TRP A 266 -0.29 -3.49 -23.59
C TRP A 266 -0.83 -2.06 -23.80
N ILE A 267 -0.40 -1.14 -22.92
CA ILE A 267 -0.74 0.26 -23.05
C ILE A 267 0.51 0.90 -23.60
N ASN A 268 0.43 1.56 -24.77
CA ASN A 268 1.55 2.37 -25.17
C ASN A 268 1.25 3.84 -24.98
N ASP A 269 2.15 4.52 -24.27
CA ASP A 269 2.00 5.92 -23.94
C ASP A 269 2.51 6.74 -25.10
N GLU A 270 1.59 7.37 -25.85
CA GLU A 270 1.89 8.21 -27.03
C GLU A 270 1.81 9.71 -26.70
N VAL A 271 1.81 10.06 -25.42
CA VAL A 271 1.67 11.47 -25.11
C VAL A 271 2.74 12.30 -25.81
N LEU A 272 3.98 11.81 -25.78
CA LEU A 272 5.07 12.54 -26.39
C LEU A 272 5.34 12.08 -27.86
N THR A 273 5.30 10.77 -28.11
CA THR A 273 5.63 10.26 -29.44
C THR A 273 4.49 10.40 -30.46
N GLY A 274 3.33 10.83 -29.97
CA GLY A 274 2.12 10.89 -30.78
C GLY A 274 2.09 12.04 -31.78
N PHE A 275 1.24 11.91 -32.79
CA PHE A 275 0.92 13.01 -33.75
C PHE A 275 2.10 13.54 -34.54
N GLY A 276 2.79 12.61 -35.20
CA GLY A 276 3.79 12.95 -36.19
C GLY A 276 5.18 13.16 -35.60
N ARG A 277 5.30 13.17 -34.27
CA ARG A 277 6.56 13.46 -33.60
C ARG A 277 7.71 12.57 -34.15
N THR A 278 7.43 11.30 -34.44
CA THR A 278 8.47 10.38 -34.85
C THR A 278 8.49 10.16 -36.38
N GLY A 279 7.77 11.01 -37.12
CA GLY A 279 7.68 10.85 -38.58
C GLY A 279 6.70 9.77 -39.04
N LYS A 280 5.85 9.32 -38.11
CA LYS A 280 4.64 8.52 -38.41
C LYS A 280 3.50 9.12 -37.55
N TRP A 281 2.25 8.73 -37.79
CA TRP A 281 1.20 9.28 -36.94
C TRP A 281 1.47 8.95 -35.44
N PHE A 282 1.86 7.71 -35.16
CA PHE A 282 2.16 7.31 -33.79
C PHE A 282 3.46 6.54 -33.74
N GLY A 283 4.17 6.65 -32.61
CA GLY A 283 5.41 5.95 -32.41
C GLY A 283 5.29 4.45 -32.64
N TYR A 284 4.24 3.83 -32.12
CA TYR A 284 4.09 2.37 -32.20
C TYR A 284 4.07 1.90 -33.64
N GLN A 285 3.75 2.82 -34.57
CA GLN A 285 3.59 2.45 -35.98
C GLN A 285 4.91 2.13 -36.68
N HIS A 286 6.05 2.44 -36.07
CA HIS A 286 7.33 2.01 -36.62
C HIS A 286 7.57 0.54 -36.41
N TYR A 287 6.74 -0.13 -35.61
CA TYR A 287 7.08 -1.48 -35.16
C TYR A 287 6.16 -2.58 -35.64
N GLY A 288 5.16 -2.23 -36.43
CA GLY A 288 4.34 -3.26 -37.09
C GLY A 288 3.37 -3.96 -36.16
N VAL A 289 3.05 -3.34 -35.02
CA VAL A 289 2.19 -3.98 -34.03
C VAL A 289 1.10 -2.97 -33.62
N GLN A 290 0.07 -3.41 -32.88
CA GLN A 290 -1.02 -2.50 -32.43
C GLN A 290 -1.25 -2.71 -30.93
N PRO A 291 -1.42 -1.60 -30.18
CA PRO A 291 -1.58 -1.77 -28.73
C PRO A 291 -3.03 -2.02 -28.39
N ASP A 292 -3.34 -2.20 -27.10
CA ASP A 292 -4.73 -2.30 -26.67
C ASP A 292 -5.27 -0.94 -26.26
N ILE A 293 -4.38 -0.08 -25.77
CA ILE A 293 -4.76 1.26 -25.29
C ILE A 293 -3.62 2.19 -25.62
N ILE A 294 -3.91 3.40 -26.10
CA ILE A 294 -2.91 4.46 -26.10
C ILE A 294 -3.36 5.71 -25.32
N THR A 295 -2.38 6.46 -24.80
CA THR A 295 -2.64 7.72 -24.14
C THR A 295 -2.04 8.84 -24.98
N MET A 296 -2.69 10.00 -24.96
CA MET A 296 -2.31 11.11 -25.81
C MET A 296 -2.35 12.44 -25.07
N GLY A 297 -1.58 13.40 -25.58
CA GLY A 297 -1.50 14.78 -25.07
C GLY A 297 -0.60 15.55 -26.04
N LYS A 298 0.00 16.63 -25.57
CA LYS A 298 1.03 17.36 -26.32
C LYS A 298 0.59 17.64 -27.79
N GLY A 299 1.14 16.87 -28.73
CA GLY A 299 0.79 16.94 -30.14
C GLY A 299 -0.69 16.76 -30.47
N LEU A 300 -1.50 16.25 -29.54
CA LEU A 300 -2.94 16.14 -29.73
C LEU A 300 -3.61 17.51 -30.08
N SER A 301 -3.17 18.59 -29.41
CA SER A 301 -3.58 19.97 -29.73
C SER A 301 -2.38 20.83 -30.11
N SER A 302 -1.19 20.22 -30.19
CA SER A 302 0.10 20.94 -30.27
C SER A 302 0.20 22.02 -29.22
N SER A 303 -0.30 21.69 -28.02
CA SER A 303 -0.33 22.64 -26.90
C SER A 303 -1.08 23.94 -27.12
N SER A 304 -1.92 24.02 -28.13
CA SER A 304 -2.66 25.27 -28.38
C SER A 304 -3.62 25.53 -27.23
N LEU A 305 -4.30 24.50 -26.77
CA LEU A 305 -5.05 24.51 -25.49
C LEU A 305 -4.82 23.19 -24.76
N PRO A 306 -5.09 23.15 -23.44
CA PRO A 306 -4.95 21.87 -22.70
C PRO A 306 -5.92 20.77 -23.18
N ALA A 307 -5.36 19.63 -23.59
CA ALA A 307 -6.15 18.45 -23.94
C ALA A 307 -5.28 17.20 -23.77
N GLY A 308 -5.92 16.09 -23.39
CA GLY A 308 -5.29 14.78 -23.39
C GLY A 308 -6.38 13.83 -23.86
N ALA A 309 -6.02 12.58 -24.11
CA ALA A 309 -6.99 11.58 -24.55
C ALA A 309 -6.48 10.18 -24.31
N VAL A 310 -7.42 9.25 -24.09
CA VAL A 310 -7.11 7.83 -24.11
C VAL A 310 -7.97 7.19 -25.23
N LEU A 311 -7.35 6.28 -25.98
CA LEU A 311 -8.03 5.52 -27.04
C LEU A 311 -7.96 4.03 -26.66
N VAL A 312 -9.12 3.36 -26.58
CA VAL A 312 -9.13 1.97 -26.16
C VAL A 312 -9.62 1.11 -27.33
N SER A 313 -9.19 -0.16 -27.35
CA SER A 313 -9.54 -1.09 -28.43
C SER A 313 -11.04 -1.33 -28.49
N LYS A 314 -11.51 -1.87 -29.62
CA LYS A 314 -12.92 -2.26 -29.74
C LYS A 314 -13.41 -3.16 -28.60
N GLU A 315 -12.65 -4.18 -28.25
CA GLU A 315 -13.11 -5.09 -27.20
C GLU A 315 -13.16 -4.44 -25.80
N ILE A 316 -12.21 -3.55 -25.50
CA ILE A 316 -12.27 -2.81 -24.23
C ILE A 316 -13.46 -1.87 -24.21
N ALA A 317 -13.66 -1.16 -25.34
CA ALA A 317 -14.78 -0.24 -25.48
C ALA A 317 -16.14 -0.96 -25.31
N ALA A 318 -16.25 -2.19 -25.88
CA ALA A 318 -17.50 -2.97 -25.82
C ALA A 318 -17.80 -3.36 -24.36
N PHE A 319 -16.76 -3.75 -23.61
CA PHE A 319 -16.91 -4.02 -22.16
C PHE A 319 -17.36 -2.79 -21.36
N MET A 320 -16.68 -1.67 -21.54
CA MET A 320 -16.99 -0.46 -20.79
C MET A 320 -18.41 0.03 -21.06
N ASP A 321 -18.81 -0.06 -22.33
CA ASP A 321 -20.15 0.26 -22.81
C ASP A 321 -21.27 -0.49 -22.08
N LYS A 322 -20.96 -1.65 -21.51
CA LYS A 322 -21.98 -2.44 -20.79
C LYS A 322 -22.26 -1.98 -19.36
N HIS A 323 -21.49 -1.02 -18.87
CA HIS A 323 -21.61 -0.61 -17.48
C HIS A 323 -21.84 0.89 -17.37
N ARG A 324 -22.25 1.32 -16.19
CA ARG A 324 -22.32 2.73 -15.83
C ARG A 324 -21.00 3.08 -15.15
N TRP A 325 -20.22 3.96 -15.79
CA TRP A 325 -18.91 4.32 -15.28
C TRP A 325 -18.95 5.61 -14.48
N GLU A 326 -18.64 5.52 -13.17
CA GLU A 326 -18.89 6.62 -12.24
C GLU A 326 -17.70 7.57 -12.15
N SER A 327 -17.29 8.11 -13.31
CA SER A 327 -16.08 8.93 -13.38
C SER A 327 -16.43 10.25 -14.03
N VAL A 328 -16.11 11.34 -13.33
CA VAL A 328 -16.31 12.67 -13.88
C VAL A 328 -15.07 13.50 -13.71
N SER A 329 -14.77 14.30 -14.74
CA SER A 329 -13.69 15.24 -14.72
C SER A 329 -14.28 16.50 -15.34
N THR A 330 -14.34 17.59 -14.58
CA THR A 330 -15.08 18.76 -15.01
C THR A 330 -14.74 19.14 -16.46
N TYR A 331 -13.47 19.38 -16.77
CA TYR A 331 -13.08 19.90 -18.08
C TYR A 331 -12.85 18.87 -19.18
N ALA A 332 -13.11 17.60 -18.88
CA ALA A 332 -12.94 16.55 -19.90
C ALA A 332 -13.90 16.80 -21.07
N GLY A 333 -13.38 16.87 -22.28
CA GLY A 333 -14.20 17.20 -23.45
C GLY A 333 -14.49 18.68 -23.72
N HIS A 334 -13.89 19.58 -22.93
CA HIS A 334 -14.12 21.02 -23.06
C HIS A 334 -14.25 21.41 -24.55
N PRO A 335 -15.37 22.04 -24.94
CA PRO A 335 -15.65 22.20 -26.36
C PRO A 335 -14.65 23.11 -27.06
N VAL A 336 -14.12 24.11 -26.37
CA VAL A 336 -13.12 25.00 -26.99
C VAL A 336 -11.79 24.27 -27.17
N ALA A 337 -11.38 23.49 -26.17
CA ALA A 337 -10.18 22.63 -26.32
C ALA A 337 -10.37 21.66 -27.48
N MET A 338 -11.57 21.07 -27.59
CA MET A 338 -11.89 20.15 -28.69
C MET A 338 -11.82 20.83 -30.09
N ALA A 339 -12.27 22.09 -30.15
CA ALA A 339 -12.14 22.86 -31.40
C ALA A 339 -10.68 22.99 -31.82
N ALA A 340 -9.81 23.27 -30.84
CA ALA A 340 -8.38 23.39 -31.08
C ALA A 340 -7.82 22.06 -31.57
N VAL A 341 -8.22 20.95 -30.94
CA VAL A 341 -7.81 19.62 -31.37
C VAL A 341 -8.22 19.37 -32.84
N CYS A 342 -9.49 19.59 -33.17
CA CYS A 342 -9.97 19.41 -34.54
C CYS A 342 -9.11 20.16 -35.55
N ALA A 343 -8.93 21.46 -35.32
CA ALA A 343 -8.16 22.32 -36.22
C ALA A 343 -6.72 21.83 -36.33
N ASN A 344 -6.12 21.53 -35.16
CA ASN A 344 -4.76 20.97 -35.12
C ASN A 344 -4.62 19.73 -36.00
N LEU A 345 -5.50 18.76 -35.81
CA LEU A 345 -5.40 17.54 -36.59
C LEU A 345 -5.74 17.75 -38.09
N GLU A 346 -6.70 18.61 -38.37
CA GLU A 346 -6.99 18.97 -39.77
C GLU A 346 -5.81 19.59 -40.51
N VAL A 347 -5.08 20.48 -39.85
CA VAL A 347 -3.91 21.10 -40.49
C VAL A 347 -2.79 20.08 -40.72
N MET A 348 -2.52 19.26 -39.71
CA MET A 348 -1.60 18.14 -39.85
C MET A 348 -1.90 17.23 -41.03
N MET A 349 -3.18 16.86 -41.16
CA MET A 349 -3.60 16.00 -42.26
C MET A 349 -3.47 16.68 -43.62
N GLU A 350 -4.08 17.84 -43.74
CA GLU A 350 -4.16 18.57 -45.00
C GLU A 350 -2.77 18.97 -45.53
N GLU A 351 -1.85 19.33 -44.62
CA GLU A 351 -0.54 19.83 -45.03
C GLU A 351 0.58 18.78 -44.93
N ASN A 352 0.18 17.54 -44.75
CA ASN A 352 1.10 16.40 -44.58
C ASN A 352 2.28 16.65 -43.63
N PHE A 353 1.95 17.13 -42.42
CA PHE A 353 2.95 17.34 -41.38
C PHE A 353 3.75 16.08 -41.04
N VAL A 354 3.12 14.90 -41.15
CA VAL A 354 3.82 13.65 -40.84
C VAL A 354 4.98 13.35 -41.81
N GLU A 355 4.71 13.52 -43.09
CA GLU A 355 5.77 13.37 -44.09
C GLU A 355 6.81 14.51 -43.97
N GLN A 356 6.39 15.71 -43.59
CA GLN A 356 7.35 16.78 -43.35
C GLN A 356 8.30 16.39 -42.22
N ALA A 357 7.73 15.76 -41.19
CA ALA A 357 8.51 15.31 -40.04
C ALA A 357 9.45 14.20 -40.45
N LYS A 358 8.93 13.22 -41.18
CA LYS A 358 9.80 12.14 -41.65
C LYS A 358 11.02 12.67 -42.45
N ASP A 359 10.76 13.54 -43.43
CA ASP A 359 11.82 14.06 -44.30
C ASP A 359 12.79 14.92 -43.50
N SER A 360 12.28 15.78 -42.63
CA SER A 360 13.19 16.54 -41.75
C SER A 360 14.05 15.66 -40.82
N GLY A 361 13.49 14.54 -40.35
CA GLY A 361 14.28 13.63 -39.55
C GLY A 361 15.46 13.07 -40.32
N GLU A 362 15.21 12.72 -41.58
CA GLU A 362 16.30 12.24 -42.44
C GLU A 362 17.38 13.29 -42.65
N TYR A 363 16.99 14.57 -42.74
CA TYR A 363 17.96 15.65 -42.83
C TYR A 363 18.76 15.77 -41.53
N ILE A 364 18.05 15.80 -40.41
CA ILE A 364 18.70 15.81 -39.10
C ILE A 364 19.71 14.66 -38.95
N ARG A 365 19.32 13.46 -39.35
CA ARG A 365 20.22 12.32 -39.33
C ARG A 365 21.54 12.64 -40.08
N SER A 366 21.46 13.23 -41.26
CA SER A 366 22.69 13.50 -42.02
C SER A 366 23.54 14.62 -41.35
N LYS A 367 22.87 15.58 -40.72
CA LYS A 367 23.58 16.63 -39.97
C LYS A 367 24.31 16.09 -38.75
N LEU A 368 23.66 15.17 -38.01
CA LEU A 368 24.26 14.58 -36.81
C LEU A 368 25.43 13.67 -37.21
N GLU A 369 25.28 13.00 -38.35
CA GLU A 369 26.34 12.13 -38.90
C GLU A 369 27.63 12.94 -39.08
N LEU A 370 27.50 14.09 -39.74
CA LEU A 370 28.58 15.06 -39.92
C LEU A 370 29.13 15.60 -38.60
N LEU A 371 28.25 15.94 -37.67
CA LEU A 371 28.73 16.36 -36.35
C LEU A 371 29.49 15.25 -35.63
N GLN A 372 29.02 14.02 -35.74
CA GLN A 372 29.70 12.91 -35.06
C GLN A 372 31.10 12.63 -35.66
N GLU A 373 31.26 12.79 -36.97
CA GLU A 373 32.59 12.71 -37.61
C GLU A 373 33.58 13.69 -36.98
N LYS A 374 33.07 14.83 -36.55
CA LYS A 374 33.90 15.95 -36.12
C LYS A 374 33.96 16.07 -34.58
N HIS A 375 33.16 15.28 -33.86
CA HIS A 375 33.04 15.45 -32.42
C HIS A 375 33.04 14.10 -31.69
N LYS A 376 34.19 13.75 -31.12
CA LYS A 376 34.34 12.51 -30.37
C LYS A 376 33.54 12.49 -29.05
N SER A 377 33.01 13.65 -28.65
CA SER A 377 32.11 13.67 -27.48
C SER A 377 30.74 13.08 -27.85
N ILE A 378 30.46 12.94 -29.16
CA ILE A 378 29.27 12.23 -29.60
C ILE A 378 29.48 10.73 -29.68
N GLY A 379 28.92 10.00 -28.72
CA GLY A 379 29.15 8.58 -28.63
C GLY A 379 28.31 7.83 -29.63
N ASN A 380 27.11 8.34 -29.90
CA ASN A 380 26.09 7.64 -30.68
C ASN A 380 24.92 8.65 -30.82
N PHE A 381 24.05 8.46 -31.82
CA PHE A 381 22.78 9.23 -31.88
C PHE A 381 21.74 8.34 -32.50
N ASP A 382 20.48 8.62 -32.19
CA ASP A 382 19.40 7.84 -32.74
C ASP A 382 18.10 8.63 -32.62
N GLY A 383 17.08 8.19 -33.36
CA GLY A 383 15.77 8.86 -33.35
C GLY A 383 15.06 8.74 -34.68
N TYR A 384 14.09 9.62 -34.91
CA TYR A 384 13.29 9.64 -36.09
C TYR A 384 12.46 10.90 -36.02
N GLY A 385 12.04 11.40 -37.17
CA GLY A 385 11.16 12.57 -37.24
C GLY A 385 11.83 13.74 -36.54
N LEU A 386 11.10 14.36 -35.59
CA LEU A 386 11.66 15.45 -34.78
C LEU A 386 11.83 15.02 -33.31
N LEU A 387 12.46 13.87 -33.10
CA LEU A 387 12.67 13.33 -31.74
C LEU A 387 13.98 12.57 -31.79
N TRP A 388 15.03 13.21 -31.26
CA TRP A 388 16.40 12.64 -31.36
C TRP A 388 17.09 12.53 -30.02
N ILE A 389 17.87 11.46 -29.83
CA ILE A 389 18.84 11.46 -28.71
C ILE A 389 20.28 11.55 -29.23
N VAL A 390 21.15 12.21 -28.47
CA VAL A 390 22.59 12.17 -28.73
C VAL A 390 23.30 11.81 -27.43
N ASP A 391 23.99 10.68 -27.44
CA ASP A 391 24.77 10.23 -26.30
C ASP A 391 26.04 11.03 -26.24
N ILE A 392 26.23 11.77 -25.15
CA ILE A 392 27.44 12.54 -24.97
C ILE A 392 28.41 11.77 -24.06
N VAL A 393 29.68 11.71 -24.46
CA VAL A 393 30.72 11.10 -23.63
C VAL A 393 31.94 12.01 -23.51
N ASN A 394 32.75 11.73 -22.49
CA ASN A 394 34.08 12.30 -22.42
C ASN A 394 34.85 11.57 -23.52
N ALA A 395 35.37 12.32 -24.48
CA ALA A 395 36.15 11.71 -25.59
C ALA A 395 37.36 10.91 -25.07
N LYS A 396 38.01 11.43 -24.03
CA LYS A 396 39.28 10.88 -23.59
C LYS A 396 39.15 9.64 -22.74
N THR A 397 37.94 9.39 -22.19
CA THR A 397 37.65 8.14 -21.47
C THR A 397 36.65 7.26 -22.22
N LYS A 398 35.99 7.79 -23.25
CA LYS A 398 34.86 7.12 -23.93
C LYS A 398 33.62 6.77 -23.08
N THR A 399 33.51 7.36 -21.88
CA THR A 399 32.36 7.06 -21.01
C THR A 399 31.63 8.37 -20.64
N PRO A 400 30.36 8.27 -20.17
CA PRO A 400 29.66 9.51 -19.78
C PRO A 400 30.38 10.29 -18.67
N TYR A 401 30.26 11.60 -18.69
CA TYR A 401 30.81 12.42 -17.63
C TYR A 401 30.12 12.22 -16.29
N VAL A 402 28.78 12.06 -16.31
CA VAL A 402 28.00 11.95 -15.06
C VAL A 402 27.63 10.49 -14.82
N LYS A 403 28.32 9.89 -13.85
CA LYS A 403 28.20 8.45 -13.63
C LYS A 403 26.77 7.94 -13.38
N LEU A 404 26.00 8.63 -12.55
CA LEU A 404 24.64 8.14 -12.21
C LEU A 404 23.70 8.16 -13.43
N ASP A 405 24.09 8.91 -14.46
CA ASP A 405 23.43 8.95 -15.74
C ASP A 405 21.92 9.23 -15.57
N ARG A 406 21.04 8.34 -16.10
CA ARG A 406 19.59 8.52 -15.97
C ARG A 406 19.02 8.34 -14.53
N ASN A 407 19.86 7.91 -13.60
CA ASN A 407 19.50 7.93 -12.19
C ASN A 407 20.05 9.12 -11.41
N PHE A 408 20.45 10.19 -12.13
CA PHE A 408 20.91 11.41 -11.44
C PHE A 408 19.73 12.10 -10.76
N THR A 409 20.00 13.12 -9.95
CA THR A 409 18.95 13.99 -9.38
C THR A 409 19.35 15.41 -9.68
N HIS A 410 18.39 16.33 -9.58
CA HIS A 410 18.64 17.75 -9.82
C HIS A 410 19.38 18.42 -8.65
N GLY A 411 19.79 17.63 -7.66
CA GLY A 411 20.68 18.18 -6.63
C GLY A 411 22.10 18.56 -7.13
N MET A 412 22.53 17.96 -8.24
CA MET A 412 23.85 18.23 -8.88
C MET A 412 24.03 19.69 -9.28
N ASN A 413 25.28 20.13 -9.29
CA ASN A 413 25.59 21.40 -9.89
C ASN A 413 25.45 21.36 -11.42
N PRO A 414 24.66 22.28 -12.00
CA PRO A 414 24.56 22.30 -13.48
C PRO A 414 25.88 22.62 -14.24
N ASN A 415 26.88 23.16 -13.55
CA ASN A 415 28.14 23.43 -14.22
C ASN A 415 28.97 22.15 -14.41
N GLN A 416 28.47 21.02 -13.90
CA GLN A 416 29.11 19.75 -14.15
C GLN A 416 28.31 18.85 -15.10
N ILE A 417 27.21 19.34 -15.64
CA ILE A 417 26.31 18.50 -16.41
C ILE A 417 26.48 18.82 -17.88
N PRO A 418 26.96 17.84 -18.68
CA PRO A 418 27.25 18.14 -20.10
C PRO A 418 26.09 18.80 -20.89
N THR A 419 24.86 18.29 -20.73
CA THR A 419 23.73 18.88 -21.45
C THR A 419 23.41 20.31 -20.98
N GLN A 420 23.74 20.65 -19.73
CA GLN A 420 23.61 22.04 -19.26
C GLN A 420 24.71 22.90 -19.90
N ILE A 421 25.95 22.37 -19.96
CA ILE A 421 27.06 23.12 -20.56
C ILE A 421 26.70 23.45 -22.02
N ILE A 422 26.22 22.44 -22.74
CA ILE A 422 25.91 22.54 -24.17
C ILE A 422 24.84 23.61 -24.34
N MET A 423 23.76 23.49 -23.57
CA MET A 423 22.68 24.45 -23.69
C MET A 423 23.14 25.91 -23.48
N LYS A 424 23.83 26.15 -22.38
CA LYS A 424 24.35 27.48 -22.07
C LYS A 424 25.19 28.06 -23.23
N LYS A 425 26.07 27.24 -23.78
CA LYS A 425 26.94 27.72 -24.86
C LYS A 425 26.12 28.03 -26.10
N ALA A 426 25.24 27.09 -26.47
CA ALA A 426 24.43 27.21 -27.69
C ALA A 426 23.55 28.45 -27.64
N LEU A 427 23.17 28.85 -26.42
CA LEU A 427 22.39 30.05 -26.24
C LEU A 427 23.13 31.32 -26.70
N GLU A 428 24.46 31.29 -26.79
CA GLU A 428 25.17 32.44 -27.34
C GLU A 428 24.81 32.69 -28.82
N LYS A 429 24.27 31.68 -29.49
CA LYS A 429 23.95 31.76 -30.89
C LYS A 429 22.45 31.94 -31.09
N GLY A 430 21.75 32.31 -30.01
CA GLY A 430 20.28 32.43 -30.03
C GLY A 430 19.52 31.13 -30.21
N VAL A 431 20.15 29.99 -29.89
CA VAL A 431 19.52 28.67 -30.01
C VAL A 431 19.32 28.04 -28.63
N LEU A 432 18.13 27.46 -28.44
CA LEU A 432 17.84 26.61 -27.24
C LEU A 432 17.96 25.19 -27.65
N ILE A 433 18.98 24.49 -27.16
CA ILE A 433 19.20 23.07 -27.49
C ILE A 433 20.01 22.41 -26.35
N GLY A 434 19.72 21.13 -26.07
CA GLY A 434 20.32 20.45 -24.91
C GLY A 434 19.57 19.17 -24.64
N GLY A 435 19.22 18.94 -23.38
CA GLY A 435 18.47 17.76 -23.01
C GLY A 435 18.09 17.81 -21.53
N VAL A 436 17.41 16.78 -21.06
CA VAL A 436 16.96 16.76 -19.66
C VAL A 436 17.72 15.76 -18.82
N MET A 437 18.33 14.77 -19.47
CA MET A 437 19.24 13.86 -18.80
C MET A 437 20.66 14.42 -18.91
N PRO A 438 21.55 14.07 -17.97
CA PRO A 438 22.85 14.76 -17.92
C PRO A 438 23.82 14.49 -19.11
N ASN A 439 23.77 13.29 -19.65
CA ASN A 439 24.68 12.82 -20.69
C ASN A 439 24.00 12.58 -22.06
N THR A 440 22.77 13.06 -22.23
CA THR A 440 21.98 12.71 -23.41
C THR A 440 21.21 13.91 -23.89
N MET A 441 21.49 14.36 -25.11
N MET A 441 21.46 14.35 -25.11
CA MET A 441 20.71 15.43 -25.74
CA MET A 441 20.68 15.43 -25.68
C MET A 441 19.32 14.89 -26.03
C MET A 441 19.31 14.90 -26.07
N ARG A 442 18.33 15.78 -26.07
CA ARG A 442 16.96 15.42 -26.43
C ARG A 442 16.52 16.58 -27.31
N ILE A 443 16.49 16.28 -28.62
CA ILE A 443 16.33 17.31 -29.63
C ILE A 443 14.99 17.17 -30.36
N GLY A 444 14.25 18.27 -30.42
CA GLY A 444 13.02 18.31 -31.19
C GLY A 444 12.67 19.73 -31.56
N ALA A 445 11.95 19.89 -32.66
CA ALA A 445 11.45 21.19 -33.09
C ALA A 445 10.00 20.93 -33.60
N SER A 446 9.35 21.93 -34.20
CA SER A 446 8.02 21.70 -34.81
C SER A 446 8.15 20.76 -36.01
N LEU A 447 7.09 20.07 -36.39
CA LEU A 447 7.21 19.12 -37.50
C LEU A 447 7.51 19.85 -38.82
N ASN A 448 7.06 21.09 -38.94
CA ASN A 448 7.28 21.89 -40.13
C ASN A 448 8.51 22.82 -40.00
N VAL A 449 9.43 22.49 -39.10
CA VAL A 449 10.67 23.29 -38.95
C VAL A 449 11.38 23.37 -40.33
N SER A 450 11.95 24.53 -40.67
CA SER A 450 12.60 24.74 -41.98
C SER A 450 14.01 24.16 -41.98
N ARG A 451 14.59 23.93 -43.15
CA ARG A 451 15.98 23.43 -43.20
C ARG A 451 16.95 24.49 -42.66
N GLY A 452 16.62 25.77 -42.88
CA GLY A 452 17.45 26.89 -42.39
C GLY A 452 17.56 26.90 -40.88
N ASP A 453 16.45 26.63 -40.21
CA ASP A 453 16.46 26.58 -38.76
C ASP A 453 17.18 25.33 -38.26
N ILE A 454 17.01 24.19 -38.92
CA ILE A 454 17.81 23.03 -38.54
C ILE A 454 19.32 23.36 -38.69
N ASP A 455 19.67 24.07 -39.77
CA ASP A 455 21.07 24.37 -40.01
C ASP A 455 21.62 25.24 -38.88
N LYS A 456 20.82 26.22 -38.48
CA LYS A 456 21.20 27.17 -37.45
C LYS A 456 21.33 26.48 -36.07
N ALA A 457 20.45 25.52 -35.78
CA ALA A 457 20.51 24.78 -34.50
C ALA A 457 21.73 23.85 -34.47
N MET A 458 21.96 23.15 -35.57
CA MET A 458 23.12 22.25 -35.69
C MET A 458 24.45 23.02 -35.66
N ASP A 459 24.47 24.20 -36.26
CA ASP A 459 25.63 25.09 -36.16
C ASP A 459 25.93 25.47 -34.71
N ALA A 460 24.89 25.87 -33.96
CA ALA A 460 25.08 26.19 -32.54
C ALA A 460 25.47 24.97 -31.73
N LEU A 461 24.97 23.78 -32.11
CA LEU A 461 25.39 22.56 -31.39
C LEU A 461 26.88 22.28 -31.63
N ASP A 462 27.32 22.53 -32.86
CA ASP A 462 28.71 22.30 -33.29
C ASP A 462 29.63 23.17 -32.43
N TYR A 463 29.23 24.42 -32.29
CA TYR A 463 29.90 25.37 -31.45
C TYR A 463 29.94 24.94 -29.99
N ALA A 464 28.78 24.52 -29.46
CA ALA A 464 28.69 24.01 -28.08
C ALA A 464 29.62 22.83 -27.81
N LEU A 465 29.75 21.93 -28.79
CA LEU A 465 30.54 20.72 -28.63
C LEU A 465 32.03 21.00 -28.73
N ASP A 466 32.43 21.96 -29.58
CA ASP A 466 33.81 22.52 -29.53
C ASP A 466 34.13 22.94 -28.10
N TYR A 467 33.23 23.70 -27.50
CA TYR A 467 33.45 24.16 -26.15
C TYR A 467 33.52 23.01 -25.16
N LEU A 468 32.59 22.07 -25.28
CA LEU A 468 32.58 20.94 -24.35
C LEU A 468 33.90 20.19 -24.40
N GLU A 469 34.38 19.96 -25.62
CA GLU A 469 35.56 19.16 -25.87
C GLU A 469 36.84 19.89 -25.47
N SER A 470 36.76 21.22 -25.35
CA SER A 470 37.90 22.06 -25.01
C SER A 470 38.30 21.91 -23.54
N GLY A 471 37.39 21.41 -22.70
CA GLY A 471 37.61 21.37 -21.27
C GLY A 471 37.54 22.69 -20.51
N GLU A 472 37.45 23.81 -21.22
CA GLU A 472 37.50 25.13 -20.59
C GLU A 472 36.38 25.37 -19.58
N TRP A 473 35.31 24.61 -19.70
CA TRP A 473 34.21 24.64 -18.73
C TRP A 473 34.64 24.01 -17.42
N GLN A 474 35.52 23.02 -17.51
CA GLN A 474 36.00 22.41 -16.29
C GLN A 474 36.99 23.29 -15.54
N ALA A 475 37.50 24.32 -16.01
N LEU B 3 -20.51 35.01 -46.61
CA LEU B 3 -21.28 34.03 -47.46
C LEU B 3 -20.87 32.56 -47.19
N THR B 4 -20.62 32.24 -45.90
CA THR B 4 -20.13 30.91 -45.45
C THR B 4 -20.95 30.33 -44.31
N VAL B 5 -21.52 29.16 -44.54
CA VAL B 5 -22.26 28.44 -43.49
C VAL B 5 -21.33 27.48 -42.74
N GLN B 6 -21.46 27.50 -41.42
CA GLN B 6 -20.76 26.54 -40.58
C GLN B 6 -21.65 25.30 -40.57
N LYS B 7 -21.41 24.42 -41.55
CA LYS B 7 -22.28 23.29 -41.79
C LYS B 7 -21.88 22.14 -40.90
N ILE B 8 -22.83 21.77 -40.04
CA ILE B 8 -22.65 20.70 -39.09
C ILE B 8 -23.82 19.78 -39.38
N ASN B 9 -23.52 18.51 -39.63
CA ASN B 9 -24.58 17.53 -39.68
C ASN B 9 -24.80 17.01 -38.26
N TRP B 10 -25.84 17.51 -37.57
CA TRP B 10 -26.00 17.16 -36.15
C TRP B 10 -26.40 15.72 -35.88
N GLU B 11 -27.14 15.11 -36.81
CA GLU B 11 -27.41 13.69 -36.72
C GLU B 11 -26.11 12.90 -36.88
N GLN B 12 -25.21 13.36 -37.73
CA GLN B 12 -23.91 12.69 -37.85
C GLN B 12 -23.07 12.89 -36.58
N VAL B 13 -23.09 14.10 -36.04
CA VAL B 13 -22.44 14.39 -34.75
C VAL B 13 -22.87 13.38 -33.66
N LYS B 14 -24.19 13.14 -33.59
CA LYS B 14 -24.77 12.23 -32.61
C LYS B 14 -24.34 10.78 -32.85
N GLU B 15 -24.25 10.40 -34.11
CA GLU B 15 -23.82 9.08 -34.46
C GLU B 15 -22.35 8.89 -34.06
N TRP B 16 -21.50 9.88 -34.34
CA TRP B 16 -20.09 9.80 -33.94
C TRP B 16 -19.94 9.78 -32.41
N ASP B 17 -20.72 10.60 -31.73
CA ASP B 17 -20.73 10.64 -30.28
C ASP B 17 -21.08 9.26 -29.68
N ARG B 18 -22.11 8.59 -30.23
CA ARG B 18 -22.52 7.24 -29.76
C ARG B 18 -21.40 6.25 -29.98
N LYS B 19 -20.82 6.33 -31.16
CA LYS B 19 -19.94 5.28 -31.66
C LYS B 19 -18.51 5.40 -31.14
N TYR B 20 -18.04 6.63 -30.91
CA TYR B 20 -16.57 6.89 -30.76
C TYR B 20 -16.15 7.44 -29.39
N LEU B 21 -17.10 7.85 -28.56
CA LEU B 21 -16.83 8.43 -27.26
C LEU B 21 -17.17 7.47 -26.15
N MET B 22 -16.29 7.35 -25.16
CA MET B 22 -16.61 6.52 -23.98
C MET B 22 -17.74 7.10 -23.14
N ARG B 23 -18.63 6.22 -22.69
CA ARG B 23 -19.77 6.60 -21.85
C ARG B 23 -19.35 6.80 -20.38
N THR B 24 -19.96 7.78 -19.72
CA THR B 24 -19.89 7.87 -18.27
C THR B 24 -21.30 7.92 -17.70
N PHE B 25 -21.52 7.27 -16.56
CA PHE B 25 -22.83 7.29 -15.87
C PHE B 25 -24.02 6.61 -16.58
N SER B 26 -23.93 6.41 -17.90
CA SER B 26 -24.97 5.73 -18.69
C SER B 26 -24.32 4.54 -19.38
N THR B 27 -25.04 3.42 -19.49
CA THR B 27 -24.57 2.37 -20.39
C THR B 27 -24.79 2.89 -21.82
N GLN B 28 -24.09 2.27 -22.77
CA GLN B 28 -24.26 2.54 -24.19
C GLN B 28 -25.73 2.33 -24.60
N ASN B 29 -26.33 1.20 -24.21
CA ASN B 29 -27.72 0.93 -24.56
C ASN B 29 -28.77 1.96 -24.10
N GLU B 30 -28.59 2.56 -22.92
CA GLU B 30 -29.59 3.50 -22.42
C GLU B 30 -29.25 4.93 -22.80
N TYR B 31 -28.07 5.14 -23.38
CA TYR B 31 -27.58 6.50 -23.63
C TYR B 31 -28.31 7.15 -24.76
N GLN B 32 -28.70 8.41 -24.58
CA GLN B 32 -29.12 9.23 -25.73
C GLN B 32 -28.34 10.53 -25.72
N PRO B 33 -27.58 10.82 -26.80
CA PRO B 33 -26.78 12.06 -26.80
C PRO B 33 -27.66 13.31 -26.73
N VAL B 34 -27.19 14.32 -26.02
CA VAL B 34 -27.91 15.60 -25.87
C VAL B 34 -27.00 16.71 -26.42
N PRO B 35 -27.18 17.06 -27.71
CA PRO B 35 -26.26 18.04 -28.29
C PRO B 35 -26.54 19.49 -27.88
N ILE B 36 -25.48 20.23 -27.55
CA ILE B 36 -25.58 21.64 -27.23
C ILE B 36 -24.75 22.39 -28.24
N GLU B 37 -25.41 23.28 -29.00
CA GLU B 37 -24.74 24.01 -30.10
C GLU B 37 -24.03 25.27 -29.60
N SER B 38 -24.58 25.92 -28.58
CA SER B 38 -23.96 27.15 -28.05
C SER B 38 -24.54 27.40 -26.68
N THR B 39 -23.97 28.36 -25.95
CA THR B 39 -24.50 28.72 -24.65
C THR B 39 -24.53 30.23 -24.56
N GLU B 40 -25.26 30.73 -23.57
CA GLU B 40 -25.36 32.16 -23.30
C GLU B 40 -25.94 32.42 -21.93
N GLY B 41 -25.20 33.13 -21.09
CA GLY B 41 -25.65 33.50 -19.74
C GLY B 41 -25.98 32.24 -18.97
N ASP B 42 -27.27 31.98 -18.73
CA ASP B 42 -27.68 30.80 -17.99
C ASP B 42 -28.37 29.75 -18.85
N TYR B 43 -28.25 29.88 -20.18
CA TYR B 43 -28.96 29.02 -21.13
C TYR B 43 -28.03 28.17 -22.00
N LEU B 44 -28.47 26.94 -22.26
CA LEU B 44 -27.87 26.02 -23.22
C LEU B 44 -28.78 26.03 -24.45
N ILE B 45 -28.20 26.19 -25.62
CA ILE B 45 -28.96 26.18 -26.85
C ILE B 45 -28.63 24.91 -27.64
N MET B 46 -29.67 24.16 -27.99
CA MET B 46 -29.57 22.95 -28.80
C MET B 46 -29.55 23.30 -30.27
N PRO B 47 -29.23 22.33 -31.14
CA PRO B 47 -29.11 22.72 -32.54
C PRO B 47 -30.44 23.17 -33.18
N ASP B 48 -31.56 22.76 -32.64
CA ASP B 48 -32.83 23.18 -33.25
C ASP B 48 -33.29 24.50 -32.64
N GLY B 49 -32.48 25.07 -31.76
CA GLY B 49 -32.80 26.33 -31.10
C GLY B 49 -33.48 26.23 -29.73
N THR B 50 -33.82 25.02 -29.26
CA THR B 50 -34.37 24.84 -27.89
C THR B 50 -33.40 25.42 -26.84
N ARG B 51 -33.95 26.17 -25.88
CA ARG B 51 -33.19 26.82 -24.81
C ARG B 51 -33.48 26.18 -23.47
N LEU B 52 -32.44 25.93 -22.70
CA LEU B 52 -32.59 25.20 -21.44
C LEU B 52 -31.94 26.08 -20.38
N LEU B 53 -32.69 26.42 -19.34
CA LEU B 53 -32.15 27.20 -18.25
C LEU B 53 -31.39 26.27 -17.31
N ASP B 54 -30.11 26.55 -17.10
CA ASP B 54 -29.23 25.55 -16.46
C ASP B 54 -28.96 25.88 -14.98
N PHE B 55 -29.77 25.29 -14.11
CA PHE B 55 -29.60 25.51 -12.69
C PHE B 55 -28.76 24.40 -12.04
N PHE B 56 -27.89 23.80 -12.86
CA PHE B 56 -26.70 23.12 -12.34
C PHE B 56 -25.44 23.98 -12.62
N ASN B 57 -25.57 25.05 -13.42
CA ASN B 57 -24.41 25.81 -13.87
C ASN B 57 -23.32 24.80 -14.34
N GLN B 58 -23.75 23.85 -15.18
CA GLN B 58 -22.97 22.64 -15.57
C GLN B 58 -22.56 21.79 -14.38
N LEU B 59 -21.43 22.12 -13.76
CA LEU B 59 -20.94 21.45 -12.54
C LEU B 59 -20.59 22.52 -11.53
N TYR B 60 -21.51 23.47 -11.32
CA TYR B 60 -21.30 24.54 -10.35
C TYR B 60 -20.03 25.29 -10.69
N CYS B 61 -19.82 25.54 -11.99
CA CYS B 61 -18.47 25.91 -12.44
C CYS B 61 -18.43 27.03 -13.51
N VAL B 62 -19.58 27.59 -13.89
CA VAL B 62 -19.56 28.61 -14.92
C VAL B 62 -19.99 29.92 -14.22
N ASN B 63 -19.24 30.25 -13.18
CA ASN B 63 -19.61 31.31 -12.22
C ASN B 63 -19.94 32.68 -12.87
N LEU B 64 -19.11 33.09 -13.83
CA LEU B 64 -19.25 34.36 -14.48
C LEU B 64 -20.44 34.40 -15.44
N GLY B 65 -21.02 33.24 -15.78
CA GLY B 65 -22.02 33.15 -16.82
C GLY B 65 -21.39 32.55 -18.05
N GLN B 66 -22.20 31.85 -18.84
CA GLN B 66 -21.73 31.24 -20.10
C GLN B 66 -21.37 32.26 -21.16
N LYS B 67 -20.21 32.07 -21.79
CA LYS B 67 -19.79 32.83 -22.99
C LYS B 67 -19.83 34.35 -22.71
N ASN B 68 -19.15 34.76 -21.64
CA ASN B 68 -19.00 36.16 -21.30
C ASN B 68 -18.13 36.84 -22.35
N GLN B 69 -18.64 37.95 -22.90
CA GLN B 69 -18.05 38.57 -24.07
C GLN B 69 -16.72 39.16 -23.71
N LYS B 70 -16.59 39.73 -22.52
CA LYS B 70 -15.31 40.29 -22.05
C LYS B 70 -14.20 39.23 -21.90
N VAL B 71 -14.53 38.12 -21.25
CA VAL B 71 -13.57 37.03 -21.14
C VAL B 71 -13.19 36.50 -22.52
N ASN B 72 -14.19 36.24 -23.37
CA ASN B 72 -13.86 35.67 -24.70
C ASN B 72 -13.01 36.63 -25.55
N ALA B 73 -13.27 37.93 -25.45
CA ALA B 73 -12.42 38.91 -26.14
C ALA B 73 -11.01 38.89 -25.60
N ALA B 74 -10.86 38.75 -24.27
CA ALA B 74 -9.53 38.73 -23.72
C ALA B 74 -8.79 37.44 -24.16
N ILE B 75 -9.50 36.33 -24.32
CA ILE B 75 -8.85 35.10 -24.78
C ILE B 75 -8.37 35.30 -26.23
N LYS B 76 -9.22 35.91 -27.07
CA LYS B 76 -8.90 36.18 -28.48
C LYS B 76 -7.66 37.06 -28.58
N GLU B 77 -7.57 38.03 -27.68
CA GLU B 77 -6.44 38.93 -27.61
C GLU B 77 -5.14 38.20 -27.30
N ALA B 78 -5.19 37.29 -26.32
CA ALA B 78 -3.97 36.52 -25.96
C ALA B 78 -3.49 35.68 -27.15
N LEU B 79 -4.44 35.24 -27.97
CA LEU B 79 -4.11 34.43 -29.14
C LEU B 79 -3.36 35.21 -30.24
N ASP B 80 -3.26 36.54 -30.11
CA ASP B 80 -2.38 37.32 -31.00
C ASP B 80 -0.91 37.15 -30.64
N ARG B 81 -0.65 36.71 -29.41
CA ARG B 81 0.73 36.60 -28.92
C ARG B 81 1.18 35.13 -28.73
N TYR B 82 0.23 34.27 -28.33
CA TYR B 82 0.56 32.87 -28.03
C TYR B 82 -0.35 31.95 -28.83
N GLY B 83 0.06 30.69 -29.07
CA GLY B 83 1.36 30.17 -28.62
C GLY B 83 1.28 29.34 -27.35
N PHE B 84 2.40 28.73 -26.98
CA PHE B 84 2.52 28.04 -25.70
C PHE B 84 3.93 28.12 -25.14
N VAL B 85 4.02 28.40 -23.84
CA VAL B 85 5.30 28.19 -23.12
C VAL B 85 4.95 27.48 -21.81
N TRP B 86 5.86 26.61 -21.37
CA TRP B 86 5.67 25.89 -20.11
C TRP B 86 6.23 26.70 -18.93
N ASP B 87 6.13 26.12 -17.73
CA ASP B 87 6.21 26.85 -16.47
C ASP B 87 7.57 27.47 -16.16
N THR B 88 8.61 26.98 -16.82
CA THR B 88 9.96 27.50 -16.67
C THR B 88 10.09 28.94 -17.23
N TYR B 89 9.19 29.31 -18.15
CA TYR B 89 9.17 30.64 -18.74
C TYR B 89 8.11 31.50 -18.07
N ALA B 90 8.33 32.82 -18.08
CA ALA B 90 7.41 33.74 -17.44
C ALA B 90 6.61 34.52 -18.46
N THR B 91 5.34 34.77 -18.12
CA THR B 91 4.45 35.56 -18.95
C THR B 91 3.73 36.56 -18.08
N ASP B 92 3.22 37.62 -18.70
CA ASP B 92 2.42 38.58 -17.97
C ASP B 92 1.17 37.91 -17.38
N TYR B 93 0.50 37.06 -18.17
CA TYR B 93 -0.81 36.55 -17.74
C TYR B 93 -0.65 35.68 -16.51
N LYS B 94 0.38 34.85 -16.50
CA LYS B 94 0.54 33.93 -15.36
C LYS B 94 0.89 34.70 -14.09
N ALA B 95 1.83 35.66 -14.17
CA ALA B 95 2.18 36.43 -12.96
C ALA B 95 0.99 37.28 -12.46
N LYS B 96 0.30 37.93 -13.39
CA LYS B 96 -0.85 38.74 -13.03
C LYS B 96 -1.98 37.92 -12.37
N ALA B 97 -2.24 36.71 -12.87
CA ALA B 97 -3.30 35.88 -12.26
C ALA B 97 -3.01 35.65 -10.78
N ALA B 98 -1.76 35.35 -10.45
CA ALA B 98 -1.34 35.07 -9.07
C ALA B 98 -1.41 36.35 -8.21
N LYS B 99 -0.94 37.46 -8.79
CA LYS B 99 -1.02 38.76 -8.12
C LYS B 99 -2.48 39.15 -7.80
N ILE B 100 -3.38 38.89 -8.74
CA ILE B 100 -4.80 39.20 -8.51
C ILE B 100 -5.37 38.40 -7.34
N ILE B 101 -5.12 37.08 -7.32
CA ILE B 101 -5.58 36.24 -6.22
C ILE B 101 -5.05 36.75 -4.87
N ILE B 102 -3.74 36.93 -4.79
CA ILE B 102 -3.06 37.24 -3.51
C ILE B 102 -3.24 38.71 -3.04
N GLU B 103 -3.09 39.65 -3.96
CA GLU B 103 -3.08 41.09 -3.65
C GLU B 103 -4.44 41.75 -3.78
N ASP B 104 -5.25 41.31 -4.76
CA ASP B 104 -6.51 42.00 -5.09
C ASP B 104 -7.76 41.35 -4.54
N ILE B 105 -7.73 40.03 -4.34
CA ILE B 105 -8.87 39.29 -3.81
C ILE B 105 -8.65 38.99 -2.31
N LEU B 106 -7.47 38.47 -1.95
CA LEU B 106 -7.17 38.09 -0.56
C LEU B 106 -6.25 39.09 0.18
N GLY B 107 -6.17 40.30 -0.35
CA GLY B 107 -5.33 41.32 0.26
C GLY B 107 -5.67 41.61 1.71
N ASP B 108 -6.87 41.23 2.16
CA ASP B 108 -7.24 41.44 3.58
C ASP B 108 -6.79 40.33 4.51
N GLU B 109 -6.04 39.36 3.99
CA GLU B 109 -5.61 38.21 4.82
C GLU B 109 -4.11 38.05 4.71
N ASP B 110 -3.51 37.60 5.80
CA ASP B 110 -2.06 37.51 5.87
C ASP B 110 -1.46 36.14 5.53
N TRP B 111 -2.29 35.09 5.52
CA TRP B 111 -1.79 33.73 5.24
C TRP B 111 -1.23 33.51 3.81
N PRO B 112 -1.81 34.16 2.77
CA PRO B 112 -1.42 33.74 1.40
C PRO B 112 0.03 33.96 1.05
N GLY B 113 0.68 32.94 0.45
CA GLY B 113 2.09 33.06 0.11
C GLY B 113 2.33 32.98 -1.39
N LYS B 114 2.11 31.80 -1.97
CA LYS B 114 2.40 31.59 -3.37
C LYS B 114 1.38 30.64 -4.04
N VAL B 115 1.21 30.79 -5.36
CA VAL B 115 0.31 29.98 -6.14
C VAL B 115 1.11 29.06 -7.10
N ARG B 116 0.62 27.85 -7.32
CA ARG B 116 1.05 27.04 -8.48
C ARG B 116 -0.19 26.75 -9.31
N PHE B 117 -0.14 27.15 -10.57
CA PHE B 117 -1.25 26.91 -11.50
C PHE B 117 -1.09 25.57 -12.21
N VAL B 118 -2.21 24.85 -12.35
CA VAL B 118 -2.28 23.59 -13.08
C VAL B 118 -3.53 23.67 -13.94
N SER B 119 -3.98 22.54 -14.50
CA SER B 119 -5.06 22.58 -15.50
C SER B 119 -6.45 22.22 -15.05
N THR B 120 -6.57 21.53 -13.91
CA THR B 120 -7.86 21.02 -13.43
C THR B 120 -7.92 21.00 -11.89
N GLY B 121 -9.12 20.87 -11.32
CA GLY B 121 -9.27 20.80 -9.86
C GLY B 121 -8.63 19.56 -9.25
N SER B 122 -8.68 18.41 -9.92
CA SER B 122 -8.00 17.21 -9.43
C SER B 122 -6.49 17.45 -9.40
N GLU B 123 -5.95 18.07 -10.45
CA GLU B 123 -4.52 18.40 -10.43
C GLU B 123 -4.14 19.32 -9.27
N ALA B 124 -5.02 20.29 -8.97
CA ALA B 124 -4.72 21.23 -7.90
C ALA B 124 -4.69 20.44 -6.58
N VAL B 125 -5.65 19.54 -6.41
CA VAL B 125 -5.68 18.71 -5.18
C VAL B 125 -4.43 17.78 -5.10
N GLU B 126 -4.09 17.11 -6.19
CA GLU B 126 -2.81 16.31 -6.23
C GLU B 126 -1.62 17.16 -5.77
N THR B 127 -1.56 18.40 -6.26
CA THR B 127 -0.46 19.31 -5.92
C THR B 127 -0.48 19.62 -4.40
N ALA B 128 -1.65 19.96 -3.88
CA ALA B 128 -1.81 20.30 -2.47
C ALA B 128 -1.38 19.13 -1.57
N LEU B 129 -1.76 17.91 -1.93
CA LEU B 129 -1.35 16.73 -1.15
C LEU B 129 0.17 16.57 -1.13
N ASN B 130 0.80 16.72 -2.29
CA ASN B 130 2.25 16.61 -2.42
C ASN B 130 2.96 17.66 -1.55
N ILE B 131 2.53 18.92 -1.63
CA ILE B 131 3.14 19.99 -0.84
C ILE B 131 2.93 19.77 0.66
N ALA B 132 1.73 19.43 1.09
CA ALA B 132 1.49 19.24 2.53
C ALA B 132 2.40 18.13 3.07
N ARG B 133 2.50 17.05 2.31
CA ARG B 133 3.30 15.90 2.71
C ARG B 133 4.77 16.25 2.73
N LEU B 134 5.24 16.95 1.68
CA LEU B 134 6.64 17.40 1.69
C LEU B 134 6.97 18.40 2.80
N TYR B 135 6.08 19.36 3.04
CA TYR B 135 6.35 20.38 4.06
C TYR B 135 6.47 19.76 5.46
N THR B 136 5.50 18.93 5.82
CA THR B 136 5.47 18.31 7.14
C THR B 136 6.40 17.09 7.20
N ASN B 137 6.86 16.61 6.04
CA ASN B 137 7.58 15.30 5.95
C ASN B 137 6.77 14.19 6.62
N ARG B 138 5.48 14.12 6.31
CA ARG B 138 4.57 13.15 6.91
C ARG B 138 3.63 12.57 5.87
N PRO B 139 3.26 11.29 6.03
CA PRO B 139 2.49 10.61 4.97
C PRO B 139 0.94 10.71 5.02
N LEU B 140 0.34 10.72 6.21
CA LEU B 140 -1.10 10.57 6.32
C LEU B 140 -1.90 11.85 6.09
N VAL B 141 -2.98 11.69 5.35
CA VAL B 141 -3.94 12.78 5.20
C VAL B 141 -5.31 12.30 5.65
N VAL B 142 -5.99 13.14 6.44
CA VAL B 142 -7.34 12.86 6.92
C VAL B 142 -8.37 13.57 6.05
N THR B 143 -9.36 12.80 5.57
CA THR B 143 -10.46 13.38 4.77
C THR B 143 -11.75 13.04 5.54
N ARG B 144 -12.93 13.30 4.97
CA ARG B 144 -14.15 12.90 5.68
C ARG B 144 -15.03 12.03 4.81
N GLU B 145 -15.86 11.19 5.42
CA GLU B 145 -16.96 10.50 4.72
C GLU B 145 -17.71 11.49 3.80
N HIS B 146 -17.99 11.05 2.56
CA HIS B 146 -18.73 11.84 1.54
C HIS B 146 -17.98 13.02 0.91
N ASP B 147 -16.75 13.28 1.31
CA ASP B 147 -15.93 14.30 0.61
C ASP B 147 -15.71 13.90 -0.86
N TYR B 148 -15.67 14.92 -1.72
CA TYR B 148 -15.28 14.72 -3.13
C TYR B 148 -14.12 15.67 -3.40
N HIS B 149 -12.96 15.13 -3.77
CA HIS B 149 -11.80 15.97 -4.00
C HIS B 149 -11.22 15.72 -5.38
N GLY B 150 -11.92 14.97 -6.23
CA GLY B 150 -11.34 14.78 -7.58
C GLY B 150 -11.23 13.31 -7.91
N TRP B 151 -10.73 12.99 -9.10
CA TRP B 151 -10.83 11.61 -9.62
C TRP B 151 -9.49 10.97 -9.93
N THR B 152 -8.43 11.77 -10.01
CA THR B 152 -7.11 11.22 -10.35
C THR B 152 -6.58 10.44 -9.15
N GLY B 153 -5.55 9.61 -9.36
CA GLY B 153 -5.09 8.67 -8.35
C GLY B 153 -4.94 9.20 -6.92
N GLY B 154 -4.20 10.30 -6.73
CA GLY B 154 -4.05 10.92 -5.41
C GLY B 154 -5.29 11.59 -4.87
N ALA B 155 -5.95 12.39 -5.70
CA ALA B 155 -7.16 13.09 -5.28
C ALA B 155 -8.29 12.08 -4.92
N ALA B 156 -8.34 10.96 -5.63
CA ALA B 156 -9.33 9.93 -5.36
C ALA B 156 -9.13 9.28 -3.99
N THR B 157 -7.87 9.12 -3.53
CA THR B 157 -7.66 8.55 -2.18
C THR B 157 -8.40 9.33 -1.08
N VAL B 158 -8.54 10.66 -1.25
CA VAL B 158 -9.23 11.50 -0.24
C VAL B 158 -10.71 11.73 -0.61
N THR B 159 -11.17 11.08 -1.68
CA THR B 159 -12.59 11.15 -2.08
C THR B 159 -13.26 9.95 -1.45
N ARG B 160 -14.23 10.18 -0.56
CA ARG B 160 -14.99 9.09 0.13
C ARG B 160 -16.48 9.18 -0.18
N LEU B 161 -16.75 9.56 -1.42
CA LEU B 161 -18.11 9.60 -1.97
C LEU B 161 -18.21 8.39 -2.90
N ARG B 162 -18.95 7.38 -2.43
CA ARG B 162 -18.94 6.01 -2.98
C ARG B 162 -19.29 5.93 -4.47
N SER B 163 -20.24 6.77 -4.87
CA SER B 163 -20.81 6.80 -6.20
C SER B 163 -19.94 7.57 -7.20
N TYR B 164 -18.79 8.07 -6.77
CA TYR B 164 -17.98 8.96 -7.64
C TYR B 164 -16.48 8.58 -7.70
N ARG B 165 -16.20 7.29 -7.53
CA ARG B 165 -14.80 6.83 -7.42
C ARG B 165 -14.37 6.03 -8.66
N SER B 166 -14.96 6.40 -9.81
CA SER B 166 -14.54 5.90 -11.15
C SER B 166 -14.61 4.37 -11.29
N GLY B 167 -15.43 3.74 -10.46
CA GLY B 167 -15.70 2.30 -10.58
C GLY B 167 -16.86 2.04 -11.52
N LEU B 168 -17.17 0.75 -11.70
CA LEU B 168 -18.28 0.31 -12.55
C LEU B 168 -19.46 -0.19 -11.75
N VAL B 169 -20.65 0.21 -12.17
CA VAL B 169 -21.85 -0.38 -11.61
C VAL B 169 -22.78 -0.88 -12.73
N GLY B 170 -23.80 -1.63 -12.34
CA GLY B 170 -24.71 -2.26 -13.29
C GLY B 170 -25.80 -1.31 -13.72
N GLU B 171 -26.59 -1.75 -14.69
CA GLU B 171 -27.68 -0.95 -15.22
C GLU B 171 -28.96 -1.37 -14.51
N ASN B 172 -29.45 -0.54 -13.61
CA ASN B 172 -30.63 -0.85 -12.79
C ASN B 172 -30.54 -2.17 -12.06
N SER B 173 -29.34 -2.49 -11.61
CA SER B 173 -29.08 -3.64 -10.79
C SER B 173 -28.00 -3.25 -9.79
N GLU B 174 -28.22 -3.58 -8.52
CA GLU B 174 -27.14 -3.51 -7.55
C GLU B 174 -26.72 -4.94 -7.27
N SER B 175 -26.01 -5.50 -8.24
CA SER B 175 -25.55 -6.87 -8.20
C SER B 175 -24.14 -6.85 -8.74
N PHE B 176 -24.01 -6.70 -10.06
CA PHE B 176 -22.69 -6.53 -10.67
C PHE B 176 -22.17 -5.10 -10.45
N SER B 177 -21.03 -5.00 -9.75
CA SER B 177 -20.31 -3.74 -9.46
C SER B 177 -18.79 -3.96 -9.22
N ALA B 178 -17.97 -3.00 -9.64
CA ALA B 178 -16.51 -3.19 -9.58
C ALA B 178 -15.77 -1.90 -9.21
N GLN B 179 -15.01 -1.96 -8.13
CA GLN B 179 -14.08 -0.88 -7.79
C GLN B 179 -12.78 -1.10 -8.54
N ILE B 180 -11.99 -0.06 -8.72
CA ILE B 180 -10.77 -0.19 -9.51
C ILE B 180 -9.74 -1.02 -8.73
N PRO B 181 -9.39 -2.21 -9.25
CA PRO B 181 -8.44 -3.07 -8.52
C PRO B 181 -7.11 -2.34 -8.29
N GLY B 182 -6.52 -2.49 -7.11
CA GLY B 182 -5.19 -1.93 -6.88
C GLY B 182 -5.18 -0.45 -6.49
N SER B 183 -6.36 0.13 -6.32
CA SER B 183 -6.49 1.57 -6.05
C SER B 183 -5.91 2.09 -4.71
N SER B 184 -5.81 1.20 -3.73
CA SER B 184 -5.47 1.60 -2.34
C SER B 184 -4.12 1.03 -1.87
N TYR B 185 -3.44 0.33 -2.78
CA TYR B 185 -2.11 -0.16 -2.51
C TYR B 185 -1.24 1.05 -2.22
N ASN B 186 -0.98 1.31 -0.95
CA ASN B 186 -0.14 2.43 -0.55
C ASN B 186 -0.83 3.69 -0.07
N SER B 187 -2.16 3.81 -0.24
CA SER B 187 -2.82 5.10 0.13
C SER B 187 -2.74 5.43 1.64
N ALA B 188 -2.27 6.62 1.92
CA ALA B 188 -2.02 6.98 3.28
C ALA B 188 -3.10 7.96 3.73
N VAL B 189 -4.32 7.47 3.93
CA VAL B 189 -5.52 8.33 4.11
C VAL B 189 -6.40 7.78 5.21
N LEU B 190 -6.87 8.65 6.10
CA LEU B 190 -7.82 8.23 7.13
C LEU B 190 -9.15 8.89 6.82
N MET B 191 -10.24 8.10 6.86
CA MET B 191 -11.57 8.68 6.71
C MET B 191 -12.17 9.05 8.07
N ALA B 192 -12.38 10.34 8.31
CA ALA B 192 -12.93 10.84 9.57
C ALA B 192 -14.43 11.01 9.38
N PRO B 193 -15.20 11.26 10.47
CA PRO B 193 -16.64 11.37 10.24
C PRO B 193 -17.02 12.61 9.47
N SER B 194 -18.11 12.54 8.71
CA SER B 194 -18.65 13.76 8.12
C SER B 194 -19.11 14.70 9.25
N PRO B 195 -19.13 16.00 8.97
CA PRO B 195 -19.55 16.94 10.02
C PRO B 195 -20.98 16.69 10.45
N ASN B 196 -21.77 16.04 9.61
CA ASN B 196 -23.20 15.84 9.87
C ASN B 196 -23.52 14.50 10.54
N MET B 197 -22.49 13.75 10.91
CA MET B 197 -22.71 12.35 11.29
C MET B 197 -23.44 12.14 12.61
N PHE B 198 -23.22 13.02 13.58
CA PHE B 198 -23.82 12.81 14.88
C PHE B 198 -24.85 13.88 15.23
N GLN B 199 -26.08 13.72 14.73
CA GLN B 199 -27.18 14.65 15.01
C GLN B 199 -28.26 13.95 15.82
N ASP B 200 -29.14 14.73 16.48
CA ASP B 200 -30.32 14.14 17.12
C ASP B 200 -31.55 14.25 16.21
N SER B 201 -32.69 13.74 16.67
CA SER B 201 -33.89 13.69 15.82
C SER B 201 -34.53 15.06 15.63
N ASP B 202 -33.93 16.08 16.25
CA ASP B 202 -34.30 17.48 16.02
C ASP B 202 -33.37 18.17 15.03
N GLY B 203 -32.19 17.58 14.79
CA GLY B 203 -31.21 18.14 13.87
C GLY B 203 -30.00 18.78 14.52
N ASN B 204 -29.98 18.83 15.86
CA ASN B 204 -28.84 19.32 16.62
C ASN B 204 -27.67 18.37 16.50
N LEU B 205 -26.50 18.91 16.16
CA LEU B 205 -25.29 18.11 16.12
C LEU B 205 -24.73 17.98 17.54
N LEU B 206 -24.46 16.73 17.97
CA LEU B 206 -23.97 16.37 19.32
C LEU B 206 -22.54 16.82 19.64
N LYS B 207 -22.33 17.22 20.90
CA LYS B 207 -21.04 17.72 21.42
C LYS B 207 -20.67 17.02 22.72
N ASP B 208 -19.39 16.96 23.07
CA ASP B 208 -18.99 16.35 24.35
C ASP B 208 -19.11 17.39 25.46
N GLU B 209 -18.48 17.11 26.61
CA GLU B 209 -18.64 17.97 27.78
C GLU B 209 -18.33 19.45 27.48
N ASN B 210 -17.07 19.76 27.16
CA ASN B 210 -16.62 21.15 27.00
C ASN B 210 -17.13 21.89 25.75
N GLY B 211 -17.79 21.18 24.84
CA GLY B 211 -18.42 21.84 23.69
C GLY B 211 -17.89 21.42 22.33
N GLU B 212 -16.96 20.47 22.30
CA GLU B 212 -16.40 19.92 21.05
C GLU B 212 -17.43 19.03 20.33
N LEU B 213 -17.66 19.29 19.04
CA LEU B 213 -18.55 18.45 18.24
C LEU B 213 -18.00 17.03 18.20
N LEU B 214 -18.89 16.04 18.30
CA LEU B 214 -18.45 14.67 18.31
C LEU B 214 -17.70 14.30 17.02
N SER B 215 -18.12 14.88 15.89
CA SER B 215 -17.41 14.61 14.65
C SER B 215 -15.95 15.03 14.80
N VAL B 216 -15.73 16.21 15.39
CA VAL B 216 -14.38 16.74 15.59
C VAL B 216 -13.61 15.90 16.62
N LYS B 217 -14.31 15.51 17.68
CA LYS B 217 -13.67 14.71 18.73
C LYS B 217 -13.14 13.39 18.20
N TYR B 218 -13.93 12.70 17.36
CA TYR B 218 -13.44 11.43 16.83
C TYR B 218 -12.31 11.66 15.81
N THR B 219 -12.43 12.73 15.03
CA THR B 219 -11.33 13.12 14.13
C THR B 219 -10.03 13.27 14.92
N ARG B 220 -10.06 14.04 16.01
CA ARG B 220 -8.86 14.24 16.83
C ARG B 220 -8.33 12.90 17.40
N ARG B 221 -9.24 12.05 17.85
CA ARG B 221 -8.85 10.73 18.40
C ARG B 221 -8.15 9.83 17.39
N MET B 222 -8.63 9.86 16.14
CA MET B 222 -7.98 9.10 15.07
C MET B 222 -6.57 9.62 14.84
N ILE B 223 -6.42 10.96 14.79
CA ILE B 223 -5.09 11.53 14.62
C ILE B 223 -4.15 11.17 15.79
N GLU B 224 -4.64 11.27 17.02
CA GLU B 224 -3.86 10.83 18.20
C GLU B 224 -3.42 9.37 18.06
N ASN B 225 -4.36 8.50 17.71
CA ASN B 225 -4.08 7.07 17.61
C ASN B 225 -3.06 6.72 16.56
N TYR B 226 -3.15 7.35 15.37
CA TYR B 226 -2.20 7.05 14.30
C TYR B 226 -0.89 7.81 14.53
N GLY B 227 -0.95 8.79 15.43
CA GLY B 227 0.21 9.62 15.78
C GLY B 227 0.24 10.96 15.05
N PRO B 228 0.06 12.08 15.78
CA PRO B 228 0.08 13.40 15.09
C PRO B 228 1.38 13.62 14.31
N GLU B 229 2.48 12.99 14.74
CA GLU B 229 3.76 13.16 14.07
C GLU B 229 3.79 12.52 12.67
N GLN B 230 2.74 11.79 12.30
CA GLN B 230 2.73 11.25 10.94
C GLN B 230 1.51 11.69 10.09
N VAL B 231 0.74 12.64 10.62
CA VAL B 231 -0.39 13.19 9.91
C VAL B 231 0.01 14.54 9.34
N ALA B 232 0.09 14.63 8.01
CA ALA B 232 0.39 15.88 7.30
C ALA B 232 -0.73 16.92 7.41
N ALA B 233 -1.96 16.48 7.22
CA ALA B 233 -3.04 17.44 7.00
C ALA B 233 -4.41 16.82 7.16
N VAL B 234 -5.40 17.68 7.42
CA VAL B 234 -6.77 17.38 7.26
C VAL B 234 -7.27 18.16 6.03
N ILE B 235 -7.96 17.46 5.13
CA ILE B 235 -8.57 18.10 3.97
C ILE B 235 -10.10 18.13 4.13
N THR B 236 -10.69 19.28 3.81
CA THR B 236 -12.11 19.53 3.97
C THR B 236 -12.70 20.20 2.74
N GLU B 237 -14.03 20.15 2.66
CA GLU B 237 -14.81 21.10 1.86
C GLU B 237 -15.68 21.82 2.86
N VAL B 238 -15.86 23.14 2.78
CA VAL B 238 -16.69 23.78 3.81
C VAL B 238 -18.15 23.44 3.63
N SER B 239 -18.53 23.20 2.38
CA SER B 239 -19.82 22.62 2.10
C SER B 239 -19.54 21.51 1.13
N GLN B 240 -19.94 20.30 1.49
CA GLN B 240 -19.63 19.17 0.63
C GLN B 240 -20.40 19.36 -0.66
N GLY B 241 -19.66 19.33 -1.78
CA GLY B 241 -20.19 19.71 -3.10
C GLY B 241 -21.01 18.60 -3.70
N ALA B 242 -20.34 17.63 -4.33
CA ALA B 242 -21.02 16.44 -4.84
C ALA B 242 -21.73 15.74 -3.69
N GLY B 243 -21.09 15.73 -2.51
CA GLY B 243 -21.65 15.02 -1.33
C GLY B 243 -22.84 15.77 -0.74
N SER B 244 -23.05 17.00 -1.21
CA SER B 244 -24.32 17.76 -0.96
C SER B 244 -24.68 17.92 0.52
N ALA B 245 -23.86 18.66 1.26
CA ALA B 245 -24.13 18.83 2.69
C ALA B 245 -23.55 20.13 3.23
N MET B 246 -24.24 20.69 4.22
CA MET B 246 -23.79 21.90 4.92
C MET B 246 -23.43 21.50 6.35
N PRO B 247 -22.30 22.00 6.88
CA PRO B 247 -21.93 21.59 8.23
C PRO B 247 -22.55 22.53 9.29
N PRO B 248 -22.61 22.08 10.56
CA PRO B 248 -22.93 23.02 11.65
C PRO B 248 -21.92 24.14 11.62
N TYR B 249 -22.34 25.35 11.99
CA TYR B 249 -21.46 26.51 11.99
C TYR B 249 -20.10 26.28 12.68
N GLU B 250 -20.07 25.58 13.80
CA GLU B 250 -18.82 25.46 14.59
C GLU B 250 -17.79 24.47 14.06
N TYR B 251 -18.18 23.62 13.14
CA TYR B 251 -17.30 22.58 12.63
C TYR B 251 -15.96 23.13 12.10
N ILE B 252 -16.01 24.08 11.16
CA ILE B 252 -14.78 24.57 10.52
C ILE B 252 -13.87 25.34 11.52
N PRO B 253 -14.45 26.24 12.34
CA PRO B 253 -13.58 26.83 13.39
C PRO B 253 -12.94 25.79 14.30
N GLN B 254 -13.69 24.76 14.64
CA GLN B 254 -13.16 23.69 15.50
C GLN B 254 -12.08 22.85 14.83
N ILE B 255 -12.23 22.61 13.53
CA ILE B 255 -11.21 21.90 12.76
C ILE B 255 -9.96 22.77 12.68
N ARG B 256 -10.11 24.08 12.43
CA ARG B 256 -8.94 24.97 12.37
C ARG B 256 -8.18 24.94 13.72
N LYS B 257 -8.96 24.98 14.81
CA LYS B 257 -8.43 24.97 16.17
C LYS B 257 -7.74 23.64 16.46
N MET B 258 -8.40 22.52 16.19
CA MET B 258 -7.81 21.20 16.39
C MET B 258 -6.51 20.97 15.62
N THR B 259 -6.47 21.38 14.33
CA THR B 259 -5.26 21.16 13.54
C THR B 259 -4.09 21.99 14.06
N LYS B 260 -4.36 23.24 14.43
CA LYS B 260 -3.32 24.09 15.06
C LYS B 260 -2.78 23.43 16.31
N GLU B 261 -3.70 22.92 17.14
CA GLU B 261 -3.31 22.29 18.42
C GLU B 261 -2.48 21.04 18.19
N LEU B 262 -2.86 20.23 17.21
CA LEU B 262 -2.14 18.98 16.93
C LEU B 262 -0.89 19.17 16.09
N GLY B 263 -0.70 20.37 15.53
CA GLY B 263 0.45 20.64 14.66
C GLY B 263 0.32 20.04 13.25
N VAL B 264 -0.89 20.08 12.74
CA VAL B 264 -1.26 19.45 11.46
C VAL B 264 -1.76 20.58 10.53
N LEU B 265 -1.44 20.51 9.23
CA LEU B 265 -2.00 21.44 8.24
C LEU B 265 -3.50 21.30 7.98
N TRP B 266 -4.14 22.42 7.62
CA TRP B 266 -5.49 22.39 7.19
C TRP B 266 -5.56 22.80 5.72
N ILE B 267 -5.96 21.86 4.85
CA ILE B 267 -6.23 22.11 3.42
C ILE B 267 -7.71 22.29 3.26
N ASN B 268 -8.16 23.47 2.82
CA ASN B 268 -9.54 23.55 2.43
C ASN B 268 -9.65 23.54 0.91
N ASP B 269 -10.51 22.66 0.41
CA ASP B 269 -10.68 22.45 -1.02
C ASP B 269 -11.75 23.44 -1.46
N GLU B 270 -11.34 24.49 -2.20
CA GLU B 270 -12.25 25.56 -2.67
C GLU B 270 -12.57 25.38 -4.16
N VAL B 271 -12.34 24.20 -4.72
CA VAL B 271 -12.58 24.01 -6.18
C VAL B 271 -14.04 24.31 -6.50
N LEU B 272 -14.96 23.83 -5.69
CA LEU B 272 -16.36 24.12 -5.97
C LEU B 272 -16.85 25.42 -5.26
N THR B 273 -16.51 25.63 -4.00
CA THR B 273 -17.03 26.81 -3.26
C THR B 273 -16.30 28.14 -3.55
N GLY B 274 -15.22 28.07 -4.31
CA GLY B 274 -14.41 29.22 -4.58
C GLY B 274 -15.03 30.21 -5.56
N PHE B 275 -14.48 31.42 -5.55
CA PHE B 275 -14.78 32.48 -6.52
C PHE B 275 -16.23 32.86 -6.60
N GLY B 276 -16.77 33.24 -5.45
CA GLY B 276 -18.06 33.91 -5.36
C GLY B 276 -19.20 32.95 -5.20
N ARG B 277 -18.96 31.65 -5.31
CA ARG B 277 -20.04 30.64 -5.36
C ARG B 277 -20.97 30.73 -4.12
N THR B 278 -20.37 31.05 -2.96
CA THR B 278 -21.11 31.09 -1.69
C THR B 278 -21.44 32.55 -1.23
N GLY B 279 -21.23 33.53 -2.10
CA GLY B 279 -21.61 34.91 -1.74
C GLY B 279 -20.47 35.62 -1.03
N LYS B 280 -19.31 34.94 -0.95
CA LYS B 280 -18.06 35.56 -0.49
C LYS B 280 -17.00 35.09 -1.50
N TRP B 281 -15.80 35.65 -1.49
CA TRP B 281 -14.80 35.20 -2.49
C TRP B 281 -14.54 33.69 -2.33
N PHE B 282 -14.38 33.23 -1.08
CA PHE B 282 -14.13 31.78 -0.81
C PHE B 282 -15.02 31.22 0.31
N GLY B 283 -15.42 29.96 0.19
CA GLY B 283 -16.28 29.32 1.20
C GLY B 283 -15.78 29.42 2.63
N TYR B 284 -14.48 29.30 2.86
CA TYR B 284 -13.96 29.31 4.24
C TYR B 284 -14.15 30.66 4.93
N GLN B 285 -14.36 31.71 4.14
CA GLN B 285 -14.47 33.06 4.68
C GLN B 285 -15.77 33.31 5.48
N HIS B 286 -16.75 32.43 5.34
CA HIS B 286 -17.93 32.47 6.20
C HIS B 286 -17.60 32.13 7.66
N TYR B 287 -16.42 31.54 7.91
CA TYR B 287 -16.12 30.93 9.23
C TYR B 287 -15.05 31.62 10.05
N GLY B 288 -14.53 32.75 9.58
CA GLY B 288 -13.60 33.56 10.40
C GLY B 288 -12.25 32.91 10.71
N VAL B 289 -11.78 32.04 9.83
CA VAL B 289 -10.51 31.33 10.01
C VAL B 289 -9.75 31.37 8.67
N GLN B 290 -8.51 30.91 8.67
CA GLN B 290 -7.72 30.94 7.46
C GLN B 290 -7.02 29.59 7.41
N PRO B 291 -7.03 28.94 6.22
CA PRO B 291 -6.40 27.62 6.07
C PRO B 291 -4.91 27.74 5.83
N ASP B 292 -4.20 26.61 5.68
CA ASP B 292 -2.79 26.61 5.33
C ASP B 292 -2.60 26.50 3.82
N ILE B 293 -3.54 25.86 3.16
CA ILE B 293 -3.50 25.63 1.71
C ILE B 293 -4.93 25.60 1.21
N ILE B 294 -5.19 26.23 0.05
CA ILE B 294 -6.44 25.93 -0.66
C ILE B 294 -6.24 25.45 -2.11
N THR B 295 -7.23 24.70 -2.60
CA THR B 295 -7.23 24.22 -3.97
C THR B 295 -8.36 24.91 -4.72
N MET B 296 -8.11 25.16 -6.02
CA MET B 296 -8.99 25.97 -6.89
C MET B 296 -9.17 25.35 -8.26
N GLY B 297 -10.34 25.60 -8.86
CA GLY B 297 -10.70 25.14 -10.22
C GLY B 297 -12.02 25.85 -10.56
N LYS B 298 -12.78 25.31 -11.51
CA LYS B 298 -14.18 25.74 -11.75
C LYS B 298 -14.30 27.27 -11.90
N GLY B 299 -14.76 27.97 -10.85
CA GLY B 299 -14.91 29.43 -10.86
C GLY B 299 -13.61 30.20 -11.04
N LEU B 300 -12.48 29.53 -10.87
CA LEU B 300 -11.18 30.13 -11.14
C LEU B 300 -11.09 30.78 -12.55
N SER B 301 -11.61 30.06 -13.55
CA SER B 301 -11.70 30.58 -14.92
C SER B 301 -13.17 30.63 -15.39
N SER B 302 -14.11 30.26 -14.51
CA SER B 302 -15.52 30.05 -14.83
C SER B 302 -15.67 29.09 -16.00
N SER B 303 -14.78 28.11 -16.05
CA SER B 303 -14.71 27.10 -17.10
C SER B 303 -14.51 27.68 -18.53
N SER B 304 -14.05 28.92 -18.63
CA SER B 304 -13.82 29.47 -19.96
C SER B 304 -12.74 28.63 -20.67
N LEU B 305 -11.69 28.29 -19.93
CA LEU B 305 -10.65 27.35 -20.37
C LEU B 305 -10.19 26.51 -19.14
N PRO B 306 -9.66 25.30 -19.35
CA PRO B 306 -9.17 24.47 -18.20
C PRO B 306 -8.09 25.17 -17.37
N ALA B 307 -8.35 25.35 -16.08
CA ALA B 307 -7.34 25.91 -15.17
C ALA B 307 -7.66 25.43 -13.74
N GLY B 308 -6.61 25.18 -12.97
CA GLY B 308 -6.76 24.84 -11.56
C GLY B 308 -5.60 25.55 -10.87
N ALA B 309 -5.60 25.57 -9.54
CA ALA B 309 -4.49 26.20 -8.86
C ALA B 309 -4.43 25.77 -7.41
N VAL B 310 -3.24 25.87 -6.82
CA VAL B 310 -3.08 25.70 -5.37
C VAL B 310 -2.45 26.99 -4.82
N LEU B 311 -2.99 27.45 -3.69
CA LEU B 311 -2.39 28.58 -2.98
C LEU B 311 -1.91 28.08 -1.64
N VAL B 312 -0.65 28.35 -1.31
CA VAL B 312 -0.07 27.88 -0.05
C VAL B 312 0.31 29.07 0.84
N SER B 313 0.35 28.84 2.16
CA SER B 313 0.68 29.90 3.12
C SER B 313 2.08 30.46 2.91
N LYS B 314 2.35 31.62 3.51
CA LYS B 314 3.69 32.19 3.48
C LYS B 314 4.77 31.25 4.04
N GLU B 315 4.47 30.57 5.15
CA GLU B 315 5.51 29.69 5.72
C GLU B 315 5.78 28.46 4.83
N ILE B 316 4.74 27.88 4.24
CA ILE B 316 4.92 26.78 3.29
C ILE B 316 5.71 27.17 2.04
N ALA B 317 5.35 28.32 1.47
CA ALA B 317 6.08 28.88 0.34
C ALA B 317 7.55 29.09 0.68
N ALA B 318 7.84 29.57 1.90
CA ALA B 318 9.24 29.87 2.24
C ALA B 318 10.06 28.58 2.27
N PHE B 319 9.43 27.52 2.76
CA PHE B 319 10.06 26.20 2.79
C PHE B 319 10.31 25.67 1.38
N MET B 320 9.27 25.66 0.54
CA MET B 320 9.45 25.18 -0.85
C MET B 320 10.53 25.93 -1.61
N ASP B 321 10.55 27.27 -1.45
CA ASP B 321 11.54 28.17 -2.05
C ASP B 321 13.00 27.81 -1.75
N LYS B 322 13.25 27.07 -0.67
CA LYS B 322 14.60 26.66 -0.29
C LYS B 322 15.09 25.42 -1.01
N HIS B 323 14.25 24.77 -1.81
CA HIS B 323 14.61 23.52 -2.49
C HIS B 323 14.36 23.59 -3.99
N ARG B 324 14.95 22.64 -4.71
CA ARG B 324 14.63 22.41 -6.12
C ARG B 324 13.52 21.37 -6.15
N TRP B 325 12.36 21.78 -6.66
CA TRP B 325 11.18 20.91 -6.69
C TRP B 325 11.05 20.29 -8.08
N GLU B 326 11.17 18.96 -8.14
CA GLU B 326 11.26 18.21 -9.41
C GLU B 326 9.89 17.76 -9.99
N SER B 327 9.00 18.73 -10.17
CA SER B 327 7.65 18.47 -10.59
C SER B 327 7.37 19.27 -11.87
N VAL B 328 6.96 18.57 -12.93
CA VAL B 328 6.59 19.25 -14.18
C VAL B 328 5.22 18.75 -14.66
N SER B 329 4.39 19.68 -15.16
CA SER B 329 3.09 19.40 -15.76
C SER B 329 3.11 20.19 -17.08
N THR B 330 2.97 19.52 -18.21
CA THR B 330 3.16 20.25 -19.50
C THR B 330 2.34 21.58 -19.53
N TYR B 331 1.03 21.48 -19.32
CA TYR B 331 0.11 22.64 -19.47
C TYR B 331 0.00 23.55 -18.23
N ALA B 332 0.73 23.24 -17.15
CA ALA B 332 0.67 24.10 -15.93
C ALA B 332 1.09 25.52 -16.31
N GLY B 333 0.19 26.48 -16.16
CA GLY B 333 0.53 27.87 -16.41
C GLY B 333 0.24 28.32 -17.83
N HIS B 334 -0.38 27.45 -18.62
CA HIS B 334 -0.65 27.72 -20.04
C HIS B 334 -1.05 29.17 -20.22
N PRO B 335 -0.29 29.94 -21.02
CA PRO B 335 -0.49 31.38 -21.09
C PRO B 335 -1.91 31.79 -21.52
N VAL B 336 -2.53 31.05 -22.42
CA VAL B 336 -3.89 31.40 -22.88
C VAL B 336 -4.93 31.09 -21.78
N ALA B 337 -4.78 29.94 -21.10
CA ALA B 337 -5.58 29.67 -19.90
C ALA B 337 -5.38 30.76 -18.82
N MET B 338 -4.17 31.21 -18.61
CA MET B 338 -3.93 32.30 -17.64
C MET B 338 -4.57 33.63 -18.07
N ALA B 339 -4.57 33.90 -19.38
CA ALA B 339 -5.34 35.06 -19.90
C ALA B 339 -6.82 35.00 -19.55
N ALA B 340 -7.42 33.81 -19.69
CA ALA B 340 -8.80 33.55 -19.29
C ALA B 340 -9.03 33.75 -17.77
N VAL B 341 -8.15 33.20 -16.94
CA VAL B 341 -8.24 33.41 -15.50
C VAL B 341 -8.18 34.92 -15.19
N CYS B 342 -7.20 35.63 -15.74
CA CYS B 342 -7.09 37.09 -15.47
C CYS B 342 -8.38 37.81 -15.84
N ALA B 343 -8.90 37.54 -17.04
CA ALA B 343 -10.11 38.23 -17.50
C ALA B 343 -11.33 37.87 -16.65
N ASN B 344 -11.49 36.59 -16.34
CA ASN B 344 -12.60 36.13 -15.50
C ASN B 344 -12.60 36.87 -14.15
N LEU B 345 -11.43 36.93 -13.51
CA LEU B 345 -11.30 37.54 -12.19
C LEU B 345 -11.48 39.08 -12.26
N GLU B 346 -10.94 39.70 -13.30
CA GLU B 346 -11.11 41.15 -13.46
C GLU B 346 -12.58 41.53 -13.62
N VAL B 347 -13.30 40.77 -14.46
CA VAL B 347 -14.74 41.00 -14.63
C VAL B 347 -15.49 40.77 -13.32
N MET B 348 -15.18 39.65 -12.67
CA MET B 348 -15.72 39.34 -11.34
C MET B 348 -15.57 40.48 -10.31
N MET B 349 -14.36 41.01 -10.16
CA MET B 349 -14.11 42.20 -9.32
C MET B 349 -14.80 43.49 -9.79
N GLU B 350 -14.63 43.83 -11.06
CA GLU B 350 -15.16 45.10 -11.55
C GLU B 350 -16.70 45.15 -11.56
N GLU B 351 -17.36 44.01 -11.78
CA GLU B 351 -18.81 44.04 -11.81
C GLU B 351 -19.47 43.53 -10.55
N ASN B 352 -18.67 43.35 -9.49
CA ASN B 352 -19.20 42.93 -8.19
C ASN B 352 -20.03 41.66 -8.22
N PHE B 353 -19.50 40.62 -8.85
CA PHE B 353 -20.23 39.36 -8.94
C PHE B 353 -20.41 38.70 -7.57
N VAL B 354 -19.44 38.89 -6.67
CA VAL B 354 -19.54 38.28 -5.32
C VAL B 354 -20.75 38.88 -4.57
N GLU B 355 -20.89 40.21 -4.63
CA GLU B 355 -22.02 40.89 -3.98
C GLU B 355 -23.33 40.51 -4.64
N GLN B 356 -23.31 40.42 -5.98
CA GLN B 356 -24.49 39.91 -6.72
C GLN B 356 -24.90 38.52 -6.27
N ALA B 357 -23.90 37.67 -6.03
CA ALA B 357 -24.17 36.31 -5.61
C ALA B 357 -24.81 36.34 -4.20
N LYS B 358 -24.24 37.14 -3.29
CA LYS B 358 -24.78 37.21 -1.92
C LYS B 358 -26.28 37.65 -1.96
N ASP B 359 -26.56 38.67 -2.76
CA ASP B 359 -27.91 39.26 -2.90
C ASP B 359 -28.87 38.22 -3.49
N SER B 360 -28.47 37.56 -4.57
CA SER B 360 -29.32 36.52 -5.15
C SER B 360 -29.56 35.32 -4.26
N GLY B 361 -28.56 34.94 -3.45
CA GLY B 361 -28.78 33.88 -2.46
C GLY B 361 -29.88 34.26 -1.45
N GLU B 362 -29.87 35.52 -0.99
CA GLU B 362 -30.91 35.98 -0.06
C GLU B 362 -32.27 35.91 -0.74
N TYR B 363 -32.29 36.23 -2.04
CA TYR B 363 -33.52 36.08 -2.84
C TYR B 363 -33.97 34.63 -2.92
N ILE B 364 -33.05 33.73 -3.28
CA ILE B 364 -33.37 32.29 -3.42
C ILE B 364 -33.87 31.72 -2.08
N ARG B 365 -33.22 32.17 -1.01
CA ARG B 365 -33.62 31.81 0.35
C ARG B 365 -35.11 32.13 0.56
N SER B 366 -35.49 33.37 0.26
CA SER B 366 -36.89 33.76 0.37
C SER B 366 -37.78 32.89 -0.53
N LYS B 367 -37.32 32.54 -1.73
CA LYS B 367 -38.13 31.69 -2.64
C LYS B 367 -38.31 30.27 -2.11
N LEU B 368 -37.25 29.71 -1.54
CA LEU B 368 -37.30 28.35 -0.98
C LEU B 368 -38.16 28.27 0.31
N GLU B 369 -38.20 29.35 1.09
CA GLU B 369 -39.12 29.39 2.26
C GLU B 369 -40.56 29.20 1.80
N LEU B 370 -40.97 29.95 0.78
CA LEU B 370 -42.33 29.81 0.23
C LEU B 370 -42.60 28.40 -0.28
N LEU B 371 -41.66 27.84 -1.05
CA LEU B 371 -41.84 26.48 -1.55
C LEU B 371 -41.95 25.44 -0.43
N GLN B 372 -41.13 25.59 0.61
CA GLN B 372 -41.22 24.70 1.76
C GLN B 372 -42.56 24.77 2.49
N GLU B 373 -43.13 25.98 2.59
CA GLU B 373 -44.47 26.17 3.14
C GLU B 373 -45.51 25.48 2.31
N LYS B 374 -45.31 25.46 1.00
CA LYS B 374 -46.27 24.83 0.11
C LYS B 374 -46.01 23.33 -0.10
N HIS B 375 -44.80 22.86 0.15
CA HIS B 375 -44.47 21.46 -0.17
C HIS B 375 -43.83 20.70 0.98
N LYS B 376 -44.52 19.66 1.46
CA LYS B 376 -44.05 18.91 2.62
C LYS B 376 -42.87 17.97 2.33
N SER B 377 -42.58 17.76 1.05
CA SER B 377 -41.45 16.92 0.66
C SER B 377 -40.14 17.69 0.77
N ILE B 378 -40.22 18.99 0.99
CA ILE B 378 -39.05 19.77 1.43
C ILE B 378 -38.84 19.64 2.94
N GLY B 379 -37.88 18.81 3.34
CA GLY B 379 -37.63 18.60 4.76
C GLY B 379 -36.87 19.75 5.37
N ASN B 380 -35.96 20.33 4.59
CA ASN B 380 -35.10 21.40 5.04
C ASN B 380 -34.33 21.95 3.83
N PHE B 381 -33.73 23.14 3.93
CA PHE B 381 -32.83 23.61 2.88
C PHE B 381 -31.81 24.50 3.53
N ASP B 382 -30.66 24.66 2.90
CA ASP B 382 -29.60 25.49 3.43
C ASP B 382 -28.62 25.86 2.30
N GLY B 383 -27.75 26.84 2.53
CA GLY B 383 -26.85 27.31 1.48
C GLY B 383 -26.56 28.78 1.61
N TYR B 384 -26.10 29.36 0.51
CA TYR B 384 -25.63 30.75 0.46
C TYR B 384 -25.24 31.06 -0.99
N GLY B 385 -25.28 32.33 -1.38
CA GLY B 385 -24.92 32.71 -2.75
C GLY B 385 -25.66 31.86 -3.77
N LEU B 386 -24.95 31.23 -4.73
CA LEU B 386 -25.57 30.27 -5.69
C LEU B 386 -25.18 28.81 -5.46
N LEU B 387 -25.34 28.35 -4.21
CA LEU B 387 -25.05 26.96 -3.90
C LEU B 387 -26.05 26.53 -2.84
N TRP B 388 -27.04 25.73 -3.22
CA TRP B 388 -28.09 25.35 -2.27
C TRP B 388 -28.29 23.85 -2.22
N ILE B 389 -28.52 23.35 -1.01
CA ILE B 389 -29.02 22.01 -0.84
C ILE B 389 -30.50 22.09 -0.42
N VAL B 390 -31.30 21.16 -0.90
CA VAL B 390 -32.66 21.01 -0.44
C VAL B 390 -32.85 19.53 -0.09
N ASP B 391 -33.17 19.24 1.17
CA ASP B 391 -33.40 17.86 1.63
C ASP B 391 -34.79 17.41 1.22
N ILE B 392 -34.85 16.40 0.37
CA ILE B 392 -36.10 15.90 -0.16
C ILE B 392 -36.54 14.69 0.66
N VAL B 393 -37.76 14.76 1.20
CA VAL B 393 -38.29 13.71 2.05
C VAL B 393 -39.68 13.27 1.57
N ASN B 394 -40.06 12.06 1.96
CA ASN B 394 -41.45 11.65 1.86
C ASN B 394 -42.32 12.60 2.72
N ALA B 395 -43.32 13.21 2.07
CA ALA B 395 -44.10 14.29 2.69
C ALA B 395 -44.89 13.82 3.91
N LYS B 396 -45.21 12.52 3.95
CA LYS B 396 -45.99 11.94 5.05
C LYS B 396 -45.16 11.50 6.25
N THR B 397 -44.02 10.86 5.99
CA THR B 397 -43.08 10.46 7.04
C THR B 397 -42.06 11.56 7.43
N LYS B 398 -41.77 12.47 6.50
CA LYS B 398 -40.67 13.42 6.65
C LYS B 398 -39.31 12.71 6.77
N THR B 399 -39.20 11.54 6.13
CA THR B 399 -37.93 10.79 6.06
C THR B 399 -37.57 10.50 4.58
N PRO B 400 -36.25 10.36 4.27
CA PRO B 400 -35.83 10.16 2.87
C PRO B 400 -36.35 8.86 2.25
N TYR B 401 -36.67 8.90 0.97
CA TYR B 401 -37.08 7.72 0.20
C TYR B 401 -35.98 6.70 0.00
N VAL B 402 -34.76 7.16 -0.27
CA VAL B 402 -33.67 6.25 -0.61
C VAL B 402 -32.79 6.05 0.62
N LYS B 403 -32.84 4.85 1.18
CA LYS B 403 -32.25 4.52 2.49
C LYS B 403 -30.72 4.68 2.54
N LEU B 404 -30.03 4.19 1.51
CA LEU B 404 -28.56 4.31 1.44
C LEU B 404 -28.08 5.76 1.33
N ASP B 405 -28.99 6.69 0.96
CA ASP B 405 -28.74 8.13 0.99
C ASP B 405 -27.37 8.44 0.30
N ARG B 406 -26.45 9.11 0.99
CA ARG B 406 -25.17 9.50 0.39
C ARG B 406 -24.21 8.31 0.12
N ASN B 407 -24.52 7.12 0.67
CA ASN B 407 -23.78 5.87 0.36
C ASN B 407 -24.43 5.06 -0.77
N PHE B 408 -25.39 5.64 -1.50
CA PHE B 408 -25.99 4.97 -2.68
C PHE B 408 -24.94 4.77 -3.79
N THR B 409 -25.27 3.99 -4.82
CA THR B 409 -24.47 3.90 -6.03
C THR B 409 -25.37 4.17 -7.27
N HIS B 410 -24.74 4.42 -8.42
CA HIS B 410 -25.50 4.61 -9.68
C HIS B 410 -26.07 3.31 -10.29
N GLY B 411 -25.92 2.18 -9.58
CA GLY B 411 -26.56 0.92 -9.95
C GLY B 411 -28.08 1.00 -9.80
N MET B 412 -28.54 1.88 -8.92
CA MET B 412 -29.98 2.13 -8.71
C MET B 412 -30.72 2.47 -10.02
N ASN B 413 -32.01 2.18 -10.06
CA ASN B 413 -32.85 2.68 -11.13
C ASN B 413 -33.21 4.15 -10.87
N PRO B 414 -32.91 5.03 -11.85
CA PRO B 414 -33.29 6.44 -11.75
C PRO B 414 -34.78 6.70 -11.44
N ASN B 415 -35.68 5.79 -11.83
CA ASN B 415 -37.11 6.02 -11.56
C ASN B 415 -37.49 5.86 -10.07
N GLN B 416 -36.52 5.49 -9.25
CA GLN B 416 -36.70 5.37 -7.81
C GLN B 416 -36.00 6.51 -7.07
N ILE B 417 -35.33 7.38 -7.81
CA ILE B 417 -34.53 8.44 -7.21
C ILE B 417 -35.28 9.77 -7.23
N PRO B 418 -35.68 10.27 -6.04
CA PRO B 418 -36.45 11.52 -5.99
C PRO B 418 -35.84 12.66 -6.82
N THR B 419 -34.51 12.88 -6.74
CA THR B 419 -33.91 13.99 -7.49
C THR B 419 -33.92 13.79 -9.00
N GLN B 420 -33.93 12.52 -9.45
CA GLN B 420 -34.10 12.21 -10.88
C GLN B 420 -35.52 12.52 -11.34
N ILE B 421 -36.48 12.20 -10.48
CA ILE B 421 -37.90 12.47 -10.76
C ILE B 421 -38.14 13.97 -10.91
N ILE B 422 -37.57 14.75 -9.99
CA ILE B 422 -37.70 16.21 -9.98
C ILE B 422 -37.07 16.78 -11.24
N MET B 423 -35.89 16.24 -11.60
CA MET B 423 -35.17 16.71 -12.78
C MET B 423 -36.02 16.49 -14.04
N LYS B 424 -36.56 15.29 -14.15
CA LYS B 424 -37.35 14.90 -15.34
C LYS B 424 -38.57 15.81 -15.50
N LYS B 425 -39.24 16.11 -14.40
CA LYS B 425 -40.43 16.94 -14.47
C LYS B 425 -40.12 18.37 -14.84
N ALA B 426 -39.11 18.95 -14.16
CA ALA B 426 -38.73 20.33 -14.41
C ALA B 426 -38.29 20.53 -15.84
N LEU B 427 -37.78 19.47 -16.46
CA LEU B 427 -37.33 19.55 -17.87
C LEU B 427 -38.49 19.89 -18.84
N GLU B 428 -39.69 19.36 -18.54
CA GLU B 428 -40.88 19.72 -19.33
C GLU B 428 -41.06 21.22 -19.40
N LYS B 429 -40.54 21.93 -18.40
CA LYS B 429 -40.65 23.38 -18.35
C LYS B 429 -39.41 24.09 -18.92
N GLY B 430 -38.53 23.35 -19.59
CA GLY B 430 -37.28 23.92 -20.10
C GLY B 430 -36.27 24.32 -19.03
N VAL B 431 -36.33 23.67 -17.86
CA VAL B 431 -35.43 24.01 -16.75
C VAL B 431 -34.65 22.77 -16.31
N LEU B 432 -33.35 22.96 -16.14
CA LEU B 432 -32.49 21.90 -15.63
C LEU B 432 -32.27 22.19 -14.17
N ILE B 433 -32.77 21.31 -13.32
CA ILE B 433 -32.63 21.46 -11.87
C ILE B 433 -32.83 20.11 -11.19
N GLY B 434 -32.08 19.85 -10.12
CA GLY B 434 -32.11 18.54 -9.46
C GLY B 434 -30.94 18.38 -8.53
N GLY B 435 -30.32 17.20 -8.54
CA GLY B 435 -29.22 16.94 -7.61
C GLY B 435 -28.38 15.76 -8.07
N VAL B 436 -27.24 15.55 -7.42
CA VAL B 436 -26.39 14.38 -7.72
C VAL B 436 -26.57 13.22 -6.73
N MET B 437 -27.00 13.58 -5.51
CA MET B 437 -27.38 12.58 -4.49
C MET B 437 -28.89 12.28 -4.61
N PRO B 438 -29.32 11.10 -4.14
CA PRO B 438 -30.71 10.69 -4.40
C PRO B 438 -31.79 11.50 -3.66
N ASN B 439 -31.48 11.96 -2.45
CA ASN B 439 -32.47 12.64 -1.58
C ASN B 439 -32.22 14.12 -1.38
N THR B 440 -31.33 14.70 -2.19
CA THR B 440 -30.82 16.03 -1.93
C THR B 440 -30.62 16.81 -3.22
N MET B 441 -31.36 17.91 -3.37
CA MET B 441 -31.12 18.86 -4.48
C MET B 441 -29.78 19.56 -4.33
N ARG B 442 -29.15 19.87 -5.45
CA ARG B 442 -27.93 20.66 -5.41
C ARG B 442 -28.13 21.69 -6.52
N ILE B 443 -28.40 22.93 -6.12
CA ILE B 443 -28.87 23.99 -7.01
C ILE B 443 -27.83 25.09 -7.14
N GLY B 444 -27.51 25.45 -8.38
CA GLY B 444 -26.61 26.56 -8.61
C GLY B 444 -26.82 27.16 -9.97
N ALA B 445 -26.53 28.45 -10.12
CA ALA B 445 -26.58 29.12 -11.40
C ALA B 445 -25.36 30.02 -11.50
N SER B 446 -25.28 30.85 -12.54
CA SER B 446 -24.22 31.86 -12.59
C SER B 446 -24.44 32.90 -11.48
N LEU B 447 -23.37 33.51 -11.00
CA LEU B 447 -23.42 34.48 -9.93
C LEU B 447 -24.28 35.69 -10.29
N ASN B 448 -24.33 35.97 -11.60
CA ASN B 448 -25.12 37.08 -12.11
C ASN B 448 -26.49 36.68 -12.64
N VAL B 449 -26.96 35.50 -12.27
CA VAL B 449 -28.28 35.03 -12.69
C VAL B 449 -29.34 36.10 -12.36
N SER B 450 -30.31 36.29 -13.26
CA SER B 450 -31.35 37.31 -13.11
C SER B 450 -32.48 36.80 -12.24
N ARG B 451 -33.23 37.71 -11.63
CA ARG B 451 -34.36 37.33 -10.79
C ARG B 451 -35.38 36.55 -11.60
N GLY B 452 -35.59 36.98 -12.84
CA GLY B 452 -36.57 36.33 -13.71
C GLY B 452 -36.23 34.89 -13.92
N ASP B 453 -34.93 34.62 -14.05
CA ASP B 453 -34.49 33.25 -14.25
C ASP B 453 -34.61 32.46 -12.95
N ILE B 454 -34.28 33.09 -11.83
CA ILE B 454 -34.56 32.45 -10.53
C ILE B 454 -36.05 32.09 -10.39
N ASP B 455 -36.94 33.04 -10.69
CA ASP B 455 -38.41 32.76 -10.63
C ASP B 455 -38.79 31.60 -11.52
N LYS B 456 -38.26 31.60 -12.74
CA LYS B 456 -38.52 30.52 -13.67
C LYS B 456 -38.02 29.15 -13.16
N ALA B 457 -36.81 29.09 -12.61
CA ALA B 457 -36.35 27.80 -12.06
C ALA B 457 -37.24 27.33 -10.88
N MET B 458 -37.59 28.26 -9.98
CA MET B 458 -38.37 27.94 -8.77
C MET B 458 -39.81 27.48 -9.11
N ASP B 459 -40.37 28.12 -10.11
CA ASP B 459 -41.59 27.69 -10.76
C ASP B 459 -41.54 26.24 -11.24
N ALA B 460 -40.48 25.90 -11.99
CA ALA B 460 -40.32 24.54 -12.48
C ALA B 460 -40.24 23.54 -11.32
N LEU B 461 -39.52 23.91 -10.26
CA LEU B 461 -39.40 23.08 -9.08
C LEU B 461 -40.78 22.93 -8.38
N ASP B 462 -41.55 24.02 -8.33
CA ASP B 462 -42.92 24.01 -7.74
C ASP B 462 -43.69 22.88 -8.41
N TYR B 463 -43.75 22.95 -9.74
CA TYR B 463 -44.37 21.93 -10.60
C TYR B 463 -43.85 20.51 -10.35
N ALA B 464 -42.52 20.36 -10.29
CA ALA B 464 -41.91 19.07 -10.07
C ALA B 464 -42.35 18.48 -8.73
N LEU B 465 -42.29 19.29 -7.68
CA LEU B 465 -42.67 18.84 -6.33
C LEU B 465 -44.16 18.46 -6.18
N ASP B 466 -45.06 19.23 -6.82
CA ASP B 466 -46.45 18.79 -6.99
C ASP B 466 -46.46 17.35 -7.47
N TYR B 467 -45.80 17.10 -8.59
CA TYR B 467 -45.76 15.76 -9.12
C TYR B 467 -45.13 14.73 -8.14
N LEU B 468 -44.01 15.09 -7.48
CA LEU B 468 -43.42 14.18 -6.49
C LEU B 468 -44.45 13.82 -5.42
N GLU B 469 -45.21 14.82 -4.97
CA GLU B 469 -46.10 14.68 -3.82
C GLU B 469 -47.44 14.00 -4.17
N SER B 470 -47.71 13.79 -5.46
CA SER B 470 -48.85 12.96 -5.87
C SER B 470 -48.48 11.48 -5.74
N GLY B 471 -47.18 11.18 -5.82
CA GLY B 471 -46.68 9.81 -5.68
C GLY B 471 -46.83 8.91 -6.90
N GLU B 472 -47.43 9.45 -7.97
CA GLU B 472 -47.74 8.70 -9.20
C GLU B 472 -46.58 7.86 -9.73
N TRP B 473 -45.37 8.41 -9.65
CA TRP B 473 -44.13 7.76 -10.09
C TRP B 473 -43.89 6.37 -9.48
N LYS C 7 23.99 -25.84 39.93
CA LYS C 7 24.54 -24.50 40.30
C LYS C 7 24.43 -23.50 39.15
N ILE C 8 24.02 -22.29 39.50
CA ILE C 8 23.91 -21.21 38.52
C ILE C 8 24.60 -19.98 39.07
N ASN C 9 25.48 -19.43 38.26
CA ASN C 9 26.03 -18.13 38.54
C ASN C 9 25.07 -17.03 38.03
N TRP C 10 24.21 -16.54 38.91
CA TRP C 10 23.21 -15.54 38.51
C TRP C 10 23.76 -14.17 38.18
N GLU C 11 24.97 -13.87 38.67
CA GLU C 11 25.68 -12.64 38.31
C GLU C 11 26.14 -12.68 36.88
N GLN C 12 26.65 -13.83 36.47
CA GLN C 12 27.02 -14.04 35.09
C GLN C 12 25.77 -13.99 34.17
N VAL C 13 24.66 -14.56 34.63
CA VAL C 13 23.40 -14.51 33.88
C VAL C 13 22.97 -13.05 33.65
N LYS C 14 23.02 -12.24 34.71
CA LYS C 14 22.66 -10.82 34.59
C LYS C 14 23.57 -10.08 33.64
N GLU C 15 24.86 -10.45 33.67
CA GLU C 15 25.83 -9.85 32.79
C GLU C 15 25.53 -10.17 31.31
N TRP C 16 25.23 -11.43 31.01
CA TRP C 16 24.89 -11.88 29.65
C TRP C 16 23.53 -11.30 29.19
N ASP C 17 22.59 -11.25 30.13
CA ASP C 17 21.30 -10.62 29.87
C ASP C 17 21.45 -9.16 29.44
N ARG C 18 22.25 -8.38 30.17
CA ARG C 18 22.45 -6.96 29.86
C ARG C 18 23.10 -6.77 28.51
N LYS C 19 24.14 -7.55 28.29
CA LYS C 19 25.06 -7.39 27.19
C LYS C 19 24.59 -7.96 25.82
N TYR C 20 23.89 -9.10 25.86
CA TYR C 20 23.67 -9.90 24.65
C TYR C 20 22.21 -9.99 24.20
N LEU C 21 21.30 -9.45 25.01
CA LEU C 21 19.85 -9.50 24.72
C LEU C 21 19.31 -8.13 24.35
N MET C 22 18.55 -8.06 23.25
CA MET C 22 17.87 -6.81 22.89
C MET C 22 16.86 -6.43 23.95
N ARG C 23 16.83 -5.13 24.25
CA ARG C 23 15.93 -4.55 25.22
C ARG C 23 14.55 -4.30 24.60
N THR C 24 13.50 -4.43 25.41
CA THR C 24 12.17 -3.96 25.01
C THR C 24 11.58 -3.20 26.17
N PHE C 25 10.85 -2.14 25.83
CA PHE C 25 10.18 -1.25 26.82
C PHE C 25 11.11 -0.33 27.66
N SER C 26 12.31 -0.82 27.98
CA SER C 26 13.36 -0.07 28.69
C SER C 26 14.51 0.20 27.79
N THR C 27 15.09 1.39 27.93
CA THR C 27 16.41 1.64 27.35
C THR C 27 17.43 0.79 28.12
N GLN C 28 18.57 0.54 27.48
CA GLN C 28 19.68 -0.12 28.13
C GLN C 28 20.11 0.71 29.35
N ASN C 29 20.04 2.03 29.22
CA ASN C 29 20.48 2.92 30.27
C ASN C 29 19.71 2.70 31.56
N GLU C 30 18.38 2.64 31.46
CA GLU C 30 17.53 2.49 32.63
C GLU C 30 17.29 1.02 33.03
N TYR C 31 17.75 0.08 32.23
CA TYR C 31 17.38 -1.33 32.43
C TYR C 31 17.99 -1.95 33.69
N GLN C 32 17.15 -2.65 34.44
CA GLN C 32 17.64 -3.58 35.48
C GLN C 32 17.07 -4.97 35.21
N PRO C 33 17.95 -6.00 35.05
CA PRO C 33 17.39 -7.36 34.88
C PRO C 33 16.62 -7.83 36.12
N VAL C 34 15.60 -8.67 35.90
CA VAL C 34 14.75 -9.25 36.96
C VAL C 34 14.79 -10.79 36.84
N PRO C 35 15.80 -11.43 37.47
CA PRO C 35 15.94 -12.88 37.32
C PRO C 35 14.83 -13.63 38.03
N ILE C 36 14.24 -14.60 37.33
CA ILE C 36 13.33 -15.57 37.96
C ILE C 36 13.98 -16.94 37.82
N GLU C 37 14.19 -17.64 38.94
CA GLU C 37 14.87 -18.94 38.89
C GLU C 37 13.89 -20.10 38.64
N SER C 38 12.67 -19.97 39.17
CA SER C 38 11.65 -21.03 38.96
C SER C 38 10.26 -20.45 39.22
N THR C 39 9.22 -21.23 38.94
CA THR C 39 7.86 -20.75 39.20
C THR C 39 7.01 -21.88 39.75
N GLU C 40 5.87 -21.56 40.36
CA GLU C 40 4.94 -22.57 40.85
C GLU C 40 3.61 -21.93 41.26
N GLY C 41 2.53 -22.49 40.76
CA GLY C 41 1.17 -21.97 40.97
C GLY C 41 1.02 -20.53 40.48
N ASP C 42 0.76 -19.62 41.42
CA ASP C 42 0.68 -18.19 41.09
C ASP C 42 1.92 -17.39 41.49
N TYR C 43 3.04 -18.10 41.76
CA TYR C 43 4.30 -17.51 42.26
C TYR C 43 5.49 -17.63 41.33
N LEU C 44 6.31 -16.58 41.35
CA LEU C 44 7.60 -16.58 40.71
C LEU C 44 8.62 -16.57 41.86
N ILE C 45 9.75 -17.24 41.65
CA ILE C 45 10.77 -17.39 42.67
C ILE C 45 12.08 -16.88 42.11
N MET C 46 12.63 -15.85 42.77
CA MET C 46 13.88 -15.21 42.37
C MET C 46 15.04 -16.08 42.84
N PRO C 47 16.26 -15.81 42.35
CA PRO C 47 17.39 -16.67 42.73
C PRO C 47 17.65 -16.72 44.25
N ASP C 48 17.39 -15.61 44.94
CA ASP C 48 17.61 -15.53 46.38
C ASP C 48 16.44 -16.10 47.21
N GLY C 49 15.45 -16.67 46.53
CA GLY C 49 14.30 -17.26 47.22
C GLY C 49 13.13 -16.33 47.42
N THR C 50 13.27 -15.05 47.10
CA THR C 50 12.10 -14.14 47.13
C THR C 50 10.94 -14.69 46.27
N ARG C 51 9.76 -14.81 46.87
CA ARG C 51 8.58 -15.32 46.18
C ARG C 51 7.63 -14.17 45.81
N LEU C 52 7.26 -14.07 44.53
CA LEU C 52 6.38 -12.99 44.06
C LEU C 52 5.02 -13.51 43.58
N LEU C 53 3.95 -12.96 44.15
CA LEU C 53 2.62 -13.33 43.76
C LEU C 53 2.26 -12.49 42.53
N ASP C 54 2.08 -13.20 41.42
CA ASP C 54 1.97 -12.58 40.10
C ASP C 54 0.52 -12.40 39.72
N PHE C 55 -0.04 -11.23 40.00
CA PHE C 55 -1.38 -10.92 39.52
C PHE C 55 -1.36 -10.19 38.16
N PHE C 56 -0.36 -10.52 37.34
CA PHE C 56 -0.48 -10.36 35.87
C PHE C 56 -0.65 -11.71 35.15
N ASN C 57 -0.45 -12.80 35.89
CA ASN C 57 -0.40 -14.15 35.31
C ASN C 57 0.50 -14.12 34.05
N GLN C 58 1.67 -13.49 34.21
CA GLN C 58 2.61 -13.14 33.15
C GLN C 58 1.93 -12.20 32.16
N LEU C 59 1.28 -12.76 31.13
CA LEU C 59 0.53 -11.97 30.15
C LEU C 59 -0.87 -12.52 30.03
N TYR C 60 -1.49 -12.76 31.19
CA TYR C 60 -2.84 -13.33 31.27
C TYR C 60 -2.85 -14.64 30.51
N CYS C 61 -1.80 -15.45 30.66
CA CYS C 61 -1.58 -16.56 29.75
C CYS C 61 -1.11 -17.85 30.39
N VAL C 62 -1.10 -17.91 31.71
CA VAL C 62 -0.66 -19.14 32.40
C VAL C 62 -1.90 -19.64 33.14
N ASN C 63 -2.95 -19.88 32.38
CA ASN C 63 -4.27 -20.12 32.92
C ASN C 63 -4.31 -21.28 33.95
N LEU C 64 -3.65 -22.38 33.61
CA LEU C 64 -3.66 -23.59 34.46
C LEU C 64 -2.85 -23.46 35.77
N GLY C 65 -2.00 -22.43 35.82
CA GLY C 65 -1.11 -22.23 36.95
C GLY C 65 0.27 -22.56 36.46
N GLN C 66 1.28 -21.96 37.07
CA GLN C 66 2.67 -22.18 36.69
C GLN C 66 3.15 -23.61 37.02
N LYS C 67 3.80 -24.22 36.03
CA LYS C 67 4.49 -25.51 36.19
C LYS C 67 3.55 -26.61 36.72
N ASN C 68 2.46 -26.86 35.98
CA ASN C 68 1.53 -27.92 36.36
C ASN C 68 2.16 -29.28 36.17
N GLN C 69 2.05 -30.13 37.20
CA GLN C 69 2.79 -31.42 37.19
C GLN C 69 2.28 -32.42 36.15
N LYS C 70 0.96 -32.44 35.95
CA LYS C 70 0.36 -33.29 34.95
C LYS C 70 0.81 -32.83 33.56
N VAL C 71 0.79 -31.53 33.32
CA VAL C 71 1.23 -31.04 32.01
C VAL C 71 2.70 -31.34 31.76
N ASN C 72 3.54 -31.02 32.72
CA ASN C 72 4.96 -31.34 32.59
C ASN C 72 5.22 -32.84 32.41
N ALA C 73 4.49 -33.69 33.15
CA ALA C 73 4.58 -35.15 32.95
C ALA C 73 4.23 -35.54 31.51
N ALA C 74 3.15 -34.94 30.98
CA ALA C 74 2.73 -35.22 29.59
C ALA C 74 3.78 -34.83 28.55
N ILE C 75 4.46 -33.70 28.77
CA ILE C 75 5.54 -33.26 27.85
C ILE C 75 6.70 -34.26 27.90
N LYS C 76 7.06 -34.73 29.09
CA LYS C 76 8.13 -35.73 29.21
C LYS C 76 7.79 -37.02 28.46
N GLU C 77 6.55 -37.52 28.58
CA GLU C 77 6.08 -38.68 27.80
C GLU C 77 6.21 -38.46 26.31
N ALA C 78 5.80 -37.28 25.83
CA ALA C 78 5.93 -36.97 24.42
C ALA C 78 7.40 -37.05 23.95
N LEU C 79 8.32 -36.60 24.81
CA LEU C 79 9.76 -36.59 24.52
C LEU C 79 10.38 -38.00 24.43
N ASP C 80 9.66 -39.02 24.90
CA ASP C 80 10.09 -40.39 24.65
C ASP C 80 9.83 -40.82 23.22
N ARG C 81 8.88 -40.16 22.56
CA ARG C 81 8.53 -40.56 21.19
C ARG C 81 9.04 -39.58 20.12
N TYR C 82 9.05 -38.29 20.44
CA TYR C 82 9.44 -37.26 19.47
C TYR C 82 10.57 -36.43 20.07
N GLY C 83 11.35 -35.75 19.24
CA GLY C 83 11.21 -35.76 17.79
C GLY C 83 10.50 -34.52 17.26
N PHE C 84 10.47 -34.43 15.95
CA PHE C 84 9.70 -33.40 15.28
C PHE C 84 9.21 -33.93 13.95
N VAL C 85 7.91 -33.77 13.69
CA VAL C 85 7.39 -33.84 12.29
C VAL C 85 6.58 -32.57 11.95
N TRP C 86 6.61 -32.14 10.70
CA TRP C 86 5.83 -30.96 10.32
C TRP C 86 4.40 -31.35 9.89
N ASP C 87 3.59 -30.34 9.56
CA ASP C 87 2.13 -30.46 9.49
C ASP C 87 1.65 -31.48 8.47
N THR C 88 2.48 -31.79 7.48
CA THR C 88 2.13 -32.78 6.47
C THR C 88 1.94 -34.18 7.04
N TYR C 89 2.52 -34.44 8.22
CA TYR C 89 2.44 -35.74 8.89
C TYR C 89 1.43 -35.72 10.05
N ALA C 90 0.75 -36.84 10.27
CA ALA C 90 -0.31 -36.92 11.29
C ALA C 90 0.29 -37.47 12.59
N THR C 91 -0.11 -36.93 13.73
CA THR C 91 0.25 -37.47 15.07
C THR C 91 -1.01 -37.55 15.91
N ASP C 92 -0.96 -38.38 16.95
CA ASP C 92 -2.06 -38.52 17.87
C ASP C 92 -2.27 -37.19 18.59
N TYR C 93 -1.18 -36.53 19.01
CA TYR C 93 -1.33 -35.32 19.81
C TYR C 93 -2.05 -34.18 19.10
N LYS C 94 -1.67 -33.94 17.86
CA LYS C 94 -2.28 -32.88 17.05
C LYS C 94 -3.77 -33.19 16.69
N ALA C 95 -4.06 -34.42 16.29
CA ALA C 95 -5.44 -34.82 16.01
C ALA C 95 -6.32 -34.69 17.26
N LYS C 96 -5.83 -35.16 18.38
CA LYS C 96 -6.57 -35.11 19.64
C LYS C 96 -6.80 -33.69 20.12
N ALA C 97 -5.79 -32.84 20.00
CA ALA C 97 -5.94 -31.45 20.46
C ALA C 97 -7.09 -30.79 19.72
N ALA C 98 -7.16 -31.01 18.39
CA ALA C 98 -8.26 -30.44 17.58
C ALA C 98 -9.61 -31.04 18.01
N LYS C 99 -9.61 -32.37 18.22
CA LYS C 99 -10.80 -33.08 18.71
C LYS C 99 -11.31 -32.56 20.04
N ILE C 100 -10.42 -32.38 21.03
CA ILE C 100 -10.81 -31.83 22.34
C ILE C 100 -11.52 -30.46 22.18
N ILE C 101 -10.95 -29.61 21.33
CA ILE C 101 -11.55 -28.28 21.13
C ILE C 101 -12.95 -28.39 20.53
N ILE C 102 -13.07 -29.13 19.43
CA ILE C 102 -14.33 -29.13 18.65
C ILE C 102 -15.42 -30.03 19.30
N GLU C 103 -15.02 -31.23 19.71
CA GLU C 103 -15.97 -32.20 20.25
C GLU C 103 -16.24 -32.02 21.74
N ASP C 104 -15.19 -31.76 22.52
CA ASP C 104 -15.34 -31.75 23.98
C ASP C 104 -15.69 -30.37 24.53
N ILE C 105 -14.86 -29.38 24.25
CA ILE C 105 -15.15 -28.02 24.74
C ILE C 105 -16.32 -27.40 24.00
N LEU C 106 -16.35 -27.50 22.67
CA LEU C 106 -17.40 -26.83 21.87
C LEU C 106 -18.46 -27.77 21.34
N GLY C 107 -18.55 -28.98 21.95
CA GLY C 107 -19.50 -30.01 21.49
C GLY C 107 -20.97 -29.58 21.47
N ASP C 108 -21.30 -28.55 22.24
CA ASP C 108 -22.69 -28.09 22.34
C ASP C 108 -23.02 -26.99 21.29
N GLU C 109 -22.03 -26.63 20.45
CA GLU C 109 -22.20 -25.58 19.43
C GLU C 109 -22.02 -26.16 18.02
N ASP C 110 -22.78 -25.64 17.05
CA ASP C 110 -22.76 -26.16 15.67
C ASP C 110 -21.77 -25.50 14.73
N TRP C 111 -21.28 -24.32 15.10
CA TRP C 111 -20.43 -23.57 14.16
C TRP C 111 -19.02 -24.17 13.92
N PRO C 112 -18.37 -24.78 14.94
CA PRO C 112 -16.97 -25.21 14.76
C PRO C 112 -16.74 -26.20 13.63
N GLY C 113 -15.76 -25.93 12.76
CA GLY C 113 -15.48 -26.81 11.63
C GLY C 113 -14.11 -27.49 11.73
N LYS C 114 -13.05 -26.70 11.62
CA LYS C 114 -11.68 -27.26 11.57
C LYS C 114 -10.70 -26.32 12.22
N VAL C 115 -9.60 -26.88 12.72
CA VAL C 115 -8.53 -26.10 13.38
C VAL C 115 -7.26 -26.14 12.56
N ARG C 116 -6.53 -25.03 12.54
CA ARG C 116 -5.11 -25.10 12.14
C ARG C 116 -4.29 -24.67 13.34
N PHE C 117 -3.29 -25.46 13.71
CA PHE C 117 -2.37 -25.10 14.81
C PHE C 117 -1.16 -24.37 14.27
N VAL C 118 -0.70 -23.35 14.99
CA VAL C 118 0.56 -22.67 14.69
C VAL C 118 1.25 -22.46 16.04
N SER C 119 2.25 -21.59 16.12
CA SER C 119 3.07 -21.49 17.33
C SER C 119 2.76 -20.34 18.29
N THR C 120 2.11 -19.26 17.83
CA THR C 120 1.91 -18.12 18.69
C THR C 120 0.55 -17.49 18.39
N GLY C 121 0.08 -16.62 19.28
CA GLY C 121 -1.17 -15.88 18.97
C GLY C 121 -1.11 -14.98 17.71
N SER C 122 0.03 -14.32 17.49
CA SER C 122 0.20 -13.48 16.29
C SER C 122 0.06 -14.34 15.02
N GLU C 123 0.67 -15.54 15.02
CA GLU C 123 0.55 -16.47 13.92
C GLU C 123 -0.88 -16.93 13.74
N ALA C 124 -1.61 -17.14 14.85
CA ALA C 124 -3.01 -17.51 14.74
C ALA C 124 -3.80 -16.38 14.06
N VAL C 125 -3.53 -15.14 14.45
CA VAL C 125 -4.23 -13.96 13.84
C VAL C 125 -3.89 -13.80 12.36
N GLU C 126 -2.60 -13.98 12.02
CA GLU C 126 -2.14 -13.90 10.64
C GLU C 126 -2.95 -14.91 9.82
N THR C 127 -3.07 -16.12 10.39
CA THR C 127 -3.78 -17.22 9.70
C THR C 127 -5.24 -16.88 9.52
N ALA C 128 -5.87 -16.34 10.58
CA ALA C 128 -7.28 -16.02 10.48
C ALA C 128 -7.54 -14.93 9.44
N LEU C 129 -6.66 -13.93 9.38
CA LEU C 129 -6.81 -12.87 8.38
C LEU C 129 -6.73 -13.46 6.99
N ASN C 130 -5.79 -14.39 6.77
CA ASN C 130 -5.58 -14.96 5.43
C ASN C 130 -6.80 -15.75 4.98
N ILE C 131 -7.33 -16.58 5.87
CA ILE C 131 -8.49 -17.40 5.61
C ILE C 131 -9.75 -16.54 5.34
N ALA C 132 -9.99 -15.51 6.15
CA ALA C 132 -11.18 -14.71 5.97
C ALA C 132 -11.15 -14.03 4.60
N ARG C 133 -9.98 -13.54 4.21
CA ARG C 133 -9.81 -12.84 2.94
C ARG C 133 -9.94 -13.82 1.79
N LEU C 134 -9.36 -15.03 1.93
CA LEU C 134 -9.53 -16.05 0.89
C LEU C 134 -10.98 -16.51 0.74
N TYR C 135 -11.67 -16.74 1.86
CA TYR C 135 -13.03 -17.25 1.81
C TYR C 135 -13.97 -16.23 1.13
N THR C 136 -13.84 -14.97 1.51
CA THR C 136 -14.71 -13.91 0.97
C THR C 136 -14.24 -13.41 -0.39
N ASN C 137 -13.00 -13.74 -0.72
CA ASN C 137 -12.30 -13.08 -1.81
C ASN C 137 -12.37 -11.54 -1.70
N ARG C 138 -12.16 -11.01 -0.49
CA ARG C 138 -12.20 -9.55 -0.25
C ARG C 138 -11.00 -9.05 0.59
N PRO C 139 -10.57 -7.78 0.36
CA PRO C 139 -9.31 -7.36 1.02
C PRO C 139 -9.42 -6.70 2.40
N LEU C 140 -10.52 -5.99 2.69
CA LEU C 140 -10.54 -5.13 3.86
C LEU C 140 -10.94 -5.84 5.12
N VAL C 141 -10.30 -5.47 6.20
CA VAL C 141 -10.70 -5.96 7.52
C VAL C 141 -10.91 -4.78 8.42
N VAL C 142 -12.00 -4.81 9.19
CA VAL C 142 -12.33 -3.70 10.09
C VAL C 142 -11.83 -4.06 11.50
N THR C 143 -11.03 -3.20 12.13
CA THR C 143 -10.65 -3.42 13.55
C THR C 143 -11.24 -2.28 14.41
N ARG C 144 -10.83 -2.17 15.69
CA ARG C 144 -11.32 -1.07 16.51
C ARG C 144 -10.14 -0.33 17.16
N GLU C 145 -10.36 0.94 17.44
CA GLU C 145 -9.46 1.72 18.26
C GLU C 145 -9.16 0.97 19.58
N HIS C 146 -7.87 0.89 19.89
CA HIS C 146 -7.32 0.23 21.10
C HIS C 146 -7.21 -1.28 21.02
N ASP C 147 -7.57 -1.90 19.89
CA ASP C 147 -7.47 -3.34 19.75
C ASP C 147 -6.02 -3.74 19.70
N TYR C 148 -5.72 -4.89 20.31
CA TYR C 148 -4.41 -5.49 20.19
C TYR C 148 -4.59 -6.91 19.66
N HIS C 149 -3.96 -7.22 18.52
CA HIS C 149 -4.12 -8.55 17.89
C HIS C 149 -2.79 -9.20 17.54
N GLY C 150 -1.70 -8.68 18.08
CA GLY C 150 -0.35 -9.22 17.85
C GLY C 150 0.60 -8.30 17.12
N TRP C 151 1.81 -8.78 16.83
CA TRP C 151 2.91 -7.87 16.51
C TRP C 151 3.57 -8.09 15.14
N THR C 152 3.36 -9.27 14.57
CA THR C 152 3.87 -9.58 13.23
C THR C 152 3.12 -8.75 12.18
N GLY C 153 3.74 -8.60 10.99
CA GLY C 153 3.30 -7.63 9.95
C GLY C 153 1.78 -7.63 9.67
N GLY C 154 1.17 -8.81 9.55
CA GLY C 154 -0.28 -8.87 9.28
C GLY C 154 -1.15 -8.60 10.49
N ALA C 155 -0.84 -9.27 11.60
CA ALA C 155 -1.55 -9.03 12.86
C ALA C 155 -1.41 -7.59 13.36
N ALA C 156 -0.25 -6.96 13.16
CA ALA C 156 -0.07 -5.56 13.61
C ALA C 156 -0.96 -4.58 12.84
N THR C 157 -1.29 -4.90 11.59
CA THR C 157 -2.15 -3.98 10.81
C THR C 157 -3.51 -3.78 11.50
N VAL C 158 -4.01 -4.79 12.20
CA VAL C 158 -5.31 -4.63 12.90
C VAL C 158 -5.10 -4.30 14.41
N THR C 159 -3.84 -4.10 14.79
CA THR C 159 -3.52 -3.63 16.13
C THR C 159 -3.54 -2.10 16.11
N ARG C 160 -4.50 -1.52 16.83
CA ARG C 160 -4.60 -0.05 16.90
C ARG C 160 -4.40 0.45 18.33
N LEU C 161 -3.37 -0.09 18.97
CA LEU C 161 -3.00 0.36 20.30
C LEU C 161 -1.63 1.00 20.16
N ARG C 162 -1.65 2.33 20.21
CA ARG C 162 -0.51 3.18 19.81
C ARG C 162 0.81 2.78 20.47
N SER C 163 0.72 2.41 21.75
CA SER C 163 1.92 2.14 22.56
C SER C 163 2.49 0.71 22.39
N TYR C 164 1.91 -0.09 21.50
CA TYR C 164 2.30 -1.50 21.37
C TYR C 164 2.49 -1.92 19.93
N ARG C 165 2.94 -0.98 19.10
CA ARG C 165 3.09 -1.22 17.65
C ARG C 165 4.55 -1.39 17.19
N SER C 166 5.40 -1.86 18.10
CA SER C 166 6.80 -2.17 17.81
C SER C 166 7.66 -1.01 17.32
N GLY C 167 7.19 0.22 17.57
CA GLY C 167 7.95 1.40 17.25
C GLY C 167 8.91 1.75 18.38
N LEU C 168 9.61 2.88 18.20
CA LEU C 168 10.56 3.37 19.19
C LEU C 168 10.04 4.65 19.81
N VAL C 169 10.28 4.78 21.12
CA VAL C 169 10.01 6.03 21.83
C VAL C 169 11.20 6.37 22.76
N GLY C 170 11.20 7.60 23.28
CA GLY C 170 12.35 8.11 24.03
C GLY C 170 12.28 7.74 25.50
N GLU C 171 13.37 7.98 26.22
CA GLU C 171 13.39 7.79 27.67
C GLU C 171 12.84 9.03 28.38
N ASN C 172 11.62 8.94 28.92
CA ASN C 172 11.01 10.07 29.66
C ASN C 172 11.01 11.34 28.85
N SER C 173 10.80 11.19 27.55
CA SER C 173 10.62 12.30 26.64
C SER C 173 9.59 11.79 25.64
N GLU C 174 8.60 12.63 25.31
CA GLU C 174 7.60 12.24 24.31
C GLU C 174 7.77 12.98 22.99
N SER C 175 8.99 13.47 22.77
CA SER C 175 9.37 14.13 21.53
C SER C 175 10.08 13.19 20.55
N PHE C 176 10.14 11.90 20.88
CA PHE C 176 11.03 11.00 20.15
C PHE C 176 10.35 9.80 19.50
N SER C 177 9.05 9.91 19.18
CA SER C 177 8.32 8.83 18.49
C SER C 177 8.95 8.44 17.12
N ALA C 178 9.42 7.20 16.95
CA ALA C 178 9.69 6.64 15.59
C ALA C 178 8.86 5.39 15.31
N GLN C 179 7.99 5.46 14.32
CA GLN C 179 7.17 4.31 13.92
C GLN C 179 7.95 3.57 12.86
N ILE C 180 7.71 2.27 12.72
CA ILE C 180 8.41 1.45 11.70
C ILE C 180 8.09 1.94 10.28
N PRO C 181 9.11 2.44 9.55
CA PRO C 181 8.87 2.93 8.19
C PRO C 181 8.35 1.82 7.29
N GLY C 182 7.30 2.15 6.53
CA GLY C 182 6.76 1.21 5.54
C GLY C 182 5.68 0.32 6.17
N SER C 183 5.54 0.40 7.50
CA SER C 183 4.59 -0.36 8.34
C SER C 183 3.95 0.46 9.47
N SER C 184 3.51 1.69 9.21
CA SER C 184 2.93 2.54 10.29
C SER C 184 1.44 2.78 10.11
N TYR C 185 0.91 2.32 8.97
CA TYR C 185 -0.50 2.42 8.65
C TYR C 185 -0.66 1.34 7.60
N ASN C 186 -1.90 0.87 7.41
CA ASN C 186 -2.29 -0.04 6.33
C ASN C 186 -3.68 0.25 5.80
N SER C 187 -3.72 0.44 4.48
CA SER C 187 -4.94 0.72 3.77
C SER C 187 -5.87 -0.50 3.66
N ALA C 188 -5.37 -1.71 3.98
CA ALA C 188 -6.27 -2.87 3.94
C ALA C 188 -7.06 -3.10 5.24
N VAL C 189 -6.94 -2.13 6.14
CA VAL C 189 -7.58 -2.20 7.44
C VAL C 189 -8.31 -0.89 7.66
N LEU C 190 -9.51 -0.93 8.21
CA LEU C 190 -10.25 0.26 8.63
C LEU C 190 -10.39 0.20 10.14
N MET C 191 -10.07 1.30 10.80
CA MET C 191 -10.21 1.37 12.24
C MET C 191 -11.57 1.95 12.64
N ALA C 192 -12.45 1.11 13.18
CA ALA C 192 -13.74 1.62 13.71
C ALA C 192 -13.54 2.15 15.14
N PRO C 193 -14.49 2.97 15.64
CA PRO C 193 -14.25 3.54 16.98
C PRO C 193 -14.37 2.50 18.11
N SER C 194 -13.78 2.84 19.24
CA SER C 194 -13.89 2.03 20.44
C SER C 194 -15.37 1.82 20.79
N PRO C 195 -15.73 0.62 21.28
CA PRO C 195 -17.12 0.45 21.75
C PRO C 195 -17.42 1.41 22.91
N ASN C 196 -16.38 1.92 23.53
CA ASN C 196 -16.47 2.67 24.78
C ASN C 196 -16.58 4.20 24.61
N MET C 197 -16.67 4.68 23.37
CA MET C 197 -16.54 6.12 23.10
C MET C 197 -17.85 6.90 23.00
N PHE C 198 -18.97 6.20 23.09
CA PHE C 198 -20.27 6.86 22.90
C PHE C 198 -21.14 6.79 24.17
N GLN C 199 -20.64 7.44 25.21
CA GLN C 199 -21.40 7.68 26.43
C GLN C 199 -21.75 9.16 26.43
N ASP C 200 -22.82 9.54 27.12
CA ASP C 200 -23.06 10.96 27.37
C ASP C 200 -22.42 11.33 28.69
N SER C 201 -22.47 12.62 29.03
CA SER C 201 -21.84 13.12 30.27
C SER C 201 -22.33 12.49 31.59
N ASP C 202 -23.49 11.83 31.56
CA ASP C 202 -24.02 11.09 32.73
C ASP C 202 -23.64 9.61 32.75
N GLY C 203 -22.89 9.14 31.76
CA GLY C 203 -22.51 7.73 31.67
C GLY C 203 -23.53 6.81 31.01
N ASN C 204 -24.51 7.39 30.33
CA ASN C 204 -25.52 6.61 29.64
C ASN C 204 -25.07 6.35 28.22
N LEU C 205 -25.47 5.20 27.64
CA LEU C 205 -25.04 4.79 26.29
C LEU C 205 -25.85 5.45 25.17
N LEU C 206 -25.16 5.91 24.14
CA LEU C 206 -25.83 6.53 22.99
C LEU C 206 -26.26 5.48 21.98
N LYS C 207 -27.48 5.63 21.48
CA LYS C 207 -28.04 4.66 20.56
C LYS C 207 -28.71 5.40 19.43
N ASP C 208 -28.83 4.80 18.27
CA ASP C 208 -29.64 5.45 17.22
C ASP C 208 -31.13 5.18 17.45
N GLU C 209 -31.96 5.73 16.56
CA GLU C 209 -33.40 5.55 16.59
C GLU C 209 -33.85 4.07 16.48
N ASN C 210 -32.99 3.21 15.93
CA ASN C 210 -33.31 1.79 15.87
C ASN C 210 -32.82 0.98 17.08
N GLY C 211 -32.24 1.66 18.08
CA GLY C 211 -31.70 0.97 19.25
C GLY C 211 -30.31 0.37 19.09
N GLU C 212 -29.64 0.68 17.98
CA GLU C 212 -28.28 0.20 17.75
C GLU C 212 -27.28 1.15 18.46
N LEU C 213 -26.33 0.59 19.20
CA LEU C 213 -25.26 1.41 19.80
C LEU C 213 -24.59 2.23 18.70
N LEU C 214 -24.28 3.50 18.98
CA LEU C 214 -23.61 4.36 18.00
C LEU C 214 -22.28 3.81 17.51
N SER C 215 -21.51 3.14 18.36
CA SER C 215 -20.24 2.51 17.89
C SER C 215 -20.50 1.50 16.77
N VAL C 216 -21.55 0.68 16.93
CA VAL C 216 -21.96 -0.31 15.93
C VAL C 216 -22.52 0.39 14.70
N LYS C 217 -23.36 1.39 14.90
CA LYS C 217 -23.93 2.13 13.76
C LYS C 217 -22.84 2.81 12.94
N TYR C 218 -21.87 3.41 13.62
CA TYR C 218 -20.74 4.02 12.91
C TYR C 218 -19.95 2.97 12.09
N THR C 219 -19.77 1.81 12.70
CA THR C 219 -19.01 0.74 12.06
C THR C 219 -19.75 0.28 10.79
N ARG C 220 -21.07 0.13 10.93
CA ARG C 220 -21.96 -0.17 9.80
C ARG C 220 -21.79 0.85 8.67
N ARG C 221 -21.81 2.13 9.00
CA ARG C 221 -21.64 3.19 7.97
C ARG C 221 -20.29 3.13 7.26
N MET C 222 -19.22 2.92 8.04
CA MET C 222 -17.90 2.72 7.46
C MET C 222 -17.89 1.60 6.41
N ILE C 223 -18.51 0.46 6.75
CA ILE C 223 -18.52 -0.67 5.84
C ILE C 223 -19.36 -0.35 4.57
N GLU C 224 -20.52 0.29 4.75
CA GLU C 224 -21.34 0.69 3.59
C GLU C 224 -20.55 1.65 2.68
N ASN C 225 -19.81 2.57 3.30
CA ASN C 225 -19.08 3.55 2.53
C ASN C 225 -17.95 2.92 1.68
N TYR C 226 -17.24 1.98 2.28
CA TYR C 226 -16.17 1.29 1.56
C TYR C 226 -16.68 0.20 0.64
N GLY C 227 -17.92 -0.24 0.87
CA GLY C 227 -18.53 -1.25 0.03
C GLY C 227 -18.45 -2.58 0.76
N PRO C 228 -19.60 -3.08 1.26
CA PRO C 228 -19.57 -4.41 1.92
C PRO C 228 -18.96 -5.50 1.04
N GLU C 229 -19.09 -5.33 -0.26
CA GLU C 229 -18.55 -6.32 -1.21
C GLU C 229 -17.01 -6.34 -1.19
N GLN C 230 -16.37 -5.37 -0.56
CA GLN C 230 -14.91 -5.48 -0.39
C GLN C 230 -14.40 -5.66 1.08
N VAL C 231 -15.32 -5.83 2.02
CA VAL C 231 -14.95 -6.01 3.43
C VAL C 231 -15.06 -7.50 3.81
N ALA C 232 -13.92 -8.13 4.10
CA ALA C 232 -13.88 -9.55 4.46
C ALA C 232 -14.51 -9.83 5.84
N ALA C 233 -14.15 -9.00 6.83
CA ALA C 233 -14.40 -9.33 8.22
C ALA C 233 -14.31 -8.12 9.13
N VAL C 234 -14.94 -8.24 10.30
CA VAL C 234 -14.66 -7.39 11.44
C VAL C 234 -13.98 -8.32 12.44
N ILE C 235 -12.89 -7.84 13.01
CA ILE C 235 -12.17 -8.55 14.06
C ILE C 235 -12.35 -7.80 15.36
N THR C 236 -12.68 -8.54 16.42
CA THR C 236 -12.91 -7.93 17.73
C THR C 236 -12.13 -8.66 18.83
N GLU C 237 -12.07 -8.03 20.00
CA GLU C 237 -11.80 -8.71 21.28
C GLU C 237 -13.05 -8.45 22.11
N VAL C 238 -13.66 -9.48 22.73
CA VAL C 238 -14.88 -9.19 23.52
C VAL C 238 -14.58 -8.33 24.76
N SER C 239 -13.36 -8.46 25.30
CA SER C 239 -12.83 -7.51 26.25
C SER C 239 -11.48 -7.15 25.70
N GLN C 240 -11.22 -5.87 25.46
CA GLN C 240 -9.88 -5.48 24.97
C GLN C 240 -8.86 -5.78 26.07
N GLY C 241 -7.85 -6.60 25.72
CA GLY C 241 -6.82 -7.11 26.63
C GLY C 241 -5.81 -6.07 27.02
N ALA C 242 -4.78 -5.91 26.19
CA ALA C 242 -3.84 -4.80 26.33
C ALA C 242 -4.55 -3.42 26.42
N GLY C 243 -5.55 -3.20 25.55
CA GLY C 243 -6.30 -1.95 25.53
C GLY C 243 -7.16 -1.72 26.77
N SER C 244 -7.37 -2.79 27.56
CA SER C 244 -7.93 -2.67 28.91
C SER C 244 -9.30 -2.02 28.96
N ALA C 245 -10.29 -2.66 28.35
CA ALA C 245 -11.62 -2.07 28.30
C ALA C 245 -12.64 -3.16 28.17
N MET C 246 -13.83 -2.92 28.75
CA MET C 246 -14.99 -3.81 28.63
C MET C 246 -16.06 -3.09 27.82
N PRO C 247 -16.59 -3.69 26.77
CA PRO C 247 -17.61 -2.99 25.99
C PRO C 247 -19.00 -3.06 26.65
N PRO C 248 -19.93 -2.14 26.28
CA PRO C 248 -21.35 -2.36 26.62
C PRO C 248 -21.77 -3.79 26.25
N TYR C 249 -22.59 -4.42 27.08
CA TYR C 249 -23.03 -5.81 26.81
C TYR C 249 -23.61 -6.02 25.38
N GLU C 250 -24.38 -5.05 24.91
CA GLU C 250 -25.06 -5.23 23.63
C GLU C 250 -24.14 -5.14 22.41
N TYR C 251 -22.93 -4.59 22.62
CA TYR C 251 -21.99 -4.39 21.52
C TYR C 251 -21.74 -5.66 20.71
N ILE C 252 -21.32 -6.75 21.38
CA ILE C 252 -20.93 -7.99 20.67
C ILE C 252 -22.16 -8.63 19.98
N PRO C 253 -23.30 -8.77 20.69
CA PRO C 253 -24.46 -9.24 19.96
C PRO C 253 -24.79 -8.39 18.73
N GLN C 254 -24.68 -7.06 18.85
CA GLN C 254 -25.03 -6.22 17.70
C GLN C 254 -24.01 -6.33 16.55
N ILE C 255 -22.76 -6.56 16.89
CA ILE C 255 -21.72 -6.83 15.89
C ILE C 255 -22.02 -8.11 15.13
N ARG C 256 -22.40 -9.16 15.87
CA ARG C 256 -22.81 -10.41 15.20
C ARG C 256 -23.94 -10.18 14.22
N LYS C 257 -24.97 -9.48 14.69
CA LYS C 257 -26.11 -9.15 13.86
C LYS C 257 -25.73 -8.31 12.63
N MET C 258 -24.98 -7.25 12.87
CA MET C 258 -24.62 -6.34 11.80
C MET C 258 -23.78 -7.05 10.73
N THR C 259 -22.82 -7.88 11.14
CA THR C 259 -21.99 -8.59 10.16
C THR C 259 -22.82 -9.58 9.33
N LYS C 260 -23.73 -10.31 9.97
CA LYS C 260 -24.62 -11.21 9.22
C LYS C 260 -25.42 -10.42 8.20
N GLU C 261 -25.97 -9.28 8.62
CA GLU C 261 -26.81 -8.49 7.70
C GLU C 261 -26.01 -7.96 6.51
N LEU C 262 -24.74 -7.64 6.74
CA LEU C 262 -23.92 -7.07 5.66
C LEU C 262 -23.19 -8.11 4.82
N GLY C 263 -23.34 -9.39 5.18
CA GLY C 263 -22.61 -10.48 4.50
C GLY C 263 -21.11 -10.45 4.77
N VAL C 264 -20.70 -10.09 5.99
CA VAL C 264 -19.29 -9.93 6.35
C VAL C 264 -18.96 -10.91 7.49
N LEU C 265 -17.77 -11.50 7.47
CA LEU C 265 -17.37 -12.44 8.55
C LEU C 265 -17.06 -11.74 9.88
N TRP C 266 -17.34 -12.44 10.98
CA TRP C 266 -16.89 -11.98 12.27
C TRP C 266 -15.77 -12.88 12.80
N ILE C 267 -14.59 -12.30 13.01
CA ILE C 267 -13.48 -12.99 13.68
C ILE C 267 -13.45 -12.49 15.10
N ASN C 268 -13.64 -13.38 16.07
CA ASN C 268 -13.34 -12.96 17.42
C ASN C 268 -12.02 -13.50 17.90
N ASP C 269 -11.16 -12.60 18.35
CA ASP C 269 -9.82 -12.95 18.81
C ASP C 269 -9.91 -13.40 20.27
N GLU C 270 -9.73 -14.70 20.50
CA GLU C 270 -9.81 -15.31 21.83
C GLU C 270 -8.41 -15.62 22.41
N VAL C 271 -7.37 -15.00 21.87
CA VAL C 271 -6.01 -15.34 22.30
C VAL C 271 -5.88 -15.11 23.80
N LEU C 272 -6.36 -13.95 24.27
CA LEU C 272 -6.31 -13.65 25.68
C LEU C 272 -7.56 -14.09 26.45
N THR C 273 -8.76 -13.89 25.88
CA THR C 273 -9.98 -14.27 26.61
C THR C 273 -10.31 -15.78 26.62
N GLY C 274 -9.60 -16.57 25.81
CA GLY C 274 -9.96 -17.97 25.67
C GLY C 274 -9.55 -18.86 26.87
N PHE C 275 -10.13 -20.06 26.88
CA PHE C 275 -9.76 -21.12 27.83
C PHE C 275 -9.91 -20.71 29.29
N GLY C 276 -11.13 -20.25 29.63
CA GLY C 276 -11.55 -20.06 31.01
C GLY C 276 -11.20 -18.73 31.64
N ARG C 277 -10.42 -17.91 30.92
CA ARG C 277 -9.98 -16.58 31.43
C ARG C 277 -11.15 -15.72 31.99
N THR C 278 -12.30 -15.78 31.32
CA THR C 278 -13.44 -14.95 31.67
C THR C 278 -14.54 -15.74 32.44
N GLY C 279 -14.21 -16.95 32.89
CA GLY C 279 -15.16 -17.79 33.64
C GLY C 279 -16.19 -18.49 32.77
N LYS C 280 -15.91 -18.52 31.46
CA LYS C 280 -16.54 -19.41 30.50
C LYS C 280 -15.41 -19.98 29.65
N TRP C 281 -15.66 -21.00 28.85
CA TRP C 281 -14.62 -21.56 27.97
C TRP C 281 -14.03 -20.51 27.04
N PHE C 282 -14.91 -19.72 26.40
CA PHE C 282 -14.47 -18.58 25.55
C PHE C 282 -15.20 -17.29 25.90
N GLY C 283 -14.52 -16.16 25.71
CA GLY C 283 -15.11 -14.83 25.96
C GLY C 283 -16.43 -14.60 25.25
N TYR C 284 -16.51 -15.02 23.99
CA TYR C 284 -17.73 -14.79 23.22
C TYR C 284 -18.99 -15.45 23.79
N GLN C 285 -18.82 -16.49 24.61
CA GLN C 285 -19.96 -17.28 25.10
C GLN C 285 -20.78 -16.56 26.16
N HIS C 286 -20.24 -15.46 26.69
CA HIS C 286 -21.01 -14.56 27.53
C HIS C 286 -22.12 -13.81 26.80
N TYR C 287 -22.12 -13.85 25.45
CA TYR C 287 -22.98 -12.90 24.69
C TYR C 287 -24.05 -13.57 23.85
N GLY C 288 -24.13 -14.89 23.94
CA GLY C 288 -25.18 -15.65 23.26
C GLY C 288 -25.10 -15.66 21.75
N VAL C 289 -23.89 -15.50 21.22
CA VAL C 289 -23.67 -15.51 19.75
C VAL C 289 -22.48 -16.39 19.41
N GLN C 290 -22.28 -16.69 18.13
CA GLN C 290 -21.20 -17.55 17.69
C GLN C 290 -20.49 -16.85 16.51
N PRO C 291 -19.15 -16.82 16.54
CA PRO C 291 -18.35 -16.21 15.48
C PRO C 291 -18.19 -17.11 14.28
N ASP C 292 -17.55 -16.54 13.25
CA ASP C 292 -17.20 -17.30 12.08
C ASP C 292 -15.82 -17.93 12.25
N ILE C 293 -14.96 -17.23 12.96
CA ILE C 293 -13.57 -17.68 13.14
C ILE C 293 -13.13 -17.21 14.51
N ILE C 294 -12.38 -18.04 15.25
CA ILE C 294 -11.66 -17.55 16.42
C ILE C 294 -10.16 -17.84 16.36
N THR C 295 -9.40 -16.99 17.05
CA THR C 295 -7.96 -17.15 17.17
C THR C 295 -7.64 -17.47 18.61
N MET C 296 -6.62 -18.29 18.81
CA MET C 296 -6.27 -18.81 20.14
C MET C 296 -4.76 -18.78 20.40
N GLY C 297 -4.40 -18.61 21.68
CA GLY C 297 -3.00 -18.67 22.11
C GLY C 297 -2.99 -18.80 23.62
N LYS C 298 -1.92 -18.37 24.28
CA LYS C 298 -1.92 -18.18 25.75
C LYS C 298 -2.51 -19.39 26.53
N GLY C 299 -3.76 -19.28 27.00
CA GLY C 299 -4.49 -20.37 27.70
C GLY C 299 -4.69 -21.68 26.91
N LEU C 300 -4.42 -21.65 25.60
CA LEU C 300 -4.47 -22.85 24.78
C LEU C 300 -3.51 -23.93 25.33
N SER C 301 -2.32 -23.51 25.70
CA SER C 301 -1.35 -24.37 26.37
C SER C 301 -1.01 -23.89 27.78
N SER C 302 -1.67 -22.82 28.24
CA SER C 302 -1.30 -22.09 29.45
C SER C 302 0.19 -21.75 29.48
N SER C 303 0.72 -21.41 28.31
CA SER C 303 2.12 -21.04 28.15
C SER C 303 3.16 -22.11 28.48
N SER C 304 2.72 -23.36 28.62
CA SER C 304 3.66 -24.44 28.98
C SER C 304 4.65 -24.63 27.85
N LEU C 305 4.15 -24.60 26.60
CA LEU C 305 4.99 -24.56 25.40
C LEU C 305 4.33 -23.63 24.37
N PRO C 306 5.11 -23.10 23.40
CA PRO C 306 4.47 -22.20 22.38
C PRO C 306 3.44 -22.91 21.49
N ALA C 307 2.20 -22.39 21.49
CA ALA C 307 1.11 -22.90 20.67
C ALA C 307 0.09 -21.78 20.36
N GLY C 308 -0.43 -21.80 19.14
CA GLY C 308 -1.55 -20.93 18.75
C GLY C 308 -2.45 -21.75 17.87
N ALA C 309 -3.64 -21.22 17.60
CA ALA C 309 -4.56 -21.96 16.74
C ALA C 309 -5.61 -21.06 16.15
N VAL C 310 -6.20 -21.50 15.04
CA VAL C 310 -7.38 -20.85 14.50
C VAL C 310 -8.45 -21.90 14.32
N LEU C 311 -9.68 -21.58 14.70
CA LEU C 311 -10.81 -22.46 14.52
C LEU C 311 -11.72 -21.75 13.54
N VAL C 312 -12.05 -22.42 12.43
CA VAL C 312 -12.98 -21.82 11.44
C VAL C 312 -14.32 -22.58 11.42
N SER C 313 -15.38 -21.91 10.94
CA SER C 313 -16.69 -22.55 10.86
C SER C 313 -16.74 -23.71 9.87
N LYS C 314 -17.82 -24.51 9.99
CA LYS C 314 -18.05 -25.58 9.02
C LYS C 314 -18.06 -25.08 7.58
N GLU C 315 -18.77 -23.98 7.30
CA GLU C 315 -18.81 -23.52 5.91
C GLU C 315 -17.46 -23.02 5.42
N ILE C 316 -16.70 -22.33 6.29
CA ILE C 316 -15.37 -21.88 5.87
C ILE C 316 -14.44 -23.10 5.62
N ALA C 317 -14.51 -24.07 6.53
CA ALA C 317 -13.71 -25.30 6.41
C ALA C 317 -14.03 -26.05 5.09
N ALA C 318 -15.32 -26.10 4.73
CA ALA C 318 -15.72 -26.79 3.50
C ALA C 318 -15.17 -26.10 2.24
N PHE C 319 -15.13 -24.76 2.26
CA PHE C 319 -14.56 -24.03 1.14
C PHE C 319 -13.05 -24.35 1.03
N MET C 320 -12.34 -24.24 2.17
CA MET C 320 -10.89 -24.46 2.16
C MET C 320 -10.54 -25.91 1.72
N ASP C 321 -11.32 -26.88 2.20
CA ASP C 321 -11.16 -28.28 1.81
C ASP C 321 -11.19 -28.53 0.32
N LYS C 322 -11.79 -27.62 -0.44
CA LYS C 322 -11.92 -27.82 -1.86
C LYS C 322 -10.68 -27.40 -2.62
N HIS C 323 -9.69 -26.80 -1.96
CA HIS C 323 -8.51 -26.28 -2.67
C HIS C 323 -7.22 -26.79 -2.08
N ARG C 324 -6.13 -26.62 -2.80
CA ARG C 324 -4.80 -26.85 -2.24
C ARG C 324 -4.26 -25.50 -1.70
N TRP C 325 -4.08 -25.43 -0.39
CA TRP C 325 -3.65 -24.21 0.28
C TRP C 325 -2.14 -24.24 0.45
N GLU C 326 -1.45 -23.27 -0.16
CA GLU C 326 0.03 -23.27 -0.25
C GLU C 326 0.74 -22.57 0.91
N SER C 327 0.40 -22.95 2.15
CA SER C 327 0.94 -22.25 3.32
C SER C 327 1.65 -23.26 4.19
N VAL C 328 2.92 -22.95 4.55
CA VAL C 328 3.70 -23.80 5.44
C VAL C 328 4.36 -22.96 6.54
N SER C 329 4.32 -23.47 7.78
CA SER C 329 4.95 -22.85 8.93
C SER C 329 5.73 -24.01 9.57
N THR C 330 7.03 -23.88 9.69
CA THR C 330 7.84 -25.07 10.10
C THR C 330 7.25 -25.77 11.35
N TYR C 331 7.09 -25.02 12.44
CA TYR C 331 6.67 -25.60 13.73
C TYR C 331 5.17 -25.74 13.96
N ALA C 332 4.35 -25.37 12.98
CA ALA C 332 2.89 -25.54 13.06
C ALA C 332 2.58 -27.00 13.30
N GLY C 333 1.89 -27.25 14.41
CA GLY C 333 1.44 -28.59 14.81
C GLY C 333 2.51 -29.40 15.56
N HIS C 334 3.60 -28.75 16.00
CA HIS C 334 4.75 -29.43 16.65
C HIS C 334 4.22 -30.47 17.68
N PRO C 335 4.62 -31.75 17.53
CA PRO C 335 3.96 -32.82 18.33
C PRO C 335 4.10 -32.66 19.84
N VAL C 336 5.22 -32.11 20.30
CA VAL C 336 5.44 -31.93 21.73
C VAL C 336 4.61 -30.75 22.23
N ALA C 337 4.51 -29.68 21.44
CA ALA C 337 3.65 -28.59 21.86
C ALA C 337 2.22 -29.08 21.87
N MET C 338 1.87 -29.95 20.90
CA MET C 338 0.49 -30.46 20.87
C MET C 338 0.23 -31.40 22.07
N ALA C 339 1.24 -32.16 22.50
CA ALA C 339 1.07 -32.99 23.71
C ALA C 339 0.78 -32.10 24.93
N ALA C 340 1.50 -30.99 25.05
CA ALA C 340 1.22 -30.01 26.10
C ALA C 340 -0.21 -29.44 26.05
N VAL C 341 -0.67 -29.05 24.85
CA VAL C 341 -2.05 -28.57 24.67
C VAL C 341 -3.09 -29.62 25.15
N CYS C 342 -2.96 -30.87 24.68
CA CYS C 342 -3.90 -31.92 25.12
C CYS C 342 -3.98 -32.02 26.64
N ALA C 343 -2.81 -32.05 27.30
CA ALA C 343 -2.77 -32.24 28.77
C ALA C 343 -3.34 -31.02 29.49
N ASN C 344 -2.97 -29.83 28.99
CA ASN C 344 -3.50 -28.56 29.49
C ASN C 344 -5.01 -28.59 29.44
N LEU C 345 -5.55 -28.91 28.28
CA LEU C 345 -7.01 -28.93 28.13
C LEU C 345 -7.68 -30.03 28.96
N GLU C 346 -7.08 -31.22 28.99
CA GLU C 346 -7.63 -32.32 29.80
C GLU C 346 -7.71 -31.99 31.30
N VAL C 347 -6.68 -31.35 31.86
CA VAL C 347 -6.68 -30.94 33.28
C VAL C 347 -7.75 -29.85 33.50
N MET C 348 -7.82 -28.89 32.58
CA MET C 348 -8.83 -27.85 32.67
C MET C 348 -10.24 -28.45 32.70
N MET C 349 -10.49 -29.43 31.85
CA MET C 349 -11.82 -30.04 31.82
C MET C 349 -12.08 -30.86 33.08
N GLU C 350 -11.10 -31.69 33.43
CA GLU C 350 -11.23 -32.68 34.48
C GLU C 350 -11.40 -32.02 35.81
N GLU C 351 -10.63 -30.96 36.06
CA GLU C 351 -10.68 -30.27 37.34
C GLU C 351 -11.59 -29.07 37.39
N ASN C 352 -12.47 -28.96 36.39
CA ASN C 352 -13.46 -27.90 36.31
C ASN C 352 -12.86 -26.49 36.57
N PHE C 353 -11.79 -26.19 35.84
CA PHE C 353 -11.09 -24.91 35.98
C PHE C 353 -11.96 -23.71 35.55
N VAL C 354 -12.86 -23.90 34.58
CA VAL C 354 -13.73 -22.81 34.15
C VAL C 354 -14.71 -22.38 35.25
N GLU C 355 -15.25 -23.36 35.98
CA GLU C 355 -16.12 -23.06 37.09
C GLU C 355 -15.36 -22.39 38.22
N GLN C 356 -14.15 -22.89 38.48
CA GLN C 356 -13.26 -22.24 39.45
C GLN C 356 -13.04 -20.76 39.17
N ALA C 357 -12.69 -20.44 37.92
CA ALA C 357 -12.53 -19.06 37.50
C ALA C 357 -13.80 -18.21 37.70
N LYS C 358 -14.96 -18.74 37.34
CA LYS C 358 -16.21 -18.00 37.54
C LYS C 358 -16.38 -17.65 39.02
N ASP C 359 -16.13 -18.63 39.88
CA ASP C 359 -16.25 -18.46 41.33
C ASP C 359 -15.29 -17.44 41.84
N SER C 360 -14.02 -17.56 41.46
CA SER C 360 -13.02 -16.64 41.93
C SER C 360 -13.30 -15.24 41.41
N GLY C 361 -13.88 -15.14 40.21
CA GLY C 361 -14.27 -13.85 39.69
C GLY C 361 -15.36 -13.18 40.51
N GLU C 362 -16.37 -13.95 40.92
CA GLU C 362 -17.47 -13.43 41.76
C GLU C 362 -16.90 -12.91 43.08
N TYR C 363 -15.93 -13.65 43.62
CA TYR C 363 -15.21 -13.25 44.83
C TYR C 363 -14.43 -11.95 44.61
N ILE C 364 -13.65 -11.90 43.53
CA ILE C 364 -12.90 -10.69 43.20
C ILE C 364 -13.84 -9.47 43.10
N ARG C 365 -15.01 -9.63 42.46
CA ARG C 365 -15.97 -8.54 42.36
C ARG C 365 -16.30 -7.96 43.74
N SER C 366 -16.48 -8.85 44.72
CA SER C 366 -16.82 -8.44 46.09
C SER C 366 -15.72 -7.59 46.68
N LYS C 367 -14.50 -8.10 46.57
CA LYS C 367 -13.30 -7.45 47.05
C LYS C 367 -13.12 -6.08 46.41
N LEU C 368 -13.52 -5.97 45.15
CA LEU C 368 -13.39 -4.71 44.45
C LEU C 368 -14.53 -3.75 44.87
N GLU C 369 -15.71 -4.29 45.17
CA GLU C 369 -16.79 -3.45 45.73
C GLU C 369 -16.33 -2.80 47.01
N LEU C 370 -15.75 -3.61 47.91
CA LEU C 370 -15.16 -3.10 49.16
C LEU C 370 -14.04 -2.10 48.92
N LEU C 371 -13.08 -2.41 48.05
CA LEU C 371 -11.99 -1.48 47.80
C LEU C 371 -12.47 -0.14 47.22
N GLN C 372 -13.53 -0.18 46.40
CA GLN C 372 -14.04 1.05 45.79
C GLN C 372 -14.70 1.97 46.83
N GLU C 373 -15.46 1.37 47.75
CA GLU C 373 -16.09 2.13 48.83
C GLU C 373 -14.99 2.82 49.64
N LYS C 374 -13.90 2.10 49.87
CA LYS C 374 -12.76 2.58 50.63
C LYS C 374 -11.82 3.54 49.87
N HIS C 375 -11.87 3.56 48.53
CA HIS C 375 -10.90 4.33 47.73
C HIS C 375 -11.52 5.20 46.63
N LYS C 376 -11.32 6.51 46.72
CA LYS C 376 -11.92 7.46 45.78
C LYS C 376 -11.24 7.52 44.41
N SER C 377 -10.00 7.04 44.33
CA SER C 377 -9.31 6.94 43.04
C SER C 377 -9.79 5.77 42.16
N ILE C 378 -10.69 4.93 42.66
CA ILE C 378 -11.35 3.94 41.80
C ILE C 378 -12.60 4.54 41.19
N GLY C 379 -12.54 4.82 39.89
CA GLY C 379 -13.68 5.37 39.19
C GLY C 379 -14.75 4.35 38.92
N ASN C 380 -14.31 3.13 38.59
CA ASN C 380 -15.22 2.05 38.18
C ASN C 380 -14.36 0.78 38.11
N PHE C 381 -14.98 -0.39 38.09
CA PHE C 381 -14.24 -1.62 37.76
C PHE C 381 -15.19 -2.56 37.05
N ASP C 382 -14.66 -3.48 36.26
CA ASP C 382 -15.51 -4.39 35.55
C ASP C 382 -14.69 -5.62 35.10
N GLY C 383 -15.38 -6.67 34.67
CA GLY C 383 -14.70 -7.88 34.25
C GLY C 383 -15.47 -9.13 34.61
N TYR C 384 -14.76 -10.26 34.60
CA TYR C 384 -15.28 -11.59 34.82
C TYR C 384 -14.13 -12.58 34.98
N GLY C 385 -14.37 -13.71 35.64
CA GLY C 385 -13.35 -14.77 35.79
C GLY C 385 -12.07 -14.19 36.41
N LEU C 386 -10.92 -14.43 35.75
CA LEU C 386 -9.68 -13.80 36.20
C LEU C 386 -9.18 -12.74 35.20
N LEU C 387 -10.07 -11.83 34.83
CA LEU C 387 -9.71 -10.76 33.91
C LEU C 387 -10.55 -9.54 34.27
N TRP C 388 -9.91 -8.57 34.90
CA TRP C 388 -10.58 -7.38 35.44
C TRP C 388 -9.87 -6.09 34.99
N ILE C 389 -10.66 -5.02 34.80
CA ILE C 389 -10.15 -3.65 34.69
C ILE C 389 -10.58 -2.86 35.95
N VAL C 390 -9.74 -1.94 36.40
CA VAL C 390 -10.12 -0.94 37.40
C VAL C 390 -9.69 0.44 36.89
N ASP C 391 -10.65 1.31 36.64
CA ASP C 391 -10.29 2.65 36.19
C ASP C 391 -9.85 3.50 37.35
N ILE C 392 -8.65 4.05 37.25
CA ILE C 392 -8.07 4.92 38.28
C ILE C 392 -8.32 6.38 37.89
N VAL C 393 -8.81 7.16 38.84
CA VAL C 393 -9.01 8.59 38.62
C VAL C 393 -8.35 9.37 39.77
N ASN C 394 -8.07 10.66 39.54
CA ASN C 394 -7.65 11.57 40.60
C ASN C 394 -8.80 11.64 41.60
N ALA C 395 -8.49 11.29 42.85
CA ALA C 395 -9.49 11.28 43.93
C ALA C 395 -10.24 12.61 44.05
N LYS C 396 -9.53 13.72 43.86
CA LYS C 396 -10.11 15.07 43.94
C LYS C 396 -10.97 15.38 42.70
N THR C 397 -10.34 15.40 41.53
CA THR C 397 -10.98 15.82 40.28
C THR C 397 -12.00 14.81 39.69
N LYS C 398 -11.89 13.55 40.11
CA LYS C 398 -12.70 12.44 39.56
C LYS C 398 -12.40 12.16 38.06
N THR C 399 -11.32 12.72 37.53
CA THR C 399 -10.89 12.46 36.15
C THR C 399 -9.55 11.72 36.13
N PRO C 400 -9.23 11.07 34.98
CA PRO C 400 -7.93 10.38 34.86
C PRO C 400 -6.73 11.32 35.00
N TYR C 401 -5.64 10.81 35.58
CA TYR C 401 -4.39 11.58 35.68
C TYR C 401 -3.72 11.80 34.33
N VAL C 402 -3.72 10.78 33.47
CA VAL C 402 -3.00 10.88 32.17
C VAL C 402 -3.98 11.14 31.02
N LYS C 403 -3.98 12.39 30.53
CA LYS C 403 -4.97 12.85 29.55
C LYS C 403 -5.07 11.94 28.29
N LEU C 404 -3.92 11.61 27.70
CA LEU C 404 -3.90 10.77 26.49
C LEU C 404 -4.47 9.36 26.71
N ASP C 405 -4.49 8.90 27.96
CA ASP C 405 -5.14 7.67 28.37
C ASP C 405 -4.64 6.52 27.48
N ARG C 406 -5.54 5.84 26.76
CA ARG C 406 -5.16 4.66 25.97
C ARG C 406 -4.42 5.01 24.67
N ASN C 407 -4.38 6.30 24.33
CA ASN C 407 -3.46 6.79 23.29
C ASN C 407 -2.11 7.32 23.82
N PHE C 408 -1.73 6.99 25.06
CA PHE C 408 -0.39 7.35 25.54
C PHE C 408 0.70 6.59 24.80
N THR C 409 1.96 6.98 24.95
CA THR C 409 3.07 6.17 24.49
C THR C 409 4.05 5.90 25.66
N HIS C 410 4.92 4.90 25.52
CA HIS C 410 5.94 4.64 26.57
C HIS C 410 7.07 5.67 26.64
N GLY C 411 6.94 6.78 25.91
CA GLY C 411 7.88 7.90 26.09
C GLY C 411 7.71 8.53 27.48
N MET C 412 6.52 8.39 28.04
CA MET C 412 6.17 8.94 29.36
C MET C 412 7.11 8.49 30.48
N ASN C 413 7.21 9.34 31.50
CA ASN C 413 7.98 9.01 32.67
C ASN C 413 7.13 8.13 33.54
N PRO C 414 7.60 6.91 33.85
CA PRO C 414 6.81 6.00 34.69
C PRO C 414 6.40 6.58 36.06
N ASN C 415 7.19 7.50 36.61
CA ASN C 415 6.83 8.06 37.92
C ASN C 415 5.62 9.00 37.85
N GLN C 416 5.11 9.26 36.64
CA GLN C 416 3.88 10.03 36.43
C GLN C 416 2.66 9.16 36.09
N ILE C 417 2.88 7.85 36.01
CA ILE C 417 1.83 6.89 35.58
C ILE C 417 1.22 6.16 36.79
N PRO C 418 -0.09 6.36 37.02
CA PRO C 418 -0.78 5.76 38.17
C PRO C 418 -0.59 4.24 38.28
N THR C 419 -0.77 3.50 37.19
CA THR C 419 -0.58 2.04 37.26
C THR C 419 0.88 1.64 37.55
N GLN C 420 1.85 2.47 37.12
CA GLN C 420 3.28 2.24 37.48
C GLN C 420 3.55 2.53 38.97
N ILE C 421 2.96 3.62 39.45
CA ILE C 421 3.01 3.96 40.87
C ILE C 421 2.41 2.83 41.73
N ILE C 422 1.22 2.36 41.36
CA ILE C 422 0.54 1.27 42.09
C ILE C 422 1.36 -0.02 42.15
N MET C 423 1.90 -0.43 41.00
CA MET C 423 2.77 -1.59 40.91
C MET C 423 3.98 -1.51 41.84
N LYS C 424 4.69 -0.39 41.77
CA LYS C 424 5.87 -0.20 42.59
C LYS C 424 5.55 -0.32 44.10
N LYS C 425 4.46 0.30 44.54
CA LYS C 425 4.05 0.18 45.94
C LYS C 425 3.65 -1.24 46.33
N ALA C 426 2.81 -1.90 45.50
CA ALA C 426 2.34 -3.26 45.81
C ALA C 426 3.48 -4.27 45.89
N LEU C 427 4.55 -3.99 45.16
CA LEU C 427 5.74 -4.80 45.15
C LEU C 427 6.37 -4.94 46.54
N GLU C 428 6.24 -3.89 47.36
CA GLU C 428 6.77 -3.89 48.74
C GLU C 428 6.09 -4.96 49.57
N LYS C 429 4.92 -5.40 49.12
CA LYS C 429 4.17 -6.46 49.79
C LYS C 429 4.29 -7.83 49.12
N GLY C 430 5.26 -7.97 48.21
CA GLY C 430 5.53 -9.21 47.48
C GLY C 430 4.49 -9.57 46.42
N VAL C 431 3.82 -8.55 45.88
CA VAL C 431 2.70 -8.74 44.95
C VAL C 431 2.98 -7.98 43.65
N LEU C 432 2.77 -8.67 42.53
CA LEU C 432 2.84 -8.07 41.21
C LEU C 432 1.41 -7.81 40.76
N ILE C 433 1.04 -6.54 40.75
CA ILE C 433 -0.28 -6.12 40.32
C ILE C 433 -0.17 -4.68 39.76
N GLY C 434 -0.88 -4.39 38.67
CA GLY C 434 -0.87 -3.06 38.06
C GLY C 434 -1.67 -3.09 36.79
N GLY C 435 -1.09 -2.58 35.71
CA GLY C 435 -1.77 -2.56 34.42
C GLY C 435 -0.79 -2.23 33.31
N VAL C 436 -1.26 -2.21 32.06
CA VAL C 436 -0.42 -1.77 30.95
C VAL C 436 -0.81 -0.41 30.39
N MET C 437 -2.04 0.02 30.66
CA MET C 437 -2.51 1.37 30.31
C MET C 437 -2.29 2.27 31.54
N PRO C 438 -2.10 3.58 31.33
CA PRO C 438 -1.72 4.47 32.44
C PRO C 438 -2.80 4.67 33.51
N ASN C 439 -4.07 4.71 33.11
CA ASN C 439 -5.15 4.98 34.03
C ASN C 439 -5.94 3.73 34.40
N THR C 440 -5.46 2.53 34.04
CA THR C 440 -6.35 1.36 34.11
C THR C 440 -5.65 0.13 34.60
N MET C 441 -6.15 -0.47 35.68
CA MET C 441 -5.59 -1.74 36.14
C MET C 441 -5.99 -2.86 35.19
N ARG C 442 -5.10 -3.84 35.01
CA ARG C 442 -5.46 -5.05 34.26
C ARG C 442 -5.11 -6.23 35.16
N ILE C 443 -6.12 -6.80 35.81
CA ILE C 443 -5.83 -7.81 36.83
C ILE C 443 -6.19 -9.23 36.39
N GLY C 444 -5.27 -10.16 36.61
CA GLY C 444 -5.53 -11.58 36.32
C GLY C 444 -4.58 -12.51 37.03
N ALA C 445 -5.06 -13.69 37.44
CA ALA C 445 -4.20 -14.73 38.02
C ALA C 445 -4.50 -16.07 37.34
N SER C 446 -3.95 -17.17 37.85
CA SER C 446 -4.32 -18.53 37.36
C SER C 446 -5.78 -18.81 37.67
N LEU C 447 -6.42 -19.64 36.84
CA LEU C 447 -7.84 -19.93 37.01
C LEU C 447 -8.14 -20.57 38.39
N ASN C 448 -7.14 -21.28 38.92
CA ASN C 448 -7.25 -21.98 40.19
C ASN C 448 -6.58 -21.21 41.32
N VAL C 449 -6.37 -19.89 41.14
CA VAL C 449 -5.84 -19.05 42.22
C VAL C 449 -6.66 -19.28 43.52
N SER C 450 -5.98 -19.30 44.66
CA SER C 450 -6.63 -19.49 45.97
C SER C 450 -7.28 -18.22 46.50
N ARG C 451 -8.27 -18.41 47.38
CA ARG C 451 -8.90 -17.27 48.07
C ARG C 451 -7.84 -16.52 48.86
N GLY C 452 -6.91 -17.27 49.45
CA GLY C 452 -5.81 -16.68 50.24
C GLY C 452 -4.94 -15.72 49.43
N ASP C 453 -4.63 -16.13 48.20
CA ASP C 453 -3.80 -15.31 47.33
C ASP C 453 -4.56 -14.09 46.78
N ILE C 454 -5.84 -14.27 46.45
CA ILE C 454 -6.70 -13.15 46.07
C ILE C 454 -6.71 -12.09 47.18
N ASP C 455 -6.84 -12.55 48.44
CA ASP C 455 -6.87 -11.65 49.61
C ASP C 455 -5.56 -10.91 49.72
N LYS C 456 -4.46 -11.64 49.58
CA LYS C 456 -3.12 -11.07 49.64
C LYS C 456 -2.94 -9.99 48.55
N ALA C 457 -3.42 -10.29 47.35
CA ALA C 457 -3.33 -9.36 46.23
C ALA C 457 -4.14 -8.07 46.52
N MET C 458 -5.39 -8.25 46.93
CA MET C 458 -6.29 -7.15 47.19
C MET C 458 -5.76 -6.26 48.32
N ASP C 459 -5.17 -6.89 49.34
CA ASP C 459 -4.49 -6.18 50.42
C ASP C 459 -3.33 -5.31 49.95
N ALA C 460 -2.45 -5.86 49.11
CA ALA C 460 -1.36 -5.06 48.56
C ALA C 460 -1.89 -3.86 47.73
N LEU C 461 -3.05 -4.05 47.11
CA LEU C 461 -3.65 -3.04 46.24
C LEU C 461 -4.23 -1.94 47.10
N ASP C 462 -4.82 -2.37 48.23
CA ASP C 462 -5.35 -1.45 49.24
C ASP C 462 -4.23 -0.51 49.69
N TYR C 463 -3.10 -1.09 50.05
CA TYR C 463 -1.89 -0.38 50.39
C TYR C 463 -1.43 0.61 49.32
N ALA C 464 -1.29 0.14 48.08
CA ALA C 464 -0.86 1.00 46.97
C ALA C 464 -1.83 2.15 46.73
N LEU C 465 -3.11 1.87 46.88
CA LEU C 465 -4.12 2.92 46.69
C LEU C 465 -4.13 3.99 47.78
N ASP C 466 -3.77 3.61 49.01
CA ASP C 466 -3.52 4.57 50.09
C ASP C 466 -2.37 5.49 49.73
N TYR C 467 -1.27 4.90 49.29
CA TYR C 467 -0.15 5.72 48.90
C TYR C 467 -0.50 6.64 47.74
N LEU C 468 -1.21 6.12 46.73
CA LEU C 468 -1.60 6.92 45.57
C LEU C 468 -2.46 8.12 45.98
N GLU C 469 -3.47 7.86 46.80
CA GLU C 469 -4.42 8.89 47.22
C GLU C 469 -3.84 9.89 48.23
N SER C 470 -2.73 9.50 48.88
CA SER C 470 -1.94 10.42 49.71
C SER C 470 -1.31 11.50 48.81
N GLY C 471 -0.99 11.12 47.57
CA GLY C 471 -0.47 12.06 46.57
C GLY C 471 0.94 12.57 46.81
N GLU C 472 1.71 11.86 47.63
CA GLU C 472 3.08 12.26 47.92
C GLU C 472 4.05 11.82 46.82
N TRP C 473 3.51 11.17 45.79
CA TRP C 473 4.28 10.76 44.60
C TRP C 473 4.33 11.86 43.53
N GLN C 474 3.35 12.77 43.57
CA GLN C 474 3.15 13.75 42.49
C GLN C 474 4.35 14.69 42.35
N ALA C 475 4.90 14.84 41.26
N SER D 2 0.85 -51.69 33.98
CA SER D 2 -0.58 -51.58 33.56
C SER D 2 -1.00 -52.79 32.72
N LEU D 3 -2.30 -53.03 32.61
CA LEU D 3 -2.82 -54.05 31.69
C LEU D 3 -3.06 -53.43 30.30
N THR D 4 -2.89 -52.10 30.20
CA THR D 4 -3.01 -51.36 28.93
C THR D 4 -1.87 -51.70 27.95
N VAL D 5 -2.29 -52.14 26.77
CA VAL D 5 -1.39 -52.63 25.73
C VAL D 5 -1.53 -51.79 24.45
N GLN D 6 -2.43 -50.80 24.49
CA GLN D 6 -2.57 -49.90 23.36
C GLN D 6 -2.86 -48.49 23.84
N LYS D 7 -1.78 -47.73 23.97
CA LYS D 7 -1.85 -46.33 24.35
C LYS D 7 -2.67 -45.49 23.34
N ILE D 8 -2.54 -45.79 22.05
CA ILE D 8 -3.13 -44.94 21.00
C ILE D 8 -3.96 -45.79 20.03
N ASN D 9 -5.15 -45.30 19.70
CA ASN D 9 -5.94 -45.87 18.62
C ASN D 9 -5.68 -45.08 17.31
N TRP D 10 -4.76 -45.56 16.49
CA TRP D 10 -4.37 -44.79 15.30
C TRP D 10 -5.49 -44.66 14.25
N GLU D 11 -6.43 -45.59 14.25
CA GLU D 11 -7.61 -45.51 13.39
C GLU D 11 -8.46 -44.30 13.76
N GLN D 12 -8.69 -44.17 15.07
CA GLN D 12 -9.36 -43.02 15.62
C GLN D 12 -8.59 -41.70 15.35
N VAL D 13 -7.26 -41.73 15.53
CA VAL D 13 -6.40 -40.58 15.22
C VAL D 13 -6.59 -40.15 13.78
N LYS D 14 -6.62 -41.11 12.87
CA LYS D 14 -6.76 -40.73 11.48
C LYS D 14 -8.14 -40.14 11.10
N GLU D 15 -9.17 -40.57 11.81
CA GLU D 15 -10.49 -39.99 11.59
C GLU D 15 -10.54 -38.55 12.10
N TRP D 16 -9.94 -38.31 13.27
CA TRP D 16 -9.89 -36.95 13.83
C TRP D 16 -9.08 -36.04 12.91
N ASP D 17 -7.97 -36.57 12.41
CA ASP D 17 -7.06 -35.82 11.57
C ASP D 17 -7.77 -35.40 10.29
N ARG D 18 -8.53 -36.33 9.70
CA ARG D 18 -9.31 -36.03 8.50
C ARG D 18 -10.33 -34.93 8.73
N LYS D 19 -11.04 -35.06 9.85
CA LYS D 19 -12.26 -34.32 10.09
C LYS D 19 -12.01 -32.94 10.67
N TYR D 20 -10.97 -32.81 11.49
CA TYR D 20 -10.86 -31.64 12.35
C TYR D 20 -9.68 -30.73 12.07
N LEU D 21 -8.83 -31.13 11.12
CA LEU D 21 -7.62 -30.38 10.85
C LEU D 21 -7.68 -29.80 9.47
N MET D 22 -7.34 -28.51 9.34
CA MET D 22 -7.26 -27.87 8.01
C MET D 22 -6.16 -28.48 7.17
N ARG D 23 -6.45 -28.67 5.89
CA ARG D 23 -5.52 -29.27 4.94
C ARG D 23 -4.56 -28.19 4.42
N THR D 24 -3.33 -28.59 4.16
CA THR D 24 -2.41 -27.75 3.40
C THR D 24 -1.83 -28.57 2.23
N PHE D 25 -1.66 -27.92 1.08
CA PHE D 25 -1.09 -28.56 -0.14
C PHE D 25 -1.96 -29.67 -0.80
N SER D 26 -2.93 -30.25 -0.07
CA SER D 26 -3.87 -31.27 -0.63
C SER D 26 -5.30 -30.84 -0.38
N THR D 27 -6.19 -31.07 -1.33
CA THR D 27 -7.64 -30.93 -1.07
C THR D 27 -8.05 -32.02 -0.10
N GLN D 28 -9.20 -31.84 0.54
CA GLN D 28 -9.72 -32.86 1.44
C GLN D 28 -9.99 -34.18 0.67
N ASN D 29 -10.57 -34.07 -0.53
CA ASN D 29 -10.87 -35.21 -1.42
C ASN D 29 -9.62 -36.07 -1.75
N GLU D 30 -8.50 -35.45 -2.03
CA GLU D 30 -7.32 -36.26 -2.40
C GLU D 30 -6.45 -36.70 -1.21
N TYR D 31 -6.73 -36.18 -0.03
CA TYR D 31 -5.80 -36.29 1.10
C TYR D 31 -5.61 -37.70 1.62
N GLN D 32 -4.36 -38.07 1.85
CA GLN D 32 -4.08 -39.35 2.52
C GLN D 32 -3.17 -39.11 3.70
N PRO D 33 -3.68 -39.31 4.92
CA PRO D 33 -2.88 -39.03 6.12
C PRO D 33 -1.60 -39.87 6.13
N VAL D 34 -0.51 -39.33 6.67
CA VAL D 34 0.71 -40.10 6.81
C VAL D 34 1.07 -40.01 8.28
N PRO D 35 0.61 -40.98 9.11
CA PRO D 35 0.87 -40.91 10.53
C PRO D 35 2.30 -41.30 10.91
N ILE D 36 2.90 -40.56 11.84
CA ILE D 36 4.22 -40.89 12.37
C ILE D 36 4.07 -41.03 13.86
N GLU D 37 4.35 -42.24 14.37
CA GLU D 37 4.23 -42.56 15.79
C GLU D 37 5.45 -42.12 16.64
N SER D 38 6.65 -42.10 16.05
CA SER D 38 7.87 -41.76 16.78
C SER D 38 9.01 -41.55 15.79
N THR D 39 10.10 -40.92 16.26
CA THR D 39 11.25 -40.66 15.40
C THR D 39 12.55 -40.96 16.16
N GLU D 40 13.66 -41.08 15.44
CA GLU D 40 14.93 -41.40 16.05
C GLU D 40 16.02 -41.27 15.00
N GLY D 41 17.03 -40.41 15.24
CA GLY D 41 18.14 -40.22 14.29
C GLY D 41 17.62 -39.68 12.96
N ASP D 42 17.76 -40.46 11.89
CA ASP D 42 17.30 -40.00 10.58
C ASP D 42 16.04 -40.73 10.13
N TYR D 43 15.38 -41.40 11.07
CA TYR D 43 14.23 -42.25 10.75
C TYR D 43 12.90 -41.79 11.34
N LEU D 44 11.84 -41.94 10.56
CA LEU D 44 10.48 -41.73 11.04
C LEU D 44 9.83 -43.10 11.16
N ILE D 45 9.13 -43.35 12.27
CA ILE D 45 8.48 -44.65 12.46
C ILE D 45 6.96 -44.54 12.41
N MET D 46 6.36 -45.22 11.44
CA MET D 46 4.88 -45.22 11.30
C MET D 46 4.23 -46.18 12.31
N PRO D 47 2.93 -45.98 12.63
CA PRO D 47 2.30 -46.83 13.64
C PRO D 47 2.21 -48.32 13.23
N ASP D 48 2.27 -48.64 11.93
CA ASP D 48 2.36 -50.05 11.51
C ASP D 48 3.80 -50.54 11.54
N GLY D 49 4.72 -49.73 12.07
CA GLY D 49 6.11 -50.13 12.15
C GLY D 49 7.00 -49.76 10.98
N THR D 50 6.43 -49.29 9.86
CA THR D 50 7.24 -48.86 8.70
C THR D 50 8.25 -47.79 9.13
N ARG D 51 9.50 -47.96 8.70
CA ARG D 51 10.58 -47.02 9.04
C ARG D 51 11.01 -46.28 7.80
N LEU D 52 11.04 -44.97 7.87
CA LEU D 52 11.33 -44.17 6.68
C LEU D 52 12.60 -43.37 6.90
N LEU D 53 13.57 -43.52 6.01
CA LEU D 53 14.80 -42.74 6.11
C LEU D 53 14.51 -41.38 5.49
N ASP D 54 14.65 -40.32 6.28
CA ASP D 54 14.15 -38.99 5.90
C ASP D 54 15.24 -38.12 5.32
N PHE D 55 15.36 -38.10 4.00
CA PHE D 55 16.36 -37.24 3.39
C PHE D 55 15.76 -35.92 2.93
N PHE D 56 14.73 -35.49 3.67
CA PHE D 56 14.31 -34.11 3.71
C PHE D 56 14.71 -33.49 5.04
N ASN D 57 15.06 -34.33 6.03
CA ASN D 57 15.28 -33.91 7.42
C ASN D 57 14.09 -32.99 7.83
N GLN D 58 12.87 -33.48 7.57
CA GLN D 58 11.61 -32.76 7.70
C GLN D 58 11.58 -31.55 6.78
N LEU D 59 12.01 -30.40 7.29
CA LEU D 59 12.13 -29.19 6.45
C LEU D 59 13.54 -28.63 6.61
N TYR D 60 14.55 -29.51 6.44
CA TYR D 60 15.96 -29.16 6.55
C TYR D 60 16.20 -28.54 7.91
N CYS D 61 15.60 -29.11 8.93
CA CYS D 61 15.48 -28.41 10.19
C CYS D 61 15.74 -29.26 11.44
N VAL D 62 16.05 -30.54 11.27
CA VAL D 62 16.29 -31.39 12.47
C VAL D 62 17.79 -31.72 12.53
N ASN D 63 18.60 -30.65 12.51
CA ASN D 63 20.04 -30.74 12.31
C ASN D 63 20.75 -31.76 13.21
N LEU D 64 20.43 -31.75 14.50
CA LEU D 64 21.12 -32.60 15.47
C LEU D 64 20.74 -34.08 15.32
N GLY D 65 19.73 -34.35 14.50
CA GLY D 65 19.07 -35.64 14.44
C GLY D 65 17.82 -35.67 15.27
N GLN D 66 16.91 -36.58 14.91
CA GLN D 66 15.61 -36.72 15.58
C GLN D 66 15.75 -37.26 16.98
N LYS D 67 15.08 -36.63 17.94
CA LYS D 67 15.00 -37.11 19.33
C LYS D 67 16.37 -37.34 19.99
N ASN D 68 17.22 -36.32 19.97
CA ASN D 68 18.51 -36.40 20.64
C ASN D 68 18.33 -36.58 22.17
N GLN D 69 18.95 -37.60 22.74
CA GLN D 69 18.74 -37.89 24.17
C GLN D 69 19.27 -36.83 25.11
N LYS D 70 20.40 -36.20 24.79
CA LYS D 70 20.91 -35.13 25.65
C LYS D 70 19.98 -33.92 25.58
N VAL D 71 19.48 -33.59 24.39
CA VAL D 71 18.54 -32.47 24.30
C VAL D 71 17.27 -32.74 25.08
N ASN D 72 16.66 -33.93 24.89
CA ASN D 72 15.42 -34.24 25.59
C ASN D 72 15.59 -34.30 27.09
N ALA D 73 16.73 -34.84 27.57
CA ALA D 73 17.06 -34.79 29.00
C ALA D 73 17.13 -33.35 29.52
N ALA D 74 17.81 -32.48 28.78
CA ALA D 74 17.90 -31.07 29.16
C ALA D 74 16.52 -30.39 29.21
N ILE D 75 15.61 -30.75 28.29
CA ILE D 75 14.23 -30.21 28.34
C ILE D 75 13.48 -30.66 29.62
N LYS D 76 13.54 -31.96 29.90
CA LYS D 76 13.01 -32.50 31.17
C LYS D 76 13.55 -31.79 32.44
N GLU D 77 14.85 -31.49 32.47
CA GLU D 77 15.41 -30.79 33.62
C GLU D 77 14.85 -29.39 33.75
N ALA D 78 14.66 -28.71 32.62
CA ALA D 78 14.10 -27.36 32.65
C ALA D 78 12.70 -27.41 33.21
N LEU D 79 12.01 -28.54 33.01
CA LEU D 79 10.64 -28.64 33.49
C LEU D 79 10.54 -28.83 34.99
N ASP D 80 11.68 -29.06 35.66
CA ASP D 80 11.68 -29.03 37.14
C ASP D 80 11.53 -27.62 37.68
N ARG D 81 11.99 -26.63 36.92
CA ARG D 81 11.99 -25.24 37.40
C ARG D 81 10.87 -24.35 36.77
N TYR D 82 10.59 -24.57 35.49
CA TYR D 82 9.61 -23.77 34.73
C TYR D 82 8.53 -24.69 34.19
N GLY D 83 7.29 -24.22 34.03
CA GLY D 83 6.93 -22.80 34.19
C GLY D 83 7.06 -21.93 32.93
N PHE D 84 6.70 -20.65 33.05
CA PHE D 84 6.80 -19.71 31.94
C PHE D 84 7.04 -18.32 32.49
N VAL D 85 8.03 -17.61 31.96
CA VAL D 85 8.11 -16.14 32.18
C VAL D 85 8.29 -15.48 30.84
N TRP D 86 7.75 -14.27 30.67
CA TRP D 86 7.93 -13.56 29.40
C TRP D 86 9.24 -12.73 29.39
N ASP D 87 9.54 -12.11 28.25
CA ASP D 87 10.85 -11.55 27.95
C ASP D 87 11.38 -10.48 28.93
N THR D 88 10.45 -9.85 29.67
CA THR D 88 10.77 -8.82 30.65
C THR D 88 11.56 -9.38 31.83
N TYR D 89 11.47 -10.70 32.04
CA TYR D 89 12.16 -11.37 33.14
C TYR D 89 13.39 -12.08 32.63
N ALA D 90 14.41 -12.20 33.45
CA ALA D 90 15.66 -12.83 33.01
C ALA D 90 15.70 -14.29 33.44
N THR D 91 16.22 -15.17 32.59
CA THR D 91 16.51 -16.55 33.00
C THR D 91 17.92 -16.94 32.59
N ASP D 92 18.43 -18.02 33.19
CA ASP D 92 19.75 -18.55 32.85
C ASP D 92 19.78 -19.09 31.41
N TYR D 93 18.74 -19.82 30.99
CA TYR D 93 18.68 -20.43 29.64
C TYR D 93 18.69 -19.38 28.52
N LYS D 94 17.87 -18.36 28.65
CA LYS D 94 17.79 -17.32 27.62
C LYS D 94 19.14 -16.59 27.49
N ALA D 95 19.71 -16.18 28.63
CA ALA D 95 20.97 -15.43 28.64
C ALA D 95 22.12 -16.30 28.10
N LYS D 96 22.17 -17.55 28.53
CA LYS D 96 23.19 -18.45 28.04
C LYS D 96 23.08 -18.74 26.56
N ALA D 97 21.86 -18.92 26.06
CA ALA D 97 21.66 -19.16 24.62
C ALA D 97 22.27 -18.02 23.81
N ALA D 98 22.04 -16.77 24.23
CA ALA D 98 22.59 -15.64 23.45
C ALA D 98 24.12 -15.62 23.53
N LYS D 99 24.63 -15.90 24.73
CA LYS D 99 26.07 -15.99 24.98
C LYS D 99 26.75 -17.08 24.16
N ILE D 100 26.15 -18.26 24.07
CA ILE D 100 26.70 -19.33 23.22
C ILE D 100 26.81 -18.84 21.77
N ILE D 101 25.74 -18.21 21.27
CA ILE D 101 25.76 -17.73 19.88
C ILE D 101 26.88 -16.72 19.66
N ILE D 102 26.93 -15.70 20.52
CA ILE D 102 27.81 -14.55 20.27
C ILE D 102 29.28 -14.86 20.67
N GLU D 103 29.45 -15.33 21.88
CA GLU D 103 30.78 -15.61 22.42
C GLU D 103 31.34 -16.93 21.91
N ASP D 104 30.54 -17.98 21.96
CA ASP D 104 31.08 -19.30 21.67
C ASP D 104 31.15 -19.59 20.19
N ILE D 105 30.01 -19.63 19.50
CA ILE D 105 29.99 -19.94 18.07
C ILE D 105 30.62 -18.83 17.20
N LEU D 106 30.30 -17.57 17.48
CA LEU D 106 30.83 -16.46 16.66
C LEU D 106 31.91 -15.63 17.38
N GLY D 107 32.59 -16.27 18.33
CA GLY D 107 33.66 -15.60 19.08
C GLY D 107 34.81 -15.06 18.24
N ASP D 108 35.03 -15.63 17.06
CA ASP D 108 36.06 -15.16 16.15
C ASP D 108 35.62 -14.01 15.22
N GLU D 109 34.41 -13.52 15.40
CA GLU D 109 33.92 -12.45 14.54
C GLU D 109 33.55 -11.24 15.37
N ASP D 110 33.77 -10.07 14.78
CA ASP D 110 33.65 -8.79 15.46
C ASP D 110 32.26 -8.14 15.37
N TRP D 111 31.49 -8.45 14.33
CA TRP D 111 30.18 -7.79 14.10
C TRP D 111 29.06 -8.09 15.11
N PRO D 112 28.99 -9.31 15.67
CA PRO D 112 27.78 -9.61 16.48
C PRO D 112 27.56 -8.73 17.70
N GLY D 113 26.35 -8.20 17.84
CA GLY D 113 25.97 -7.35 18.99
C GLY D 113 24.99 -8.01 19.96
N LYS D 114 23.73 -8.13 19.56
CA LYS D 114 22.72 -8.63 20.47
C LYS D 114 21.69 -9.53 19.74
N VAL D 115 21.05 -10.41 20.50
CA VAL D 115 20.03 -11.35 19.99
C VAL D 115 18.68 -11.02 20.58
N ARG D 116 17.63 -11.13 19.77
CA ARG D 116 16.26 -11.21 20.28
C ARG D 116 15.75 -12.60 19.93
N PHE D 117 15.24 -13.32 20.93
CA PHE D 117 14.65 -14.63 20.66
C PHE D 117 13.18 -14.50 20.43
N VAL D 118 12.67 -15.24 19.45
CA VAL D 118 11.24 -15.34 19.19
C VAL D 118 10.91 -16.85 19.04
N SER D 119 9.77 -17.20 18.44
CA SER D 119 9.34 -18.62 18.41
C SER D 119 9.47 -19.35 17.08
N THR D 120 9.58 -18.59 15.97
CA THR D 120 9.64 -19.23 14.65
C THR D 120 10.56 -18.46 13.71
N GLY D 121 10.87 -19.06 12.56
CA GLY D 121 11.75 -18.38 11.57
C GLY D 121 11.06 -17.15 10.98
N SER D 122 9.74 -17.26 10.75
CA SER D 122 8.96 -16.13 10.18
C SER D 122 8.97 -14.97 11.17
N GLU D 123 8.78 -15.27 12.46
CA GLU D 123 8.85 -14.23 13.52
C GLU D 123 10.23 -13.59 13.57
N ALA D 124 11.28 -14.39 13.36
CA ALA D 124 12.66 -13.87 13.30
C ALA D 124 12.80 -12.90 12.11
N VAL D 125 12.27 -13.26 10.95
CA VAL D 125 12.36 -12.37 9.77
C VAL D 125 11.56 -11.09 10.02
N GLU D 126 10.35 -11.21 10.58
CA GLU D 126 9.52 -10.03 10.94
C GLU D 126 10.30 -9.06 11.82
N THR D 127 10.96 -9.61 12.83
CA THR D 127 11.81 -8.83 13.73
C THR D 127 12.97 -8.10 12.99
N ALA D 128 13.68 -8.84 12.14
CA ALA D 128 14.79 -8.31 11.39
C ALA D 128 14.36 -7.15 10.46
N LEU D 129 13.22 -7.32 9.79
CA LEU D 129 12.69 -6.26 8.92
C LEU D 129 12.37 -5.01 9.76
N ASN D 130 11.73 -5.20 10.90
CA ASN D 130 11.35 -4.07 11.75
C ASN D 130 12.60 -3.33 12.22
N ILE D 131 13.59 -4.07 12.72
CA ILE D 131 14.82 -3.47 13.19
C ILE D 131 15.57 -2.76 12.04
N ALA D 132 15.73 -3.40 10.88
CA ALA D 132 16.43 -2.75 9.75
C ALA D 132 15.76 -1.42 9.37
N ARG D 133 14.44 -1.43 9.33
CA ARG D 133 13.70 -0.23 8.96
C ARG D 133 13.84 0.87 10.01
N LEU D 134 13.75 0.51 11.28
CA LEU D 134 13.93 1.47 12.38
C LEU D 134 15.34 2.03 12.46
N TYR D 135 16.32 1.15 12.31
CA TYR D 135 17.72 1.57 12.38
C TYR D 135 18.03 2.57 11.26
N THR D 136 17.64 2.26 10.05
CA THR D 136 17.94 3.17 8.94
C THR D 136 16.90 4.31 8.82
N ASN D 137 15.78 4.20 9.50
CA ASN D 137 14.62 5.08 9.24
C ASN D 137 14.21 5.13 7.76
N ARG D 138 14.20 3.98 7.11
CA ARG D 138 13.87 3.88 5.70
C ARG D 138 12.86 2.75 5.47
N PRO D 139 11.96 2.91 4.49
CA PRO D 139 10.89 1.89 4.27
C PRO D 139 11.18 0.66 3.38
N LEU D 140 11.99 0.80 2.32
CA LEU D 140 12.07 -0.26 1.33
C LEU D 140 13.05 -1.39 1.71
N VAL D 141 12.62 -2.63 1.41
CA VAL D 141 13.55 -3.77 1.51
C VAL D 141 13.65 -4.46 0.15
N VAL D 142 14.88 -4.79 -0.25
CA VAL D 142 15.07 -5.51 -1.49
C VAL D 142 15.18 -7.02 -1.22
N THR D 143 14.37 -7.81 -1.93
CA THR D 143 14.48 -9.27 -1.90
C THR D 143 14.87 -9.77 -3.30
N ARG D 144 14.88 -11.09 -3.51
CA ARG D 144 15.18 -11.67 -4.82
C ARG D 144 14.07 -12.64 -5.29
N GLU D 145 13.90 -12.70 -6.60
CA GLU D 145 13.02 -13.69 -7.21
C GLU D 145 13.36 -15.10 -6.66
N HIS D 146 12.33 -15.84 -6.23
CA HIS D 146 12.45 -17.23 -5.68
C HIS D 146 12.87 -17.31 -4.20
N ASP D 147 13.17 -16.17 -3.57
CA ASP D 147 13.44 -16.17 -2.12
C ASP D 147 12.24 -16.63 -1.32
N TYR D 148 12.53 -17.41 -0.29
CA TYR D 148 11.52 -17.78 0.69
C TYR D 148 11.99 -17.29 2.08
N HIS D 149 11.21 -16.39 2.71
CA HIS D 149 11.61 -15.86 4.03
C HIS D 149 10.56 -16.03 5.09
N GLY D 150 9.54 -16.83 4.80
CA GLY D 150 8.43 -17.03 5.74
C GLY D 150 7.07 -16.71 5.16
N TRP D 151 6.04 -16.90 6.00
CA TRP D 151 4.63 -16.89 5.59
C TRP D 151 3.80 -15.79 6.28
N THR D 152 4.29 -15.21 7.37
CA THR D 152 3.48 -14.20 8.10
C THR D 152 3.52 -12.89 7.28
N GLY D 153 2.59 -11.97 7.55
CA GLY D 153 2.37 -10.81 6.69
C GLY D 153 3.62 -10.06 6.25
N GLY D 154 4.52 -9.77 7.19
CA GLY D 154 5.75 -9.00 6.88
C GLY D 154 6.81 -9.84 6.18
N ALA D 155 7.08 -11.02 6.73
CA ALA D 155 7.98 -11.98 6.13
C ALA D 155 7.52 -12.39 4.72
N ALA D 156 6.21 -12.56 4.51
CA ALA D 156 5.69 -12.90 3.17
C ALA D 156 5.96 -11.82 2.10
N THR D 157 6.04 -10.54 2.48
CA THR D 157 6.30 -9.46 1.49
C THR D 157 7.65 -9.68 0.80
N VAL D 158 8.61 -10.29 1.53
CA VAL D 158 9.94 -10.57 0.94
C VAL D 158 10.07 -12.00 0.40
N THR D 159 8.96 -12.74 0.43
CA THR D 159 8.90 -14.10 -0.18
C THR D 159 8.40 -13.96 -1.59
N ARG D 160 9.25 -14.33 -2.54
CA ARG D 160 8.88 -14.21 -3.93
C ARG D 160 8.98 -15.59 -4.59
N LEU D 161 8.45 -16.58 -3.87
CA LEU D 161 8.35 -17.93 -4.39
C LEU D 161 6.85 -18.19 -4.59
N ARG D 162 6.44 -18.16 -5.85
CA ARG D 162 5.00 -18.15 -6.22
C ARG D 162 4.15 -19.25 -5.58
N SER D 163 4.72 -20.47 -5.48
CA SER D 163 4.01 -21.65 -4.95
C SER D 163 3.98 -21.73 -3.44
N TYR D 164 4.49 -20.70 -2.74
CA TYR D 164 4.56 -20.78 -1.26
C TYR D 164 4.05 -19.51 -0.55
N ARG D 165 3.09 -18.82 -1.14
CA ARG D 165 2.63 -17.53 -0.62
C ARG D 165 1.22 -17.62 0.00
N SER D 166 0.88 -18.81 0.49
CA SER D 166 -0.36 -19.07 1.27
C SER D 166 -1.66 -18.77 0.53
N GLY D 167 -1.62 -18.79 -0.81
CA GLY D 167 -2.82 -18.67 -1.62
C GLY D 167 -3.44 -20.04 -1.89
N LEU D 168 -4.47 -20.04 -2.75
CA LEU D 168 -5.21 -21.27 -3.10
C LEU D 168 -5.00 -21.63 -4.56
N VAL D 169 -4.79 -22.90 -4.81
CA VAL D 169 -4.74 -23.41 -6.18
C VAL D 169 -5.67 -24.62 -6.33
N GLY D 170 -5.90 -25.02 -7.58
CA GLY D 170 -6.90 -26.04 -7.88
C GLY D 170 -6.34 -27.44 -7.72
N GLU D 171 -7.24 -28.43 -7.76
CA GLU D 171 -6.85 -29.85 -7.79
C GLU D 171 -6.61 -30.31 -9.22
N ASN D 172 -5.33 -30.39 -9.57
CA ASN D 172 -4.84 -30.81 -10.89
C ASN D 172 -5.40 -29.97 -12.00
N SER D 173 -5.41 -28.66 -11.76
CA SER D 173 -5.95 -27.70 -12.69
C SER D 173 -5.20 -26.41 -12.42
N GLU D 174 -4.54 -25.86 -13.44
CA GLU D 174 -3.67 -24.70 -13.25
C GLU D 174 -4.39 -23.40 -13.50
N SER D 175 -5.72 -23.43 -13.49
CA SER D 175 -6.50 -22.27 -13.94
C SER D 175 -7.34 -21.59 -12.85
N PHE D 176 -7.10 -21.93 -11.59
CA PHE D 176 -7.89 -21.36 -10.46
C PHE D 176 -7.07 -20.71 -9.35
N SER D 177 -5.95 -20.06 -9.69
CA SER D 177 -5.14 -19.38 -8.70
C SER D 177 -5.99 -18.34 -7.91
N ALA D 178 -5.99 -18.45 -6.57
CA ALA D 178 -6.47 -17.33 -5.77
C ALA D 178 -5.42 -16.86 -4.75
N GLN D 179 -4.87 -15.68 -4.98
CA GLN D 179 -3.91 -15.05 -4.05
C GLN D 179 -4.69 -14.37 -2.92
N ILE D 180 -4.04 -14.10 -1.78
CA ILE D 180 -4.73 -13.50 -0.62
C ILE D 180 -5.05 -12.05 -0.95
N PRO D 181 -6.35 -11.70 -1.01
CA PRO D 181 -6.74 -10.32 -1.35
C PRO D 181 -6.17 -9.33 -0.33
N GLY D 182 -5.56 -8.27 -0.84
CA GLY D 182 -5.01 -7.20 -0.02
C GLY D 182 -3.63 -7.43 0.59
N SER D 183 -3.03 -8.57 0.32
CA SER D 183 -1.77 -8.91 1.00
C SER D 183 -0.55 -7.97 0.65
N SER D 184 -0.63 -7.19 -0.45
CA SER D 184 0.46 -6.22 -0.80
C SER D 184 0.03 -4.73 -0.61
N TYR D 185 -1.08 -4.52 0.09
CA TYR D 185 -1.51 -3.16 0.43
C TYR D 185 -0.55 -2.60 1.45
N ASN D 186 0.44 -1.86 0.98
CA ASN D 186 1.40 -1.23 1.87
C ASN D 186 2.73 -2.01 1.95
N SER D 187 2.91 -3.07 1.13
CA SER D 187 4.20 -3.80 1.13
C SER D 187 5.30 -2.88 0.56
N ALA D 188 6.41 -2.76 1.25
CA ALA D 188 7.44 -1.82 0.77
C ALA D 188 8.69 -2.58 0.31
N VAL D 189 8.57 -3.32 -0.79
CA VAL D 189 9.55 -4.36 -1.16
C VAL D 189 9.82 -4.30 -2.65
N LEU D 190 11.08 -4.40 -3.03
CA LEU D 190 11.44 -4.50 -4.45
C LEU D 190 12.00 -5.88 -4.69
N MET D 191 11.54 -6.54 -5.75
CA MET D 191 12.11 -7.83 -6.12
C MET D 191 13.30 -7.67 -7.11
N ALA D 192 14.49 -8.07 -6.69
CA ALA D 192 15.65 -8.00 -7.55
C ALA D 192 15.78 -9.38 -8.21
N PRO D 193 16.64 -9.51 -9.23
CA PRO D 193 16.67 -10.82 -9.88
C PRO D 193 17.35 -11.89 -9.02
N SER D 194 16.97 -13.14 -9.28
CA SER D 194 17.65 -14.30 -8.78
C SER D 194 19.16 -14.18 -9.18
N PRO D 195 20.08 -14.58 -8.28
CA PRO D 195 21.53 -14.64 -8.60
C PRO D 195 21.81 -15.46 -9.86
N ASN D 196 20.95 -16.45 -10.09
CA ASN D 196 21.19 -17.51 -11.04
C ASN D 196 20.68 -17.21 -12.42
N MET D 197 19.81 -16.23 -12.54
CA MET D 197 19.42 -15.83 -13.85
C MET D 197 20.61 -15.08 -14.44
N PHE D 198 20.57 -14.81 -15.74
CA PHE D 198 21.73 -14.22 -16.39
C PHE D 198 22.80 -15.31 -16.57
N GLN D 199 22.42 -16.35 -17.31
CA GLN D 199 23.32 -17.44 -17.66
C GLN D 199 23.67 -17.49 -19.15
N ASP D 200 24.87 -17.99 -19.46
CA ASP D 200 25.29 -18.41 -20.80
C ASP D 200 24.45 -19.55 -21.38
N SER D 201 24.78 -19.95 -22.60
CA SER D 201 24.30 -21.20 -23.16
C SER D 201 25.10 -22.37 -22.54
N ASP D 202 26.38 -22.10 -22.27
CA ASP D 202 27.24 -23.03 -21.54
C ASP D 202 26.77 -23.19 -20.10
N GLY D 203 26.65 -22.07 -19.40
CA GLY D 203 26.22 -22.06 -18.00
C GLY D 203 26.99 -21.05 -17.17
N ASN D 204 27.89 -20.31 -17.82
CA ASN D 204 28.59 -19.20 -17.18
C ASN D 204 27.61 -18.18 -16.65
N LEU D 205 27.93 -17.60 -15.49
CA LEU D 205 27.13 -16.52 -14.95
C LEU D 205 27.79 -15.23 -15.43
N LEU D 206 27.00 -14.34 -16.08
CA LEU D 206 27.49 -13.17 -16.82
C LEU D 206 27.84 -11.99 -15.92
N LYS D 207 28.88 -11.25 -16.32
CA LYS D 207 29.43 -10.12 -15.58
C LYS D 207 29.55 -8.93 -16.50
N ASP D 208 29.65 -7.71 -15.98
CA ASP D 208 29.97 -6.57 -16.84
C ASP D 208 31.50 -6.45 -16.98
N GLU D 209 31.99 -5.37 -17.60
CA GLU D 209 33.43 -5.20 -17.85
C GLU D 209 34.19 -5.06 -16.53
N ASN D 210 33.58 -4.39 -15.56
CA ASN D 210 34.14 -4.34 -14.22
C ASN D 210 34.11 -5.69 -13.48
N GLY D 211 33.52 -6.72 -14.08
CA GLY D 211 33.39 -8.02 -13.41
C GLY D 211 32.27 -8.12 -12.37
N GLU D 212 31.40 -7.11 -12.32
CA GLU D 212 30.21 -7.14 -11.46
C GLU D 212 29.12 -8.05 -12.09
N LEU D 213 28.71 -9.08 -11.37
CA LEU D 213 27.64 -9.95 -11.86
C LEU D 213 26.47 -9.11 -12.30
N LEU D 214 25.83 -9.49 -13.41
CA LEU D 214 24.67 -8.72 -13.91
C LEU D 214 23.47 -8.70 -12.94
N SER D 215 23.27 -9.79 -12.23
CA SER D 215 22.24 -9.82 -11.17
C SER D 215 22.52 -8.71 -10.13
N VAL D 216 23.77 -8.59 -9.70
CA VAL D 216 24.20 -7.58 -8.75
C VAL D 216 24.12 -6.16 -9.33
N LYS D 217 24.56 -6.00 -10.57
CA LYS D 217 24.45 -4.71 -11.26
C LYS D 217 23.00 -4.23 -11.38
N TYR D 218 22.09 -5.14 -11.71
CA TYR D 218 20.70 -4.74 -11.80
C TYR D 218 20.07 -4.38 -10.43
N THR D 219 20.44 -5.14 -9.40
CA THR D 219 20.07 -4.79 -8.06
C THR D 219 20.58 -3.39 -7.65
N ARG D 220 21.84 -3.07 -7.97
CA ARG D 220 22.39 -1.72 -7.73
C ARG D 220 21.50 -0.66 -8.41
N ARG D 221 21.20 -0.91 -9.68
CA ARG D 221 20.39 0.01 -10.48
C ARG D 221 19.01 0.25 -9.91
N MET D 222 18.35 -0.81 -9.42
CA MET D 222 17.05 -0.64 -8.76
C MET D 222 17.13 0.24 -7.51
N ILE D 223 18.16 0.02 -6.69
CA ILE D 223 18.33 0.78 -5.46
C ILE D 223 18.62 2.28 -5.77
N GLU D 224 19.47 2.51 -6.77
CA GLU D 224 19.70 3.87 -7.29
C GLU D 224 18.42 4.51 -7.73
N ASN D 225 17.62 3.77 -8.51
CA ASN D 225 16.41 4.32 -9.09
C ASN D 225 15.38 4.74 -8.04
N TYR D 226 15.17 3.87 -7.05
CA TYR D 226 14.20 4.12 -5.99
C TYR D 226 14.78 5.07 -4.93
N GLY D 227 16.11 5.25 -4.98
CA GLY D 227 16.82 6.16 -4.10
C GLY D 227 17.43 5.39 -2.92
N PRO D 228 18.78 5.29 -2.87
CA PRO D 228 19.40 4.57 -1.75
C PRO D 228 18.97 5.11 -0.37
N GLU D 229 18.65 6.40 -0.32
CA GLU D 229 18.20 7.06 0.92
C GLU D 229 16.85 6.50 1.42
N GLN D 230 16.16 5.72 0.60
CA GLN D 230 14.94 5.08 1.11
C GLN D 230 14.94 3.55 1.16
N VAL D 231 16.11 2.94 0.96
CA VAL D 231 16.22 1.49 0.97
C VAL D 231 16.93 1.09 2.27
N ALA D 232 16.19 0.38 3.12
CA ALA D 232 16.70 0.00 4.41
C ALA D 232 17.70 -1.15 4.28
N ALA D 233 17.40 -2.12 3.42
CA ALA D 233 18.17 -3.38 3.43
C ALA D 233 17.97 -4.20 2.18
N VAL D 234 18.97 -5.03 1.89
CA VAL D 234 18.81 -6.14 0.95
C VAL D 234 18.77 -7.41 1.82
N ILE D 235 17.77 -8.28 1.58
CA ILE D 235 17.66 -9.56 2.29
C ILE D 235 17.97 -10.72 1.34
N THR D 236 18.80 -11.66 1.79
CA THR D 236 19.22 -12.76 0.94
C THR D 236 19.07 -14.09 1.68
N GLU D 237 19.25 -15.17 0.93
CA GLU D 237 19.58 -16.50 1.46
C GLU D 237 20.83 -16.85 0.66
N VAL D 238 21.87 -17.39 1.30
CA VAL D 238 23.10 -17.63 0.51
C VAL D 238 22.86 -18.78 -0.47
N SER D 239 22.07 -19.75 -0.05
CA SER D 239 21.57 -20.77 -0.93
C SER D 239 20.07 -20.73 -0.75
N GLN D 240 19.34 -20.44 -1.82
CA GLN D 240 17.87 -20.39 -1.70
C GLN D 240 17.35 -21.76 -1.29
N GLY D 241 16.59 -21.79 -0.19
CA GLY D 241 16.18 -23.06 0.43
C GLY D 241 15.06 -23.70 -0.37
N ALA D 242 13.84 -23.22 -0.13
CA ALA D 242 12.69 -23.73 -0.82
C ALA D 242 12.84 -23.47 -2.34
N GLY D 243 13.38 -22.30 -2.69
CA GLY D 243 13.61 -21.93 -4.09
C GLY D 243 14.64 -22.80 -4.78
N SER D 244 15.45 -23.50 -3.99
CA SER D 244 16.28 -24.59 -4.52
C SER D 244 17.37 -24.16 -5.54
N ALA D 245 18.27 -23.28 -5.09
CA ALA D 245 19.29 -22.67 -5.98
C ALA D 245 20.59 -22.33 -5.25
N MET D 246 21.72 -22.49 -5.91
CA MET D 246 23.03 -22.07 -5.38
C MET D 246 23.52 -20.93 -6.27
N PRO D 247 23.96 -19.80 -5.69
CA PRO D 247 24.42 -18.65 -6.51
C PRO D 247 25.87 -18.84 -6.95
N PRO D 248 26.33 -18.06 -7.96
CA PRO D 248 27.77 -18.04 -8.32
C PRO D 248 28.57 -17.55 -7.14
N TYR D 249 29.81 -18.01 -6.98
CA TYR D 249 30.57 -17.78 -5.75
C TYR D 249 30.66 -16.30 -5.37
N GLU D 250 30.76 -15.44 -6.38
CA GLU D 250 31.00 -14.00 -6.23
C GLU D 250 29.77 -13.20 -5.79
N TYR D 251 28.59 -13.78 -5.96
CA TYR D 251 27.34 -13.04 -5.71
C TYR D 251 27.26 -12.49 -4.29
N ILE D 252 27.42 -13.36 -3.29
CA ILE D 252 27.33 -12.89 -1.90
C ILE D 252 28.41 -11.82 -1.54
N PRO D 253 29.70 -12.04 -1.90
CA PRO D 253 30.67 -10.95 -1.69
C PRO D 253 30.33 -9.62 -2.42
N GLN D 254 29.84 -9.70 -3.64
CA GLN D 254 29.46 -8.50 -4.38
C GLN D 254 28.23 -7.79 -3.77
N ILE D 255 27.29 -8.60 -3.23
CA ILE D 255 26.16 -8.05 -2.45
C ILE D 255 26.64 -7.29 -1.19
N ARG D 256 27.56 -7.88 -0.43
CA ARG D 256 28.13 -7.18 0.72
C ARG D 256 28.80 -5.86 0.32
N LYS D 257 29.61 -5.90 -0.74
CA LYS D 257 30.31 -4.70 -1.23
C LYS D 257 29.31 -3.64 -1.68
N MET D 258 28.31 -4.06 -2.46
CA MET D 258 27.32 -3.14 -3.01
C MET D 258 26.51 -2.47 -1.92
N THR D 259 26.07 -3.23 -0.92
CA THR D 259 25.29 -2.64 0.15
C THR D 259 26.11 -1.63 0.96
N LYS D 260 27.38 -1.95 1.23
CA LYS D 260 28.26 -1.04 1.94
C LYS D 260 28.42 0.25 1.16
N GLU D 261 28.68 0.15 -0.14
CA GLU D 261 28.86 1.33 -0.96
C GLU D 261 27.61 2.20 -1.02
N LEU D 262 26.43 1.57 -0.96
CA LEU D 262 25.18 2.33 -1.09
C LEU D 262 24.67 2.78 0.25
N GLY D 263 25.29 2.30 1.33
CA GLY D 263 24.86 2.69 2.64
C GLY D 263 23.58 1.96 3.05
N VAL D 264 23.45 0.73 2.61
CA VAL D 264 22.24 -0.08 2.80
C VAL D 264 22.64 -1.31 3.63
N LEU D 265 21.76 -1.76 4.54
CA LEU D 265 22.02 -2.97 5.34
C LEU D 265 21.92 -4.27 4.55
N TRP D 266 22.65 -5.28 5.02
CA TRP D 266 22.54 -6.59 4.48
C TRP D 266 22.00 -7.54 5.57
N ILE D 267 20.81 -8.08 5.32
CA ILE D 267 20.23 -9.13 6.18
C ILE D 267 20.46 -10.41 5.45
N ASN D 268 21.17 -11.34 6.07
CA ASN D 268 21.21 -12.67 5.54
C ASN D 268 20.37 -13.60 6.39
N ASP D 269 19.43 -14.26 5.75
CA ASP D 269 18.45 -15.11 6.40
C ASP D 269 19.12 -16.46 6.53
N GLU D 270 19.53 -16.79 7.74
CA GLU D 270 20.16 -18.09 8.03
C GLU D 270 19.18 -19.10 8.61
N VAL D 271 17.85 -18.88 8.46
CA VAL D 271 16.90 -19.79 9.10
C VAL D 271 17.13 -21.25 8.63
N LEU D 272 17.37 -21.41 7.33
CA LEU D 272 17.63 -22.77 6.80
C LEU D 272 19.13 -23.12 6.72
N THR D 273 19.97 -22.18 6.32
CA THR D 273 21.43 -22.49 6.18
C THR D 273 22.21 -22.51 7.50
N GLY D 274 21.56 -22.11 8.60
CA GLY D 274 22.24 -21.89 9.85
C GLY D 274 22.55 -23.18 10.59
N PHE D 275 23.49 -23.07 11.53
CA PHE D 275 23.75 -24.12 12.51
C PHE D 275 24.21 -25.42 11.89
N GLY D 276 25.26 -25.28 11.07
CA GLY D 276 26.02 -26.39 10.51
C GLY D 276 25.44 -27.01 9.26
N ARG D 277 24.24 -26.55 8.83
CA ARG D 277 23.59 -27.08 7.64
C ARG D 277 24.49 -27.16 6.41
N THR D 278 25.38 -26.18 6.22
CA THR D 278 26.21 -26.16 5.02
C THR D 278 27.65 -26.58 5.33
N GLY D 279 27.88 -27.16 6.50
CA GLY D 279 29.25 -27.57 6.88
C GLY D 279 30.16 -26.45 7.36
N LYS D 280 29.58 -25.29 7.66
CA LYS D 280 30.16 -24.26 8.48
C LYS D 280 29.04 -23.90 9.45
N TRP D 281 29.35 -23.15 10.49
CA TRP D 281 28.30 -22.76 11.42
C TRP D 281 27.17 -22.03 10.71
N PHE D 282 27.53 -21.10 9.83
CA PHE D 282 26.53 -20.35 9.10
C PHE D 282 26.88 -20.33 7.63
N GLY D 283 25.85 -20.33 6.80
CA GLY D 283 26.00 -20.19 5.38
C GLY D 283 26.86 -19.02 4.93
N TYR D 284 26.69 -17.84 5.51
CA TYR D 284 27.50 -16.68 5.05
C TYR D 284 29.03 -16.86 5.20
N GLN D 285 29.44 -17.72 6.13
CA GLN D 285 30.87 -17.96 6.36
C GLN D 285 31.62 -18.61 5.16
N HIS D 286 30.91 -19.15 4.18
CA HIS D 286 31.58 -19.66 3.00
C HIS D 286 32.13 -18.53 2.14
N TYR D 287 31.76 -17.27 2.45
CA TYR D 287 31.98 -16.17 1.49
C TYR D 287 32.86 -15.04 1.95
N GLY D 288 33.45 -15.17 3.12
CA GLY D 288 34.44 -14.20 3.57
C GLY D 288 33.87 -12.82 3.83
N VAL D 289 32.60 -12.75 4.17
CA VAL D 289 31.93 -11.47 4.47
C VAL D 289 31.08 -11.63 5.72
N GLN D 290 30.73 -10.51 6.35
CA GLN D 290 29.92 -10.48 7.56
C GLN D 290 28.65 -9.63 7.32
N PRO D 291 27.48 -10.17 7.65
CA PRO D 291 26.20 -9.42 7.45
C PRO D 291 25.99 -8.39 8.55
N ASP D 292 24.96 -7.56 8.40
CA ASP D 292 24.53 -6.64 9.45
C ASP D 292 23.57 -7.30 10.43
N ILE D 293 22.70 -8.16 9.89
CA ILE D 293 21.69 -8.90 10.67
C ILE D 293 21.56 -10.29 10.09
N ILE D 294 21.41 -11.29 10.95
CA ILE D 294 20.96 -12.59 10.48
C ILE D 294 19.71 -13.04 11.20
N THR D 295 18.90 -13.84 10.52
CA THR D 295 17.71 -14.41 11.13
C THR D 295 17.92 -15.91 11.27
N MET D 296 17.40 -16.47 12.35
CA MET D 296 17.61 -17.90 12.66
C MET D 296 16.32 -18.63 13.03
N GLY D 297 16.34 -19.95 12.83
CA GLY D 297 15.29 -20.86 13.33
C GLY D 297 15.80 -22.26 13.07
N LYS D 298 14.88 -23.19 12.81
CA LYS D 298 15.21 -24.58 12.36
C LYS D 298 16.33 -25.23 13.21
N GLY D 299 17.57 -25.28 12.69
CA GLY D 299 18.74 -25.77 13.46
C GLY D 299 19.14 -25.02 14.73
N LEU D 300 18.59 -23.82 14.94
CA LEU D 300 18.72 -23.16 16.22
C LEU D 300 18.34 -24.07 17.40
N SER D 301 17.25 -24.81 17.27
CA SER D 301 16.88 -25.78 18.28
C SER D 301 16.86 -27.21 17.71
N SER D 302 17.24 -27.38 16.43
CA SER D 302 16.98 -28.59 15.61
C SER D 302 15.52 -29.08 15.74
N SER D 303 14.59 -28.11 15.75
CA SER D 303 13.13 -28.36 15.87
C SER D 303 12.69 -29.11 17.11
N SER D 304 13.55 -29.19 18.11
CA SER D 304 13.21 -29.91 19.32
C SER D 304 12.06 -29.21 20.04
N LEU D 305 12.10 -27.86 20.07
CA LEU D 305 10.95 -27.05 20.47
C LEU D 305 10.95 -25.79 19.59
N PRO D 306 9.80 -25.10 19.50
CA PRO D 306 9.83 -23.90 18.62
C PRO D 306 10.74 -22.77 19.13
N ALA D 307 11.67 -22.33 18.29
CA ALA D 307 12.54 -21.17 18.61
C ALA D 307 12.99 -20.52 17.30
N GLY D 308 13.06 -19.18 17.31
CA GLY D 308 13.62 -18.40 16.22
C GLY D 308 14.46 -17.32 16.88
N ALA D 309 15.31 -16.64 16.11
CA ALA D 309 16.12 -15.55 16.68
C ALA D 309 16.61 -14.61 15.59
N VAL D 310 16.86 -13.35 15.96
CA VAL D 310 17.57 -12.38 15.14
C VAL D 310 18.87 -11.94 15.87
N LEU D 311 19.96 -11.84 15.12
CA LEU D 311 21.20 -11.35 15.69
C LEU D 311 21.55 -10.08 14.92
N VAL D 312 21.64 -8.97 15.64
CA VAL D 312 22.04 -7.69 14.98
C VAL D 312 23.49 -7.29 15.33
N SER D 313 24.11 -6.50 14.48
CA SER D 313 25.47 -6.00 14.69
C SER D 313 25.60 -5.12 15.93
N LYS D 314 26.84 -4.90 16.37
CA LYS D 314 27.12 -3.96 17.48
C LYS D 314 26.51 -2.57 17.21
N GLU D 315 26.72 -2.08 16.00
CA GLU D 315 26.21 -0.79 15.55
C GLU D 315 24.71 -0.67 15.78
N ILE D 316 24.00 -1.68 15.30
CA ILE D 316 22.52 -1.69 15.37
C ILE D 316 22.04 -1.85 16.81
N ALA D 317 22.69 -2.73 17.57
CA ALA D 317 22.31 -2.95 18.97
C ALA D 317 22.48 -1.67 19.80
N ALA D 318 23.58 -0.93 19.58
CA ALA D 318 23.83 0.34 20.29
C ALA D 318 22.72 1.35 20.00
N PHE D 319 22.27 1.36 18.75
CA PHE D 319 21.15 2.24 18.39
C PHE D 319 19.86 1.85 19.10
N MET D 320 19.50 0.57 19.03
CA MET D 320 18.26 0.11 19.64
C MET D 320 18.30 0.32 21.15
N ASP D 321 19.49 0.16 21.72
CA ASP D 321 19.70 0.33 23.16
C ASP D 321 19.29 1.68 23.71
N LYS D 322 19.32 2.69 22.82
CA LYS D 322 19.04 4.09 23.20
C LYS D 322 17.57 4.44 23.29
N HIS D 323 16.70 3.49 22.95
CA HIS D 323 15.27 3.78 22.86
C HIS D 323 14.47 2.76 23.63
N ARG D 324 13.22 3.09 23.89
CA ARG D 324 12.30 2.13 24.45
C ARG D 324 11.55 1.50 23.27
N TRP D 325 11.73 0.19 23.10
CA TRP D 325 11.17 -0.51 21.96
C TRP D 325 9.87 -1.16 22.35
N GLU D 326 8.76 -0.63 21.82
CA GLU D 326 7.42 -1.07 22.20
C GLU D 326 6.94 -2.39 21.51
N SER D 327 7.75 -3.45 21.59
CA SER D 327 7.44 -4.70 20.91
C SER D 327 7.37 -5.84 21.90
N VAL D 328 6.21 -6.51 21.96
CA VAL D 328 6.05 -7.70 22.81
C VAL D 328 5.52 -8.93 22.04
N SER D 329 6.13 -10.08 22.30
CA SER D 329 5.67 -11.36 21.75
C SER D 329 5.53 -12.29 22.95
N THR D 330 4.35 -12.83 23.20
CA THR D 330 4.14 -13.62 24.44
C THR D 330 5.26 -14.65 24.71
N TYR D 331 5.51 -15.53 23.73
CA TYR D 331 6.43 -16.64 23.94
C TYR D 331 7.88 -16.36 23.63
N ALA D 332 8.19 -15.14 23.21
CA ALA D 332 9.58 -14.78 22.87
C ALA D 332 10.47 -15.01 24.10
N GLY D 333 11.51 -15.83 23.93
CA GLY D 333 12.43 -16.19 25.02
C GLY D 333 11.94 -17.25 26.00
N HIS D 334 10.85 -17.94 25.65
CA HIS D 334 10.27 -19.03 26.46
C HIS D 334 11.40 -19.87 27.10
N PRO D 335 11.42 -19.97 28.45
CA PRO D 335 12.59 -20.54 29.11
C PRO D 335 12.85 -22.01 28.77
N VAL D 336 11.77 -22.79 28.55
CA VAL D 336 11.93 -24.22 28.19
C VAL D 336 12.45 -24.39 26.75
N ALA D 337 11.90 -23.61 25.81
CA ALA D 337 12.49 -23.53 24.46
C ALA D 337 13.97 -23.08 24.49
N MET D 338 14.30 -22.15 25.40
CA MET D 338 15.69 -21.68 25.49
C MET D 338 16.60 -22.78 26.05
N ALA D 339 16.04 -23.57 26.95
CA ALA D 339 16.75 -24.73 27.49
C ALA D 339 17.11 -25.70 26.39
N ALA D 340 16.18 -25.89 25.46
CA ALA D 340 16.37 -26.77 24.32
C ALA D 340 17.42 -26.22 23.36
N VAL D 341 17.38 -24.92 23.11
CA VAL D 341 18.39 -24.27 22.27
C VAL D 341 19.80 -24.43 22.89
N CYS D 342 19.92 -24.17 24.19
CA CYS D 342 21.22 -24.34 24.84
C CYS D 342 21.78 -25.75 24.63
N ALA D 343 20.94 -26.76 24.87
CA ALA D 343 21.43 -28.15 24.82
C ALA D 343 21.77 -28.51 23.40
N ASN D 344 20.96 -28.04 22.45
CA ASN D 344 21.16 -28.34 21.04
C ASN D 344 22.52 -27.79 20.60
N LEU D 345 22.78 -26.54 20.95
CA LEU D 345 24.03 -25.90 20.56
C LEU D 345 25.22 -26.53 21.29
N GLU D 346 25.06 -26.87 22.57
CA GLU D 346 26.15 -27.50 23.32
C GLU D 346 26.56 -28.84 22.73
N VAL D 347 25.59 -29.70 22.44
CA VAL D 347 25.84 -30.95 21.72
C VAL D 347 26.49 -30.73 20.36
N MET D 348 25.97 -29.75 19.60
CA MET D 348 26.52 -29.44 18.28
C MET D 348 28.01 -29.07 18.36
N MET D 349 28.34 -28.26 19.37
CA MET D 349 29.73 -27.87 19.67
C MET D 349 30.56 -29.07 20.18
N GLU D 350 30.14 -29.67 21.31
CA GLU D 350 30.84 -30.83 21.94
C GLU D 350 31.21 -31.89 20.94
N GLU D 351 30.30 -32.24 20.05
CA GLU D 351 30.54 -33.37 19.20
C GLU D 351 30.97 -33.03 17.76
N ASN D 352 31.30 -31.77 17.51
CA ASN D 352 31.80 -31.41 16.20
C ASN D 352 30.86 -31.72 15.07
N PHE D 353 29.59 -31.42 15.26
CA PHE D 353 28.59 -31.66 14.21
C PHE D 353 28.87 -30.91 12.90
N VAL D 354 29.45 -29.71 12.99
CA VAL D 354 29.76 -28.91 11.79
C VAL D 354 30.83 -29.60 10.92
N GLU D 355 31.80 -30.24 11.55
CA GLU D 355 32.83 -30.99 10.82
C GLU D 355 32.24 -32.28 10.24
N GLN D 356 31.37 -32.93 11.01
CA GLN D 356 30.65 -34.08 10.49
C GLN D 356 29.91 -33.73 9.20
N ALA D 357 29.15 -32.63 9.24
CA ALA D 357 28.42 -32.17 8.04
C ALA D 357 29.35 -31.89 6.88
N LYS D 358 30.49 -31.24 7.15
CA LYS D 358 31.44 -30.91 6.09
C LYS D 358 31.94 -32.19 5.40
N ASP D 359 32.33 -33.16 6.21
CA ASP D 359 32.86 -34.45 5.70
C ASP D 359 31.82 -35.25 4.93
N SER D 360 30.63 -35.39 5.51
CA SER D 360 29.50 -36.05 4.79
C SER D 360 29.14 -35.38 3.49
N GLY D 361 29.14 -34.05 3.48
CA GLY D 361 28.95 -33.30 2.24
C GLY D 361 29.98 -33.67 1.18
N GLU D 362 31.24 -33.77 1.57
CA GLU D 362 32.28 -34.25 0.61
C GLU D 362 31.94 -35.64 0.08
N TYR D 363 31.49 -36.51 0.97
CA TYR D 363 31.12 -37.87 0.65
C TYR D 363 29.88 -37.91 -0.24
N ILE D 364 28.91 -37.06 0.06
CA ILE D 364 27.78 -36.86 -0.85
C ILE D 364 28.19 -36.37 -2.23
N ARG D 365 29.10 -35.41 -2.30
CA ARG D 365 29.58 -34.93 -3.59
C ARG D 365 30.05 -36.12 -4.48
N SER D 366 30.82 -37.05 -3.90
CA SER D 366 31.36 -38.14 -4.72
C SER D 366 30.28 -39.09 -5.16
N LYS D 367 29.32 -39.36 -4.27
CA LYS D 367 28.15 -40.19 -4.60
C LYS D 367 27.36 -39.58 -5.75
N LEU D 368 27.12 -38.27 -5.67
CA LEU D 368 26.40 -37.56 -6.72
C LEU D 368 27.14 -37.50 -8.08
N GLU D 369 28.47 -37.39 -8.04
CA GLU D 369 29.32 -37.50 -9.25
C GLU D 369 29.11 -38.79 -10.02
N LEU D 370 29.08 -39.91 -9.29
CA LEU D 370 28.83 -41.23 -9.85
C LEU D 370 27.41 -41.37 -10.41
N LEU D 371 26.41 -40.86 -9.68
CA LEU D 371 25.03 -40.92 -10.15
C LEU D 371 24.92 -40.14 -11.43
N GLN D 372 25.60 -38.99 -11.50
CA GLN D 372 25.56 -38.18 -12.70
C GLN D 372 26.16 -38.92 -13.90
N GLU D 373 27.26 -39.63 -13.66
CA GLU D 373 27.90 -40.45 -14.71
C GLU D 373 26.96 -41.52 -15.22
N LYS D 374 26.05 -42.03 -14.39
CA LYS D 374 25.11 -43.04 -14.92
C LYS D 374 23.69 -42.57 -15.28
N HIS D 375 23.36 -41.31 -15.01
CA HIS D 375 22.00 -40.79 -15.31
C HIS D 375 22.02 -39.46 -16.04
N LYS D 376 21.62 -39.46 -17.31
CA LYS D 376 21.63 -38.25 -18.11
C LYS D 376 20.51 -37.29 -17.69
N SER D 377 19.60 -37.75 -16.82
CA SER D 377 18.56 -36.88 -16.27
C SER D 377 19.11 -35.93 -15.20
N ILE D 378 20.33 -36.19 -14.74
CA ILE D 378 21.01 -35.28 -13.83
C ILE D 378 21.76 -34.22 -14.62
N GLY D 379 21.12 -33.05 -14.75
CA GLY D 379 21.68 -31.90 -15.46
C GLY D 379 22.95 -31.41 -14.79
N ASN D 380 22.91 -31.35 -13.48
CA ASN D 380 23.99 -30.79 -12.68
C ASN D 380 23.58 -30.92 -11.24
N PHE D 381 24.53 -30.74 -10.32
CA PHE D 381 24.23 -30.75 -8.90
C PHE D 381 25.19 -29.82 -8.19
N ASP D 382 24.83 -29.41 -6.98
CA ASP D 382 25.64 -28.45 -6.24
C ASP D 382 25.20 -28.42 -4.78
N GLY D 383 26.07 -27.93 -3.92
CA GLY D 383 25.75 -27.85 -2.49
C GLY D 383 26.95 -27.97 -1.60
N TYR D 384 26.70 -28.30 -0.34
CA TYR D 384 27.70 -28.38 0.72
C TYR D 384 27.06 -28.92 1.98
N GLY D 385 27.87 -29.50 2.86
CA GLY D 385 27.37 -30.05 4.11
C GLY D 385 26.20 -30.99 3.84
N LEU D 386 25.08 -30.77 4.53
CA LEU D 386 23.86 -31.54 4.25
C LEU D 386 22.78 -30.72 3.54
N LEU D 387 23.17 -30.02 2.48
CA LEU D 387 22.21 -29.24 1.74
C LEU D 387 22.56 -29.27 0.26
N TRP D 388 21.76 -29.96 -0.54
CA TRP D 388 22.12 -30.23 -1.93
C TRP D 388 20.99 -29.93 -2.93
N ILE D 389 21.33 -29.39 -4.10
CA ILE D 389 20.38 -29.35 -5.20
C ILE D 389 20.84 -30.31 -6.29
N VAL D 390 19.89 -30.94 -6.97
CA VAL D 390 20.20 -31.69 -8.19
C VAL D 390 19.20 -31.28 -9.28
N ASP D 391 19.71 -30.69 -10.35
CA ASP D 391 18.87 -30.28 -11.46
C ASP D 391 18.52 -31.50 -12.26
N ILE D 392 17.23 -31.72 -12.42
CA ILE D 392 16.70 -32.85 -13.19
C ILE D 392 16.25 -32.34 -14.57
N VAL D 393 16.62 -33.08 -15.62
CA VAL D 393 16.25 -32.72 -17.01
C VAL D 393 15.70 -33.96 -17.75
N ASN D 394 15.06 -33.72 -18.88
CA ASN D 394 14.72 -34.80 -19.78
C ASN D 394 16.01 -35.32 -20.43
N ALA D 395 16.38 -36.58 -20.15
CA ALA D 395 17.70 -37.11 -20.55
C ALA D 395 17.96 -36.98 -22.05
N LYS D 396 16.88 -37.00 -22.84
CA LYS D 396 16.89 -36.86 -24.29
C LYS D 396 17.03 -35.44 -24.85
N THR D 397 16.40 -34.46 -24.22
CA THR D 397 16.47 -33.07 -24.70
C THR D 397 17.42 -32.23 -23.85
N LYS D 398 17.74 -32.73 -22.66
CA LYS D 398 18.53 -31.98 -21.68
C LYS D 398 17.86 -30.68 -21.24
N THR D 399 16.56 -30.58 -21.45
CA THR D 399 15.78 -29.44 -20.97
C THR D 399 14.84 -29.93 -19.86
N PRO D 400 14.50 -29.05 -18.90
CA PRO D 400 13.61 -29.48 -17.80
C PRO D 400 12.25 -29.90 -18.32
N TYR D 401 11.64 -30.85 -17.62
CA TYR D 401 10.31 -31.32 -17.96
C TYR D 401 9.22 -30.27 -17.75
N VAL D 402 9.33 -29.47 -16.69
CA VAL D 402 8.26 -28.54 -16.34
C VAL D 402 8.72 -27.12 -16.64
N LYS D 403 8.05 -26.50 -17.61
CA LYS D 403 8.55 -25.28 -18.25
C LYS D 403 8.55 -24.09 -17.28
N LEU D 404 7.46 -23.94 -16.50
CA LEU D 404 7.35 -22.86 -15.52
C LEU D 404 8.45 -22.96 -14.45
N ASP D 405 8.99 -24.16 -14.24
CA ASP D 405 10.10 -24.40 -13.30
C ASP D 405 9.79 -23.75 -11.93
N ARG D 406 10.64 -22.83 -11.46
CA ARG D 406 10.49 -22.29 -10.09
C ARG D 406 9.33 -21.30 -9.93
N ASN D 407 8.71 -20.96 -11.06
CA ASN D 407 7.43 -20.23 -11.08
C ASN D 407 6.19 -21.10 -11.27
N PHE D 408 6.31 -22.39 -10.99
CA PHE D 408 5.14 -23.28 -11.06
C PHE D 408 4.22 -23.00 -9.89
N THR D 409 3.04 -23.59 -9.92
CA THR D 409 2.15 -23.59 -8.77
C THR D 409 1.75 -25.02 -8.47
N HIS D 410 1.24 -25.26 -7.26
CA HIS D 410 0.82 -26.59 -6.87
C HIS D 410 -0.54 -26.99 -7.48
N GLY D 411 -1.04 -26.19 -8.41
CA GLY D 411 -2.22 -26.57 -9.20
C GLY D 411 -1.90 -27.72 -10.14
N MET D 412 -0.64 -27.86 -10.53
CA MET D 412 -0.15 -28.95 -11.39
C MET D 412 -0.46 -30.33 -10.81
N ASN D 413 -0.65 -31.30 -11.70
CA ASN D 413 -0.81 -32.71 -11.30
C ASN D 413 0.55 -33.26 -10.91
N PRO D 414 0.66 -33.80 -9.68
CA PRO D 414 1.96 -34.35 -9.28
C PRO D 414 2.50 -35.49 -10.14
N ASN D 415 1.64 -36.24 -10.84
CA ASN D 415 2.11 -37.32 -11.74
C ASN D 415 2.93 -36.77 -12.92
N GLN D 416 2.93 -35.45 -13.09
CA GLN D 416 3.70 -34.80 -14.13
C GLN D 416 4.98 -34.14 -13.62
N ILE D 417 5.23 -34.22 -12.32
CA ILE D 417 6.34 -33.48 -11.67
C ILE D 417 7.49 -34.45 -11.37
N PRO D 418 8.65 -34.25 -12.03
CA PRO D 418 9.78 -35.18 -11.91
C PRO D 418 10.19 -35.42 -10.46
N THR D 419 10.25 -34.38 -9.62
CA THR D 419 10.57 -34.59 -8.20
C THR D 419 9.51 -35.38 -7.41
N GLN D 420 8.25 -35.38 -7.85
CA GLN D 420 7.20 -36.22 -7.23
C GLN D 420 7.35 -37.66 -7.75
N ILE D 421 7.65 -37.79 -9.03
CA ILE D 421 7.94 -39.11 -9.60
C ILE D 421 9.11 -39.78 -8.86
N ILE D 422 10.26 -39.10 -8.79
CA ILE D 422 11.41 -39.58 -8.03
C ILE D 422 11.00 -40.01 -6.62
N MET D 423 10.30 -39.11 -5.91
CA MET D 423 9.92 -39.37 -4.51
C MET D 423 9.01 -40.60 -4.30
N LYS D 424 8.00 -40.74 -5.14
CA LYS D 424 7.10 -41.86 -5.07
C LYS D 424 7.86 -43.17 -5.27
N LYS D 425 8.75 -43.20 -6.27
CA LYS D 425 9.57 -44.39 -6.51
C LYS D 425 10.54 -44.72 -5.38
N ALA D 426 11.27 -43.72 -4.88
CA ALA D 426 12.22 -43.93 -3.78
C ALA D 426 11.58 -44.48 -2.52
N LEU D 427 10.30 -44.18 -2.32
CA LEU D 427 9.55 -44.66 -1.16
C LEU D 427 9.41 -46.18 -1.11
N GLU D 428 9.39 -46.82 -2.27
CA GLU D 428 9.41 -48.28 -2.38
C GLU D 428 10.66 -48.87 -1.72
N LYS D 429 11.74 -48.09 -1.64
CA LYS D 429 12.94 -48.50 -0.90
C LYS D 429 12.96 -48.00 0.58
N GLY D 430 11.84 -47.48 1.07
CA GLY D 430 11.77 -46.93 2.42
C GLY D 430 12.58 -45.66 2.66
N VAL D 431 12.79 -44.86 1.60
CA VAL D 431 13.56 -43.62 1.70
C VAL D 431 12.67 -42.46 1.24
N LEU D 432 12.72 -41.37 1.99
CA LEU D 432 12.07 -40.12 1.61
C LEU D 432 13.10 -39.20 0.97
N ILE D 433 12.97 -38.98 -0.33
CA ILE D 433 13.92 -38.13 -1.02
C ILE D 433 13.25 -37.53 -2.23
N GLY D 434 13.57 -36.27 -2.52
CA GLY D 434 12.84 -35.56 -3.57
C GLY D 434 13.17 -34.10 -3.57
N GLY D 435 12.16 -33.24 -3.74
CA GLY D 435 12.39 -31.81 -3.64
C GLY D 435 11.06 -31.05 -3.58
N VAL D 436 11.11 -29.71 -3.50
CA VAL D 436 9.90 -28.89 -3.47
C VAL D 436 9.64 -28.17 -4.81
N MET D 437 10.72 -27.95 -5.57
CA MET D 437 10.59 -27.41 -6.92
C MET D 437 10.43 -28.60 -7.89
N PRO D 438 9.72 -28.39 -9.02
CA PRO D 438 9.38 -29.51 -9.93
C PRO D 438 10.59 -30.16 -10.63
N ASN D 439 11.62 -29.36 -10.94
CA ASN D 439 12.79 -29.88 -11.67
C ASN D 439 14.08 -29.98 -10.82
N THR D 440 13.98 -29.88 -9.50
CA THR D 440 15.19 -29.71 -8.71
C THR D 440 15.05 -30.47 -7.42
N MET D 441 15.95 -31.43 -7.17
N MET D 441 15.94 -31.44 -7.17
CA MET D 441 15.97 -32.15 -5.91
CA MET D 441 15.91 -32.16 -5.90
C MET D 441 16.46 -31.21 -4.82
C MET D 441 16.46 -31.22 -4.82
N ARG D 442 15.99 -31.39 -3.59
CA ARG D 442 16.53 -30.63 -2.46
C ARG D 442 16.76 -31.67 -1.38
N ILE D 443 18.03 -32.02 -1.19
CA ILE D 443 18.40 -33.16 -0.37
C ILE D 443 19.10 -32.73 0.90
N GLY D 444 18.63 -33.25 2.03
CA GLY D 444 19.23 -32.91 3.33
C GLY D 444 18.97 -34.00 4.33
N ALA D 445 19.90 -34.24 5.24
CA ALA D 445 19.66 -35.16 6.33
C ALA D 445 20.24 -34.54 7.61
N SER D 446 20.20 -35.25 8.74
CA SER D 446 20.85 -34.72 9.95
C SER D 446 22.36 -34.56 9.73
N LEU D 447 22.98 -33.64 10.46
CA LEU D 447 24.40 -33.34 10.32
C LEU D 447 25.27 -34.58 10.63
N ASN D 448 24.76 -35.44 11.50
CA ASN D 448 25.44 -36.65 11.93
C ASN D 448 24.90 -37.93 11.24
N VAL D 449 24.28 -37.78 10.08
CA VAL D 449 23.80 -38.90 9.29
C VAL D 449 24.96 -39.88 9.03
N SER D 450 24.69 -41.17 9.04
CA SER D 450 25.74 -42.18 8.83
C SER D 450 26.06 -42.38 7.34
N ARG D 451 27.26 -42.88 7.06
CA ARG D 451 27.66 -43.18 5.69
C ARG D 451 26.69 -44.21 5.12
N GLY D 452 26.30 -45.16 5.96
CA GLY D 452 25.37 -46.20 5.56
C GLY D 452 24.01 -45.67 5.11
N ASP D 453 23.50 -44.66 5.81
CA ASP D 453 22.24 -44.03 5.37
C ASP D 453 22.39 -43.20 4.10
N ILE D 454 23.50 -42.49 3.96
CA ILE D 454 23.78 -41.79 2.71
C ILE D 454 23.76 -42.80 1.57
N ASP D 455 24.43 -43.93 1.74
CA ASP D 455 24.47 -44.96 0.71
C ASP D 455 23.08 -45.46 0.34
N LYS D 456 22.31 -45.76 1.37
CA LYS D 456 20.95 -46.23 1.24
C LYS D 456 20.09 -45.19 0.48
N ALA D 457 20.24 -43.90 0.83
CA ALA D 457 19.45 -42.87 0.13
C ALA D 457 19.90 -42.70 -1.32
N MET D 458 21.21 -42.73 -1.54
CA MET D 458 21.74 -42.64 -2.91
C MET D 458 21.37 -43.85 -3.78
N ASP D 459 21.31 -45.04 -3.16
CA ASP D 459 20.75 -46.23 -3.84
C ASP D 459 19.31 -46.04 -4.24
N ALA D 460 18.47 -45.55 -3.31
CA ALA D 460 17.06 -45.30 -3.64
C ALA D 460 16.91 -44.34 -4.80
N LEU D 461 17.76 -43.31 -4.82
CA LEU D 461 17.75 -42.28 -5.87
C LEU D 461 18.12 -42.88 -7.24
N ASP D 462 19.14 -43.74 -7.22
CA ASP D 462 19.57 -44.43 -8.43
C ASP D 462 18.39 -45.16 -9.03
N TYR D 463 17.72 -45.94 -8.18
CA TYR D 463 16.55 -46.71 -8.55
C TYR D 463 15.43 -45.80 -9.08
N ALA D 464 15.13 -44.71 -8.38
CA ALA D 464 14.10 -43.76 -8.85
C ALA D 464 14.47 -43.14 -10.23
N LEU D 465 15.73 -42.81 -10.42
CA LEU D 465 16.15 -42.18 -11.68
C LEU D 465 16.05 -43.15 -12.85
N ASP D 466 16.35 -44.42 -12.60
CA ASP D 466 16.13 -45.47 -13.59
C ASP D 466 14.70 -45.37 -14.05
N TYR D 467 13.77 -45.31 -13.10
CA TYR D 467 12.38 -45.25 -13.43
C TYR D 467 11.99 -43.98 -14.20
N LEU D 468 12.52 -42.83 -13.79
CA LEU D 468 12.18 -41.56 -14.44
C LEU D 468 12.62 -41.64 -15.89
N GLU D 469 13.85 -42.16 -16.09
CA GLU D 469 14.47 -42.23 -17.40
C GLU D 469 13.78 -43.24 -18.30
N SER D 470 13.17 -44.27 -17.73
CA SER D 470 12.36 -45.22 -18.51
C SER D 470 11.11 -44.60 -19.18
N GLY D 471 10.77 -43.37 -18.82
CA GLY D 471 9.66 -42.64 -19.43
C GLY D 471 8.26 -43.25 -19.23
N GLU D 472 8.19 -44.43 -18.60
CA GLU D 472 6.94 -45.17 -18.44
C GLU D 472 5.86 -44.38 -17.70
N TRP D 473 6.29 -43.38 -16.94
CA TRP D 473 5.39 -42.58 -16.13
C TRP D 473 4.55 -41.57 -16.95
N GLN D 474 4.91 -41.34 -18.22
CA GLN D 474 4.25 -40.30 -19.04
C GLN D 474 3.06 -40.79 -19.88
N1 6DF E . 3.50 10.65 -20.82
C2 6DF E . 4.65 11.02 -21.39
N2 6DF E . 6.27 14.70 -19.88
C3 6DF E . 5.16 12.28 -21.13
C4 6DF E . 4.45 13.18 -20.31
C5 6DF E . 3.25 12.75 -19.74
C6 6DF E . 2.79 11.48 -20.02
C7 6DF E . 7.07 15.85 -19.39
C8 6DF E . 6.36 17.18 -19.37
C9 6DF E . 8.45 15.91 -19.92
C10 6DF E . 8.74 15.57 -21.25
C11 6DF E . 10.06 15.63 -21.72
C12 6DF E . 11.08 16.05 -20.85
C13 6DF E . 10.79 16.38 -19.51
O2P 6DF E . 2.54 16.85 -18.52
P 6DF E . 1.28 16.05 -18.91
O3P 6DF E . 0.54 15.71 -17.61
O1P 6DF E . 0.44 16.80 -19.90
O4P 6DF E . 1.76 14.68 -19.56
C5' 6DF E . 2.41 13.63 -18.81
C2' 6DF E . 5.38 10.05 -22.30
O3 6DF E . 6.34 12.67 -21.68
C4' 6DF E . 5.00 14.53 -19.96
C14 6DF E . 9.48 16.30 -19.05
C1 PGE F . -11.09 -9.77 -19.17
O1 PGE F . -11.78 -10.45 -20.22
C2 PGE F . -9.72 -10.42 -19.07
O2 PGE F . -8.98 -10.17 -20.27
C3 PGE F . -7.58 -10.27 -20.00
C4 PGE F . -6.84 -9.37 -20.96
O4 PGE F . -7.35 -9.26 -25.06
C6 PGE F . -6.53 -8.50 -24.18
C5 PGE F . -5.99 -9.44 -23.11
O3 PGE F . -7.06 -9.83 -22.29
C1 PGE G . -15.58 -7.70 -9.55
O1 PGE G . -16.66 -8.02 -10.41
C2 PGE G . -14.97 -9.01 -9.08
O2 PGE G . -14.08 -8.72 -8.00
C3 PGE G . -13.33 -9.85 -7.56
C4 PGE G . -11.83 -9.56 -7.68
O4 PGE G . -10.57 -13.47 -7.78
C6 PGE G . -10.43 -12.56 -8.89
C5 PGE G . -10.17 -11.14 -8.41
O3 PGE G . -11.14 -10.77 -7.43
OH2 1PE H . 31.22 30.82 -34.66
C12 1PE H . 32.32 31.28 -33.86
C22 1PE H . 31.87 31.44 -32.43
OH3 1PE H . 31.26 32.72 -32.22
C13 1PE H . 29.78 33.27 -30.37
C23 1PE H . 31.22 33.07 -30.82
OH4 1PE H . 29.05 33.92 -31.41
C14 1PE H . 27.11 35.24 -32.01
C24 1PE H . 27.91 34.59 -30.88
OH5 1PE H . 26.88 34.31 -33.07
C15 1PE H . 25.70 34.13 -35.23
C25 1PE H . 25.68 34.61 -33.79
OH6 1PE H . 26.39 32.88 -35.39
C16 1PE H . 27.21 31.36 -37.16
C26 1PE H . 26.05 32.19 -36.60
OH7 1PE H . 27.88 30.62 -36.13
C1 PGE I . 15.10 25.53 -19.95
O1 PGE I . 14.51 26.84 -19.84
C2 PGE I . 14.77 24.90 -21.30
O2 PGE I . 14.90 23.47 -21.21
C3 PGE I . 13.65 22.84 -20.97
C4 PGE I . 13.68 21.34 -21.18
O4 PGE I . 13.81 20.35 -16.48
C6 PGE I . 12.94 20.26 -17.63
C5 PGE I . 13.54 21.05 -18.80
O3 PGE I . 12.97 20.71 -20.09
N1 6DF J . -12.67 19.34 -5.52
C2 6DF J . -14.01 19.54 -5.47
N2 6DF J . -16.20 17.93 -8.80
C3 6DF J . -14.77 19.27 -6.61
C4 6DF J . -14.19 18.80 -7.79
C5 6DF J . -12.82 18.56 -7.79
C6 6DF J . -12.09 18.86 -6.63
C7 6DF J . -17.17 17.36 -9.76
C8 6DF J . -17.03 17.80 -11.21
C9 6DF J . -18.61 17.33 -9.29
C10 6DF J . -19.24 18.48 -8.77
C11 6DF J . -20.57 18.40 -8.37
C12 6DF J . -21.29 17.20 -8.50
C13 6DF J . -20.66 16.05 -9.00
O2P 6DF J . -13.17 17.89 -11.99
P 6DF J . -11.89 18.58 -11.60
O3P 6DF J . -10.70 17.61 -11.69
O1P 6DF J . -11.67 19.87 -12.38
O4P 6DF J . -12.00 19.01 -10.04
C5' 6DF J . -12.08 18.02 -9.00
C2' 6DF J . -14.62 20.10 -4.19
O3 6DF J . -16.09 19.46 -6.57
C4' 6DF J . -15.01 18.43 -8.97
C14 6DF J . -19.32 16.12 -9.39
C1 PGE K . 7.98 22.24 10.39
O1 PGE K . 8.72 22.96 9.38
C2 PGE K . 7.03 21.28 9.71
O2 PGE K . 6.01 20.89 10.62
C3 PGE K . 4.71 21.03 10.07
C4 PGE K . 3.76 21.32 11.19
O4 PGE K . 2.35 25.66 10.86
C6 PGE K . 1.78 24.35 10.75
C5 PGE K . 2.69 23.38 11.46
O3 PGE K . 2.72 22.16 10.73
C1 PGE L . -23.98 16.32 -12.20
O1 PGE L . -24.32 15.03 -12.74
C2 PGE L . -25.19 17.21 -12.43
O2 PGE L . -25.68 17.02 -13.77
C3 PGE L . -27.10 17.01 -13.90
C4 PGE L . -27.51 16.01 -14.97
O4 PGE L . -28.18 14.94 -19.39
C6 PGE L . -28.02 16.08 -18.56
C5 PGE L . -27.77 15.55 -17.17
O3 PGE L . -27.54 16.61 -16.26
N1 6DF M . -4.35 -11.37 20.34
C2 6DF M . -4.54 -10.89 21.59
N2 6DF M . -0.94 -9.82 23.59
C3 6DF M . -3.46 -10.72 22.43
C4 6DF M . -2.19 -11.07 21.98
C5 6DF M . -2.03 -11.58 20.67
C6 6DF M . -3.14 -11.73 19.86
C7 6DF M . 0.16 -9.30 24.44
C8 6DF M . 1.27 -10.28 24.80
C9 6DF M . -0.29 -8.51 25.62
C10 6DF M . -1.35 -8.95 26.43
C11 6DF M . -1.75 -8.20 27.53
C12 6DF M . -1.08 -7.01 27.82
C13 6DF M . -0.01 -6.57 27.01
O2P 6DF M . 1.97 -12.63 21.80
P 6DF M . 1.32 -13.57 20.79
O3P 6DF M . 1.94 -13.42 19.40
O1P 6DF M . 1.42 -15.01 21.21
O4P 6DF M . -0.25 -13.17 20.75
C5' 6DF M . -0.67 -11.95 20.12
C2' 6DF M . -5.94 -10.53 22.08
O3 6DF M . -3.65 -10.19 23.68
C4' 6DF M . -0.99 -10.85 22.84
C14 6DF M . 0.38 -7.31 25.92
C1 PGE N . -19.01 -17.72 -0.91
O1 PGE N . -20.37 -18.06 -1.18
C2 PGE N . -18.96 -16.92 0.38
O2 PGE N . -18.84 -15.50 0.18
C3 PGE N . -18.48 -14.81 1.38
C4 PGE N . -19.69 -14.17 2.01
O4 PGE N . -21.35 -16.33 5.30
C6 PGE N . -20.40 -15.26 5.25
C5 PGE N . -20.70 -14.29 4.14
O3 PGE N . -19.50 -14.02 3.42
C1 PGE O . 4.07 -36.03 2.98
O1 PGE O . 3.45 -36.39 1.75
C2 PGE O . 5.57 -36.23 2.87
O2 PGE O . 6.10 -35.15 2.14
C3 PGE O . 7.51 -34.99 2.32
C4 PGE O . 8.01 -33.95 1.33
O4 PGE O . 7.17 -30.12 1.26
C6 PGE O . 8.50 -30.40 1.76
C5 PGE O . 8.97 -31.77 1.26
O3 PGE O . 8.38 -32.79 2.08
C1 PGE P . 3.95 -1.09 54.95
O1 PGE P . 2.68 -1.71 55.18
C2 PGE P . 4.84 -1.95 54.04
O2 PGE P . 4.82 -3.30 54.50
C3 PGE P . 5.84 -4.10 53.89
C4 PGE P . 5.81 -5.50 54.49
O4 PGE P . 2.24 -7.51 54.48
C6 PGE P . 3.37 -8.33 54.15
C5 PGE P . 4.69 -7.57 54.32
O3 PGE P . 4.54 -6.15 54.31
O1 PG4 Q . 10.00 -6.19 34.88
C1 PG4 Q . 8.73 -5.63 35.24
C2 PG4 Q . 7.68 -6.72 35.42
O2 PG4 Q . 6.54 -6.40 34.63
C3 PG4 Q . 5.28 -6.78 35.17
C4 PG4 Q . 4.16 -6.03 34.46
O3 PG4 Q . 3.89 -6.67 33.22
C5 PG4 Q . 2.73 -6.22 32.54
C6 PG4 Q . 2.96 -6.38 31.04
O4 PG4 Q . 3.93 -5.41 30.60
C7 PG4 Q . 3.85 -5.13 29.20
C8 PG4 Q . 4.82 -4.02 28.73
O5 PG4 Q . 5.30 -3.21 29.81
N1 6DF R . 13.48 -18.31 6.13
C2 6DF R . 13.87 -19.36 5.40
N2 6DF R . 10.83 -22.40 5.13
C3 6DF R . 13.10 -20.52 5.43
C4 6DF R . 11.97 -20.60 6.23
C5 6DF R . 11.61 -19.48 6.98
C6 6DF R . 12.39 -18.35 6.91
C7 6DF R . 9.90 -23.53 4.81
C8 6DF R . 9.36 -24.26 6.04
C9 6DF R . 10.36 -24.43 3.69
C10 6DF R . 11.68 -24.89 3.63
C11 6DF R . 12.05 -25.73 2.56
C12 6DF R . 11.10 -26.13 1.60
C13 6DF R . 9.78 -25.69 1.68
O2P 6DF R . 8.58 -21.74 8.99
P 6DF R . 9.28 -20.71 9.85
O3P 6DF R . 8.30 -19.56 10.11
O1P 6DF R . 9.77 -21.29 11.16
O4P 6DF R . 10.57 -20.20 9.04
C5' 6DF R . 10.40 -19.40 7.87
C2' 6DF R . 15.13 -19.19 4.58
O3 6DF R . 13.47 -21.56 4.64
C4' 6DF R . 11.06 -21.80 6.24
C14 6DF R . 9.42 -24.85 2.74
C1 PEG S . 23.83 1.69 6.63
O1 PEG S . 24.62 1.56 7.80
C2 PEG S . 22.51 2.37 7.00
O2 PEG S . 22.74 3.36 8.00
C3 PEG S . 21.61 4.19 8.24
C4 PEG S . 22.03 5.39 9.08
O4 PEG S . 21.95 5.11 10.49
O1 PG4 T . 11.89 9.42 13.04
C1 PG4 T . 10.84 9.76 12.13
C2 PG4 T . 11.49 10.04 10.78
O2 PG4 T . 10.66 10.80 9.88
C3 PG4 T . 9.96 10.02 8.92
C4 PG4 T . 10.71 9.89 7.58
O3 PG4 T . 11.88 10.68 7.54
C5 PG4 T . 12.54 10.56 6.29
C6 PG4 T . 13.11 11.92 5.93
O4 PG4 T . 13.20 12.10 4.51
C7 PG4 T . 13.30 13.49 4.17
C8 PG4 T . 14.61 14.09 4.66
O5 PG4 T . 14.31 15.35 5.28
#